data_8D8O
#
_entry.id   8D8O
#
_cell.length_a   1.00
_cell.length_b   1.00
_cell.length_c   1.00
_cell.angle_alpha   90.00
_cell.angle_beta   90.00
_cell.angle_gamma   90.00
#
_symmetry.space_group_name_H-M   'P 1'
#
loop_
_entity.id
_entity.type
_entity.pdbx_description
1 polymer Pappalysin-1
2 non-polymer 'ZINC ION'
#
_entity_poly.entity_id   1
_entity_poly.type   'polypeptide(L)'
_entity_poly.pdbx_seq_one_letter_code
;REARGATEEPSPPSRALYFSGRGEQLRLRADLELPRDAFTLQVWLRAEGGQRSPAVITGLYDKCSYISRDRGWVVGIHTI
SDQDNKDPRYFFSLKTDRARQVTTINAHRSYLPGQWVYLAATYDGQFMKLYVNGAQVATSGEQVGGIFSPLTQKCKVLML
GGSALNHNYRGYIEHFSLWKVARTQREILSDMETHGAHTALPQLLLQENWDNVKHAWSPMKDGSSPKVEFSNAHGFLLDT
SLEPPLCGQTLCDNTEVIASYNQLSSFRQPKVVRYRVVNLYEDDHKNPTVTREQVDFQHHQLAEAFKQYNISWELDVLEV
SNSSLRRRLILANCDISKIGDENCDPECNHTLTGHDGGDCRHLRHPAFVKKQHNGVCDMDCNYERFNFDGGECCDPEITN
VTQTCFDPDSPHRAYLDVNELKNILKLDGSTHLNIFFAKSSEEELAGVATWPWDKEALMHLGGIVLNPSFYGMPGHTHTM
IHAIGHSLGLYHVFRGISEIQSCSDPCMETEPSFETGDLCNDTNPAPKHKSCGDPGPGNDTCGFHSFFNTPYNNFMSYAD
DDCTDSFTPNQVARMHCYLDLVYQGWQPSRKPAPVALAPQVLGHTTDSVTLEWFPPIDGHFFERELGSACHLCLEGRILV
QYASNASSPMPCSPSGHWSPREAEGHPDVEQPCKSSVRTWSPNSAVNPHTVPPACPEPQGCYLELEFLYPLVPESLTIWV
TFVSTDWDSSGAVNDIKLLAVSGKNISLGPQNVFCDVPLTIRLWDVGEEVYGIQIYTLDEHLEIDAAMLTSTADTPLCLQ
CKPLKYKVVRDPPLQMDVASILHLNRKFVDMDLNLGSVYQYWVITISGTEESEPSPAVTYIHGSGYCGDGIIQKDQGEQC
DDMNKINGDGCSLFCRQEVSFNCIDEPSRCYFHDGDGVCEEFEQKTSIKDCGVYTPQGFLDQWASNASVSHQDQQCPGWV
IIGQPAASQVCRTKVIDLSEGISQHAWYPCTISYPYSQLAQTTFWLRAYFSQPMVAAAVIVHLVTDGTYYGDQKQETISV
QLLDTKDQSHDLGLHVLSCRNNPLIIPVVHDLSQPFYHSQAVRVSFSSPLVAISGVALRSFDNFDPVTLSSCQRGETYSP
AEQSCVHFACEKTDCPELAVENAYLNCSSSDRYHGAQCTVSCRTGYVLQIRRDDELIKSQTGPSVTVTCTEGKWNKQVAC
EPVDCSIPDHHQVYAASFSCPEGTTFGSQCSFQCRHPAQLKGNNSLLTCMEDGLWSFPEALCELMCLAPPPVPNADLQTA
RCRENKHKVGSFCKYKCKPGYHVPGSSRKSKKRAFKTQCTQDGSWQEGACVPVTCDPPPPKFHGLYQCTNGFQFNSECRI
KCEDSDASQGLGSNVIHCRKDGTWNGSFHVCQEMQGQCSVPNELNSNLKLQCPDGYAIGSECATSCLDHNSESIILPMNV
TVRDIPHWLNPTRVERVVCTAGLKWYPHPALIHCVKGCEPFMGDNYCDAINNRAFCNYDGGDCCTSTVKTKKVTPFPMSC
DLQGDCACRDPQAQEHSRKDLRGYSHGSGPTRTRPLEQKLISEEDLAANDILDYKDDDDKV
;
_entity_poly.pdbx_strand_id   A,B
#
loop_
_chem_comp.id
_chem_comp.type
_chem_comp.name
_chem_comp.formula
ZN non-polymer 'ZINC ION' 'Zn 2'
#
# COMPACT_ATOMS: atom_id res chain seq x y z
N VAL A 102 -66.04 28.15 -30.99
CA VAL A 102 -65.55 28.23 -32.37
C VAL A 102 -64.06 27.88 -32.41
N THR A 103 -63.64 27.22 -33.48
CA THR A 103 -62.26 26.80 -33.65
C THR A 103 -61.71 27.37 -34.95
N THR A 104 -60.53 27.98 -34.87
CA THR A 104 -59.87 28.60 -36.02
C THR A 104 -58.49 27.98 -36.21
N ILE A 105 -58.14 27.72 -37.47
CA ILE A 105 -56.84 27.17 -37.83
C ILE A 105 -56.17 28.11 -38.82
N ASN A 106 -54.92 28.45 -38.55
CA ASN A 106 -54.17 29.37 -39.39
C ASN A 106 -53.39 28.61 -40.46
N ALA A 107 -52.73 29.36 -41.34
CA ALA A 107 -51.96 28.77 -42.43
C ALA A 107 -50.60 28.32 -41.90
N HIS A 108 -49.69 28.00 -42.82
CA HIS A 108 -48.36 27.53 -42.45
C HIS A 108 -47.32 28.64 -42.44
N ARG A 109 -47.38 29.58 -43.39
CA ARG A 109 -46.41 30.65 -43.50
C ARG A 109 -47.14 31.95 -43.77
N SER A 110 -46.37 33.03 -43.87
CA SER A 110 -46.95 34.34 -44.13
C SER A 110 -47.44 34.44 -45.57
N TYR A 111 -48.48 35.25 -45.75
CA TYR A 111 -49.03 35.48 -47.09
C TYR A 111 -48.01 36.23 -47.95
N LEU A 112 -48.00 35.91 -49.24
CA LEU A 112 -47.06 36.51 -50.18
C LEU A 112 -47.77 37.53 -51.06
N PRO A 113 -47.50 38.82 -50.90
CA PRO A 113 -48.15 39.83 -51.74
C PRO A 113 -47.93 39.57 -53.22
N GLY A 114 -48.93 39.92 -54.02
CA GLY A 114 -48.82 39.86 -55.46
C GLY A 114 -48.69 38.46 -56.04
N GLN A 115 -49.49 37.50 -55.54
CA GLN A 115 -49.46 36.15 -56.05
C GLN A 115 -50.89 35.61 -56.11
N TRP A 116 -51.08 34.62 -56.98
CA TRP A 116 -52.34 33.91 -57.08
C TRP A 116 -52.29 32.67 -56.18
N VAL A 117 -53.32 32.52 -55.35
CA VAL A 117 -53.36 31.44 -54.37
C VAL A 117 -54.67 30.67 -54.52
N TYR A 118 -54.66 29.41 -54.11
CA TYR A 118 -55.82 28.54 -54.16
C TYR A 118 -56.19 28.16 -52.73
N LEU A 119 -57.42 28.50 -52.33
CA LEU A 119 -57.92 28.23 -50.99
C LEU A 119 -59.09 27.26 -51.07
N ALA A 120 -59.03 26.20 -50.26
CA ALA A 120 -60.07 25.19 -50.23
C ALA A 120 -60.33 24.79 -48.79
N ALA A 121 -61.57 24.99 -48.33
CA ALA A 121 -61.99 24.58 -47.00
C ALA A 121 -63.05 23.50 -47.13
N THR A 122 -62.81 22.36 -46.48
CA THR A 122 -63.69 21.21 -46.55
C THR A 122 -64.19 20.86 -45.16
N TYR A 123 -65.52 20.76 -45.01
CA TYR A 123 -66.14 20.39 -43.75
C TYR A 123 -67.25 19.39 -44.02
N ASP A 124 -67.10 18.19 -43.48
CA ASP A 124 -68.09 17.13 -43.65
C ASP A 124 -69.02 16.99 -42.46
N GLY A 125 -68.96 17.92 -41.51
CA GLY A 125 -69.74 17.84 -40.29
C GLY A 125 -69.02 17.22 -39.12
N GLN A 126 -67.87 16.60 -39.35
CA GLN A 126 -67.06 16.00 -38.29
C GLN A 126 -65.62 16.50 -38.30
N PHE A 127 -65.05 16.73 -39.48
CA PHE A 127 -63.69 17.24 -39.61
C PHE A 127 -63.67 18.44 -40.54
N MET A 128 -62.89 19.45 -40.18
CA MET A 128 -62.69 20.63 -41.00
C MET A 128 -61.21 20.82 -41.28
N LYS A 129 -60.89 21.15 -42.53
CA LYS A 129 -59.50 21.29 -42.97
C LYS A 129 -59.39 22.54 -43.84
N LEU A 130 -58.16 23.06 -43.93
CA LEU A 130 -57.85 24.21 -44.76
C LEU A 130 -56.79 23.81 -45.76
N TYR A 131 -57.05 24.05 -47.04
CA TYR A 131 -56.12 23.74 -48.12
C TYR A 131 -55.67 25.03 -48.79
N VAL A 132 -54.36 25.23 -48.86
CA VAL A 132 -53.76 26.39 -49.51
C VAL A 132 -52.93 25.91 -50.68
N ASN A 133 -53.25 26.43 -51.87
CA ASN A 133 -52.56 26.04 -53.11
C ASN A 133 -52.64 24.53 -53.34
N GLY A 134 -53.75 23.91 -52.94
CA GLY A 134 -53.92 22.48 -53.11
C GLY A 134 -53.25 21.63 -52.05
N ALA A 135 -52.60 22.22 -51.07
CA ALA A 135 -51.91 21.49 -50.01
C ALA A 135 -52.59 21.73 -48.68
N GLN A 136 -52.74 20.66 -47.90
CA GLN A 136 -53.38 20.74 -46.59
C GLN A 136 -52.43 21.41 -45.61
N VAL A 137 -52.80 22.59 -45.11
CA VAL A 137 -51.94 23.34 -44.22
C VAL A 137 -52.35 23.11 -42.76
N ALA A 138 -53.64 22.90 -42.54
CA ALA A 138 -54.14 22.69 -41.18
C ALA A 138 -55.41 21.85 -41.23
N THR A 139 -55.69 21.20 -40.10
CA THR A 139 -56.88 20.36 -39.99
C THR A 139 -57.21 20.17 -38.52
N SER A 140 -58.51 20.10 -38.23
CA SER A 140 -58.99 19.87 -36.87
C SER A 140 -60.33 19.17 -36.93
N GLY A 141 -60.68 18.51 -35.84
CA GLY A 141 -61.91 17.74 -35.79
C GLY A 141 -62.81 18.07 -34.61
N GLU A 142 -62.84 19.34 -34.22
CA GLU A 142 -63.70 19.76 -33.11
C GLU A 142 -65.16 19.75 -33.55
N GLN A 879 -38.46 13.54 -55.08
CA GLN A 879 -39.18 13.35 -53.83
C GLN A 879 -40.68 13.46 -54.02
N CYS A 880 -41.11 14.53 -54.69
CA CYS A 880 -42.52 14.82 -54.85
C CYS A 880 -42.80 15.22 -56.29
N ASP A 881 -44.05 15.01 -56.72
CA ASP A 881 -44.50 15.41 -58.05
C ASP A 881 -45.94 15.89 -57.91
N ASP A 882 -46.15 17.19 -58.04
CA ASP A 882 -47.44 17.81 -57.79
C ASP A 882 -48.10 18.33 -59.07
N MET A 883 -47.64 17.89 -60.24
CA MET A 883 -48.17 18.31 -61.53
C MET A 883 -48.10 19.82 -61.73
N ASN A 884 -47.18 20.49 -61.04
CA ASN A 884 -47.02 21.93 -61.19
C ASN A 884 -45.61 22.31 -60.77
N LYS A 885 -45.20 23.51 -61.18
CA LYS A 885 -43.88 24.04 -60.86
C LYS A 885 -43.98 25.30 -60.00
N ILE A 886 -45.01 25.37 -59.16
CA ILE A 886 -45.25 26.53 -58.30
C ILE A 886 -44.92 26.15 -56.87
N ASN A 887 -44.10 26.97 -56.21
CA ASN A 887 -43.72 26.73 -54.83
C ASN A 887 -44.86 27.12 -53.88
N GLY A 888 -44.73 26.69 -52.63
CA GLY A 888 -45.71 26.97 -51.61
C GLY A 888 -46.77 25.91 -51.43
N ASP A 889 -46.83 24.91 -52.30
CA ASP A 889 -47.77 23.81 -52.17
C ASP A 889 -47.12 22.54 -51.65
N GLY A 890 -45.90 22.64 -51.11
CA GLY A 890 -45.18 21.51 -50.58
C GLY A 890 -44.13 20.94 -51.52
N CYS A 891 -44.23 21.22 -52.81
CA CYS A 891 -43.26 20.75 -53.79
C CYS A 891 -42.83 21.91 -54.67
N SER A 892 -41.52 22.13 -54.78
CA SER A 892 -40.98 23.24 -55.54
C SER A 892 -40.90 22.88 -57.02
N LEU A 893 -40.36 23.79 -57.82
CA LEU A 893 -40.20 23.55 -59.25
C LEU A 893 -39.18 22.46 -59.51
N PHE A 894 -38.21 22.29 -58.62
CA PHE A 894 -37.19 21.25 -58.74
C PHE A 894 -37.69 19.89 -58.24
N CYS A 895 -39.00 19.73 -58.06
CA CYS A 895 -39.58 18.50 -57.51
C CYS A 895 -38.95 18.13 -56.16
N ARG A 896 -38.78 19.15 -55.32
CA ARG A 896 -38.20 18.98 -53.99
C ARG A 896 -39.23 19.31 -52.93
N GLN A 897 -39.35 18.44 -51.93
CA GLN A 897 -40.29 18.65 -50.84
C GLN A 897 -39.78 19.73 -49.90
N GLU A 898 -40.64 20.69 -49.58
CA GLU A 898 -40.27 21.77 -48.69
C GLU A 898 -40.18 21.28 -47.25
N VAL A 899 -39.64 22.13 -46.37
CA VAL A 899 -39.51 21.78 -44.97
C VAL A 899 -40.90 21.81 -44.31
N SER A 900 -41.03 21.03 -43.24
CA SER A 900 -42.28 20.95 -42.47
C SER A 900 -43.46 20.55 -43.33
N PHE A 901 -43.22 19.65 -44.29
CA PHE A 901 -44.25 19.11 -45.15
C PHE A 901 -44.03 17.61 -45.33
N ASN A 902 -45.12 16.87 -45.50
CA ASN A 902 -45.05 15.44 -45.78
C ASN A 902 -45.88 15.17 -47.02
N CYS A 903 -45.27 14.55 -48.03
CA CYS A 903 -45.91 14.29 -49.31
C CYS A 903 -46.13 12.80 -49.49
N ILE A 904 -47.36 12.41 -49.79
CA ILE A 904 -47.73 11.02 -49.98
C ILE A 904 -48.39 10.86 -51.34
N ASP A 905 -48.65 9.60 -51.71
CA ASP A 905 -49.38 9.23 -52.91
C ASP A 905 -48.67 9.64 -54.20
N GLU A 906 -49.25 9.29 -55.34
CA GLU A 906 -48.75 9.67 -56.65
C GLU A 906 -49.94 9.96 -57.56
N PRO A 907 -50.17 11.22 -57.97
CA PRO A 907 -49.33 12.42 -57.75
C PRO A 907 -49.22 12.82 -56.29
N SER A 908 -48.13 13.48 -55.92
CA SER A 908 -47.82 13.71 -54.52
C SER A 908 -48.70 14.82 -53.95
N ARG A 909 -49.45 14.49 -52.91
CA ARG A 909 -50.19 15.47 -52.12
C ARG A 909 -49.44 15.69 -50.81
N CYS A 910 -49.18 16.95 -50.49
CA CYS A 910 -48.37 17.30 -49.33
C CYS A 910 -49.22 18.01 -48.29
N TYR A 911 -48.96 17.69 -47.01
CA TYR A 911 -49.72 18.25 -45.90
C TYR A 911 -48.76 18.60 -44.77
N PHE A 912 -49.22 19.49 -43.90
CA PHE A 912 -48.46 19.88 -42.72
C PHE A 912 -48.67 18.87 -41.60
N HIS A 913 -47.58 18.53 -40.91
CA HIS A 913 -47.61 17.50 -39.89
C HIS A 913 -47.18 17.97 -38.50
N ASP A 914 -46.44 19.08 -38.40
CA ASP A 914 -45.98 19.59 -37.11
C ASP A 914 -47.08 20.47 -36.52
N GLY A 915 -47.81 19.94 -35.56
CA GLY A 915 -48.90 20.66 -34.93
C GLY A 915 -50.29 20.35 -35.45
N ASP A 916 -50.42 19.36 -36.34
CA ASP A 916 -51.74 19.00 -36.86
C ASP A 916 -52.59 18.25 -35.85
N GLY A 917 -52.01 17.77 -34.75
CA GLY A 917 -52.73 17.04 -33.74
C GLY A 917 -52.62 15.54 -33.81
N VAL A 918 -51.94 15.00 -34.83
CA VAL A 918 -51.76 13.56 -34.99
C VAL A 918 -50.26 13.28 -34.96
N CYS A 919 -49.84 12.45 -34.02
CA CYS A 919 -48.44 12.06 -33.88
C CYS A 919 -48.17 10.86 -34.77
N GLU A 920 -47.47 11.08 -35.88
CA GLU A 920 -47.17 10.02 -36.82
C GLU A 920 -46.02 9.15 -36.28
N GLU A 921 -45.64 8.15 -37.08
CA GLU A 921 -44.58 7.24 -36.69
C GLU A 921 -43.20 7.90 -36.68
N PHE A 922 -43.06 9.08 -37.26
CA PHE A 922 -41.78 9.78 -37.32
C PHE A 922 -41.84 11.19 -36.74
N GLU A 923 -42.99 11.62 -36.23
CA GLU A 923 -43.11 12.96 -35.66
C GLU A 923 -42.52 13.05 -34.25
N GLN A 924 -42.22 11.92 -33.62
CA GLN A 924 -41.75 11.96 -32.23
C GLN A 924 -40.39 12.67 -32.13
N LYS A 925 -39.50 12.44 -33.08
CA LYS A 925 -38.17 13.03 -33.02
C LYS A 925 -38.22 14.54 -33.12
N THR A 926 -39.08 15.08 -34.00
CA THR A 926 -39.09 16.49 -34.31
C THR A 926 -40.28 17.23 -33.74
N SER A 927 -41.49 16.74 -33.99
CA SER A 927 -42.71 17.47 -33.63
C SER A 927 -42.92 17.42 -32.12
N ILE A 928 -42.30 18.38 -31.42
CA ILE A 928 -42.49 18.48 -29.98
C ILE A 928 -43.91 18.91 -29.66
N LYS A 929 -44.48 19.81 -30.47
CA LYS A 929 -45.80 20.36 -30.19
C LYS A 929 -46.91 19.34 -30.32
N ASP A 930 -46.65 18.17 -30.91
CA ASP A 930 -47.67 17.15 -31.09
C ASP A 930 -47.48 15.97 -30.15
N CYS A 931 -46.30 15.36 -30.14
CA CYS A 931 -46.04 14.18 -29.31
C CYS A 931 -45.42 14.52 -27.97
N GLY A 932 -45.07 15.77 -27.72
CA GLY A 932 -44.48 16.16 -26.44
C GLY A 932 -42.95 16.01 -26.47
N VAL A 933 -42.43 15.09 -25.67
CA VAL A 933 -41.01 14.84 -25.59
C VAL A 933 -40.73 13.43 -26.11
N TYR A 934 -39.50 13.23 -26.60
CA TYR A 934 -39.10 11.96 -27.18
C TYR A 934 -38.53 11.06 -26.08
N THR A 935 -39.14 9.89 -25.91
CA THR A 935 -38.66 8.90 -24.94
C THR A 935 -37.97 7.77 -25.69
N PRO A 936 -36.65 7.62 -25.56
CA PRO A 936 -35.97 6.52 -26.25
C PRO A 936 -36.47 5.17 -25.79
N GLN A 937 -36.44 4.20 -26.70
CA GLN A 937 -36.87 2.85 -26.36
C GLN A 937 -36.00 2.29 -25.24
N GLY A 938 -36.65 1.79 -24.20
CA GLY A 938 -35.95 1.29 -23.03
C GLY A 938 -35.74 2.30 -21.93
N PHE A 939 -36.42 3.45 -21.97
CA PHE A 939 -36.29 4.46 -20.95
C PHE A 939 -37.68 4.95 -20.54
N LEU A 940 -37.74 5.52 -19.34
CA LEU A 940 -38.94 6.11 -18.77
C LEU A 940 -38.62 7.49 -18.22
N ASP A 941 -39.46 8.46 -18.51
CA ASP A 941 -39.27 9.83 -18.05
C ASP A 941 -40.26 10.12 -16.93
N GLN A 942 -39.74 10.55 -15.78
CA GLN A 942 -40.56 10.96 -14.66
C GLN A 942 -40.41 12.47 -14.47
N TRP A 943 -41.53 13.19 -14.56
CA TRP A 943 -41.51 14.63 -14.44
C TRP A 943 -41.53 15.04 -12.97
N ALA A 944 -41.24 16.32 -12.73
CA ALA A 944 -41.20 16.83 -11.37
C ALA A 944 -42.59 16.77 -10.73
N SER A 945 -42.63 16.31 -9.48
CA SER A 945 -43.87 16.25 -8.71
C SER A 945 -44.06 17.47 -7.81
N ASN A 946 -43.01 17.87 -7.10
CA ASN A 946 -43.05 19.06 -6.27
C ASN A 946 -41.81 19.90 -6.54
N ALA A 947 -41.94 21.22 -6.37
CA ALA A 947 -40.86 22.14 -6.69
C ALA A 947 -40.70 23.16 -5.56
N SER A 948 -39.44 23.50 -5.28
CA SER A 948 -39.09 24.51 -4.29
C SER A 948 -38.11 25.49 -4.93
N VAL A 949 -38.44 26.78 -4.87
CA VAL A 949 -37.62 27.82 -5.48
C VAL A 949 -37.22 28.83 -4.41
N SER A 950 -36.26 29.68 -4.77
CA SER A 950 -35.75 30.67 -3.81
C SER A 950 -36.78 31.76 -3.54
N HIS A 951 -37.46 32.23 -4.59
CA HIS A 951 -38.40 33.35 -4.47
C HIS A 951 -39.78 32.89 -4.94
N GLN A 952 -40.70 32.76 -3.99
CA GLN A 952 -42.06 32.31 -4.27
C GLN A 952 -43.02 33.49 -4.13
N ASP A 953 -43.89 33.67 -5.11
CA ASP A 953 -44.86 34.75 -5.10
C ASP A 953 -46.08 34.34 -5.90
N GLN A 954 -47.18 35.08 -5.69
CA GLN A 954 -48.42 34.76 -6.38
C GLN A 954 -48.30 34.97 -7.88
N GLN A 955 -47.66 36.06 -8.31
CA GLN A 955 -47.54 36.34 -9.73
C GLN A 955 -46.53 35.42 -10.40
N CYS A 956 -45.54 34.92 -9.65
CA CYS A 956 -44.52 34.01 -10.17
C CYS A 956 -44.43 32.80 -9.26
N PRO A 957 -45.41 31.91 -9.30
CA PRO A 957 -45.40 30.74 -8.42
C PRO A 957 -44.31 29.75 -8.83
N GLY A 958 -43.85 28.97 -7.84
CA GLY A 958 -42.81 28.00 -8.07
C GLY A 958 -43.26 26.61 -8.41
N TRP A 959 -44.56 26.32 -8.25
CA TRP A 959 -45.09 24.99 -8.52
C TRP A 959 -45.58 24.84 -9.95
N VAL A 960 -45.03 25.62 -10.89
CA VAL A 960 -45.44 25.52 -12.29
C VAL A 960 -44.58 24.52 -13.06
N ILE A 961 -43.42 24.14 -12.53
CA ILE A 961 -42.53 23.22 -13.23
C ILE A 961 -42.84 21.80 -12.81
N ILE A 962 -43.97 21.61 -12.14
CA ILE A 962 -44.41 20.28 -11.72
C ILE A 962 -45.24 19.66 -12.84
N GLY A 963 -45.24 18.34 -12.91
CA GLY A 963 -46.01 17.63 -13.90
C GLY A 963 -45.46 17.79 -15.31
N GLN A 964 -46.28 17.40 -16.27
CA GLN A 964 -45.91 17.50 -17.67
C GLN A 964 -45.85 18.96 -18.09
N PRO A 965 -44.80 19.40 -18.78
CA PRO A 965 -44.68 20.81 -19.15
C PRO A 965 -45.46 21.11 -20.43
N ALA A 966 -45.42 22.38 -20.83
CA ALA A 966 -46.05 22.83 -22.06
C ALA A 966 -45.01 22.78 -23.17
N ALA A 967 -44.86 21.60 -23.79
CA ALA A 967 -43.90 21.42 -24.86
C ALA A 967 -44.28 22.18 -26.13
N SER A 968 -45.53 22.64 -26.25
CA SER A 968 -45.97 23.37 -27.42
C SER A 968 -45.45 24.80 -27.46
N GLN A 969 -44.80 25.28 -26.40
CA GLN A 969 -44.32 26.65 -26.34
C GLN A 969 -42.87 26.70 -26.82
N VAL A 970 -42.66 27.36 -27.96
CA VAL A 970 -41.31 27.59 -28.46
C VAL A 970 -40.68 28.71 -27.66
N CYS A 971 -39.39 28.57 -27.34
CA CYS A 971 -38.75 29.54 -26.47
C CYS A 971 -38.60 30.89 -27.18
N ARG A 972 -38.39 31.93 -26.38
CA ARG A 972 -38.25 33.29 -26.86
C ARG A 972 -36.83 33.77 -26.60
N THR A 973 -36.21 34.33 -27.62
CA THR A 973 -34.82 34.78 -27.56
C THR A 973 -34.75 36.30 -27.45
N LYS A 974 -33.82 36.77 -26.61
CA LYS A 974 -33.63 38.20 -26.38
C LYS A 974 -34.94 38.87 -25.96
N VAL A 975 -35.69 38.19 -25.10
CA VAL A 975 -36.98 38.71 -24.64
C VAL A 975 -36.76 39.92 -23.75
N ILE A 976 -37.74 40.82 -23.76
CA ILE A 976 -37.70 42.04 -22.96
C ILE A 976 -38.59 41.95 -21.74
N ASP A 977 -39.85 41.54 -21.93
CA ASP A 977 -40.82 41.43 -20.85
C ASP A 977 -41.33 40.00 -20.79
N LEU A 978 -41.53 39.51 -19.56
CA LEU A 978 -41.94 38.13 -19.32
C LEU A 978 -43.34 38.03 -18.72
N SER A 979 -44.13 39.09 -18.81
CA SER A 979 -45.44 39.11 -18.17
C SER A 979 -46.54 38.48 -19.01
N GLU A 980 -46.26 38.10 -20.26
CA GLU A 980 -47.27 37.55 -21.15
C GLU A 980 -47.03 36.04 -21.28
N GLY A 981 -47.84 35.26 -20.57
CA GLY A 981 -47.86 33.81 -20.71
C GLY A 981 -46.63 33.07 -20.24
N ILE A 982 -45.51 33.76 -20.00
CA ILE A 982 -44.30 33.08 -19.58
C ILE A 982 -44.46 32.54 -18.17
N SER A 983 -45.09 33.32 -17.28
CA SER A 983 -45.33 32.87 -15.92
C SER A 983 -46.51 31.91 -15.82
N GLN A 984 -47.24 31.67 -16.92
CA GLN A 984 -48.39 30.79 -16.88
C GLN A 984 -47.96 29.33 -16.81
N HIS A 985 -47.11 28.89 -17.74
CA HIS A 985 -46.66 27.51 -17.81
C HIS A 985 -45.15 27.39 -17.64
N ALA A 986 -44.56 28.24 -16.79
CA ALA A 986 -43.13 28.17 -16.52
C ALA A 986 -42.87 28.92 -15.22
N TRP A 987 -41.59 28.97 -14.83
CA TRP A 987 -41.17 29.66 -13.62
C TRP A 987 -39.99 30.56 -13.93
N TYR A 988 -39.94 31.71 -13.26
CA TYR A 988 -38.84 32.66 -13.41
C TYR A 988 -38.84 33.59 -12.22
N PRO A 989 -37.69 34.18 -11.88
CA PRO A 989 -37.64 35.07 -10.71
C PRO A 989 -38.30 36.42 -10.98
N CYS A 990 -39.63 36.46 -10.89
CA CYS A 990 -40.34 37.71 -11.13
C CYS A 990 -40.01 38.76 -10.07
N THR A 991 -39.92 38.34 -8.80
CA THR A 991 -39.66 39.29 -7.72
C THR A 991 -38.28 39.92 -7.82
N ILE A 992 -37.36 39.32 -8.56
CA ILE A 992 -36.00 39.81 -8.70
C ILE A 992 -35.88 40.54 -10.04
N SER A 993 -35.56 41.83 -9.98
CA SER A 993 -35.35 42.60 -11.19
C SER A 993 -34.00 42.25 -11.82
N TYR A 994 -33.76 42.76 -13.02
CA TYR A 994 -32.51 42.49 -13.70
C TYR A 994 -31.36 43.19 -12.98
N PRO A 995 -30.37 42.47 -12.47
CA PRO A 995 -29.27 43.11 -11.75
C PRO A 995 -28.08 43.41 -12.66
N TYR A 996 -27.46 44.57 -12.43
CA TYR A 996 -26.30 44.99 -13.19
C TYR A 996 -24.99 44.76 -12.47
N SER A 997 -24.98 44.86 -11.13
CA SER A 997 -23.79 44.65 -10.33
C SER A 997 -23.94 43.54 -9.30
N GLN A 998 -25.14 43.33 -8.76
CA GLN A 998 -25.38 42.29 -7.78
C GLN A 998 -25.80 40.96 -8.39
N LEU A 999 -25.79 40.87 -9.72
CA LEU A 999 -26.12 39.61 -10.38
C LEU A 999 -25.07 38.53 -10.14
N ALA A 1000 -23.84 38.91 -9.80
CA ALA A 1000 -22.77 37.95 -9.60
C ALA A 1000 -22.88 37.20 -8.27
N GLN A 1001 -23.73 37.66 -7.36
CA GLN A 1001 -23.90 37.01 -6.06
C GLN A 1001 -25.26 36.37 -5.87
N THR A 1002 -26.21 36.60 -6.78
CA THR A 1002 -27.55 36.04 -6.68
C THR A 1002 -27.52 34.63 -7.24
N THR A 1003 -27.51 33.63 -6.35
CA THR A 1003 -27.45 32.22 -6.74
C THR A 1003 -28.88 31.69 -6.78
N PHE A 1004 -29.50 31.76 -7.96
CA PHE A 1004 -30.84 31.20 -8.14
C PHE A 1004 -30.77 29.68 -8.16
N TRP A 1005 -31.65 29.04 -7.40
CA TRP A 1005 -31.67 27.59 -7.31
C TRP A 1005 -33.11 27.11 -7.25
N LEU A 1006 -33.34 25.91 -7.79
CA LEU A 1006 -34.64 25.27 -7.70
C LEU A 1006 -34.46 23.77 -7.53
N ARG A 1007 -35.20 23.18 -6.60
CA ARG A 1007 -35.11 21.76 -6.31
C ARG A 1007 -36.43 21.09 -6.61
N ALA A 1008 -36.39 20.03 -7.41
CA ALA A 1008 -37.58 19.30 -7.81
C ALA A 1008 -37.54 17.89 -7.24
N TYR A 1009 -38.60 17.50 -6.55
CA TYR A 1009 -38.74 16.18 -5.95
C TYR A 1009 -39.79 15.38 -6.70
N PHE A 1010 -39.49 14.12 -6.95
CA PHE A 1010 -40.39 13.21 -7.65
C PHE A 1010 -41.13 12.32 -6.66
N SER A 1011 -42.26 11.77 -7.12
CA SER A 1011 -43.06 10.91 -6.27
C SER A 1011 -42.29 9.65 -5.87
N GLN A 1012 -41.57 9.06 -6.82
CA GLN A 1012 -40.84 7.83 -6.56
C GLN A 1012 -39.34 8.05 -6.76
N PRO A 1013 -38.50 7.32 -6.03
CA PRO A 1013 -37.05 7.37 -6.28
C PRO A 1013 -36.66 6.42 -7.40
N MET A 1014 -35.83 6.93 -8.31
CA MET A 1014 -35.42 6.16 -9.46
C MET A 1014 -33.99 6.54 -9.83
N VAL A 1015 -33.22 5.56 -10.30
CA VAL A 1015 -31.84 5.81 -10.69
C VAL A 1015 -31.81 6.79 -11.85
N ALA A 1016 -31.03 7.86 -11.72
CA ALA A 1016 -31.01 8.93 -12.69
C ALA A 1016 -30.01 8.59 -13.80
N ALA A 1017 -30.53 8.26 -14.98
CA ALA A 1017 -29.69 8.03 -16.14
C ALA A 1017 -29.45 9.30 -16.94
N ALA A 1018 -30.43 10.21 -16.98
CA ALA A 1018 -30.26 11.49 -17.64
C ALA A 1018 -31.20 12.49 -17.01
N VAL A 1019 -30.91 13.78 -17.22
CA VAL A 1019 -31.74 14.86 -16.72
C VAL A 1019 -32.29 15.63 -17.91
N ILE A 1020 -33.61 15.73 -17.99
CA ILE A 1020 -34.29 16.49 -19.02
C ILE A 1020 -34.66 17.85 -18.46
N VAL A 1021 -34.31 18.90 -19.18
CA VAL A 1021 -34.65 20.27 -18.78
C VAL A 1021 -35.28 20.93 -20.00
N HIS A 1022 -36.61 21.03 -20.01
CA HIS A 1022 -37.32 21.73 -21.08
C HIS A 1022 -37.48 23.20 -20.70
N LEU A 1023 -37.02 24.09 -21.57
CA LEU A 1023 -36.92 25.51 -21.29
C LEU A 1023 -37.93 26.30 -22.11
N VAL A 1024 -38.06 27.58 -21.77
CA VAL A 1024 -38.89 28.51 -22.51
C VAL A 1024 -38.11 29.79 -22.77
N THR A 1025 -36.94 29.91 -22.15
CA THR A 1025 -36.05 31.04 -22.36
C THR A 1025 -34.62 30.53 -22.51
N ASP A 1026 -33.83 31.25 -23.30
CA ASP A 1026 -32.43 30.90 -23.53
C ASP A 1026 -31.46 31.79 -22.77
N GLY A 1027 -31.96 32.79 -22.04
CA GLY A 1027 -31.12 33.64 -21.24
C GLY A 1027 -30.38 34.73 -21.98
N THR A 1028 -30.45 34.76 -23.31
CA THR A 1028 -29.78 35.80 -24.07
C THR A 1028 -30.51 37.13 -23.90
N TYR A 1029 -29.73 38.21 -23.77
CA TYR A 1029 -30.30 39.53 -23.55
C TYR A 1029 -29.37 40.58 -24.14
N TYR A 1030 -29.93 41.75 -24.44
CA TYR A 1030 -29.11 42.86 -24.90
C TYR A 1030 -28.15 43.34 -23.81
N GLY A 1031 -28.64 43.45 -22.58
CA GLY A 1031 -27.78 43.85 -21.48
C GLY A 1031 -26.83 42.78 -21.01
N ASP A 1032 -27.15 41.52 -21.26
CA ASP A 1032 -26.30 40.38 -20.91
C ASP A 1032 -26.16 39.52 -22.16
N GLN A 1033 -25.17 39.86 -22.99
CA GLN A 1033 -24.98 39.13 -24.24
C GLN A 1033 -24.60 37.67 -23.99
N LYS A 1034 -23.72 37.43 -23.01
CA LYS A 1034 -23.32 36.07 -22.71
C LYS A 1034 -24.48 35.29 -22.09
N GLN A 1035 -24.62 34.03 -22.50
CA GLN A 1035 -25.68 33.17 -22.01
C GLN A 1035 -25.36 32.68 -20.60
N GLU A 1036 -26.21 31.80 -20.09
CA GLU A 1036 -26.05 31.23 -18.75
C GLU A 1036 -25.91 29.72 -18.85
N THR A 1037 -24.90 29.18 -18.18
CA THR A 1037 -24.68 27.75 -18.12
C THR A 1037 -25.18 27.23 -16.78
N ILE A 1038 -26.07 26.23 -16.83
CA ILE A 1038 -26.72 25.70 -15.65
C ILE A 1038 -25.97 24.46 -15.17
N SER A 1039 -25.66 24.42 -13.88
CA SER A 1039 -25.08 23.25 -13.24
C SER A 1039 -26.18 22.55 -12.45
N VAL A 1040 -26.37 21.26 -12.72
CA VAL A 1040 -27.43 20.47 -12.12
C VAL A 1040 -26.82 19.51 -11.10
N GLN A 1041 -27.41 19.45 -9.91
CA GLN A 1041 -26.97 18.57 -8.84
C GLN A 1041 -28.10 17.60 -8.51
N LEU A 1042 -27.76 16.32 -8.40
CA LEU A 1042 -28.72 15.27 -8.08
C LEU A 1042 -28.66 14.97 -6.59
N LEU A 1043 -29.82 14.93 -5.95
CA LEU A 1043 -29.94 14.62 -4.53
C LEU A 1043 -30.49 13.21 -4.38
N ASP A 1044 -29.78 12.39 -3.61
CA ASP A 1044 -30.16 10.99 -3.41
C ASP A 1044 -31.10 10.87 -2.20
N THR A 1045 -31.46 9.63 -1.87
CA THR A 1045 -32.26 9.37 -0.69
C THR A 1045 -31.49 9.60 0.61
N LYS A 1046 -30.16 9.72 0.54
CA LYS A 1046 -29.33 9.98 1.71
C LYS A 1046 -28.95 11.45 1.82
N ASP A 1047 -29.63 12.33 1.10
CA ASP A 1047 -29.39 13.77 1.15
C ASP A 1047 -27.97 14.14 0.74
N GLN A 1048 -27.41 13.38 -0.20
CA GLN A 1048 -26.09 13.67 -0.74
C GLN A 1048 -26.23 14.28 -2.13
N SER A 1049 -25.38 15.27 -2.42
CA SER A 1049 -25.43 15.99 -3.69
C SER A 1049 -24.32 15.51 -4.60
N HIS A 1050 -24.70 15.09 -5.81
CA HIS A 1050 -23.76 14.68 -6.84
C HIS A 1050 -23.82 15.69 -7.98
N ASP A 1051 -22.67 16.26 -8.32
CA ASP A 1051 -22.61 17.30 -9.34
C ASP A 1051 -22.54 16.66 -10.73
N LEU A 1052 -23.38 17.16 -11.64
CA LEU A 1052 -23.39 16.71 -13.03
C LEU A 1052 -22.55 17.60 -13.93
N GLY A 1053 -21.87 18.60 -13.38
CA GLY A 1053 -21.03 19.48 -14.18
C GLY A 1053 -21.79 20.67 -14.72
N LEU A 1054 -21.04 21.54 -15.40
CA LEU A 1054 -21.57 22.75 -15.99
C LEU A 1054 -21.87 22.51 -17.47
N HIS A 1055 -23.08 22.86 -17.89
CA HIS A 1055 -23.53 22.64 -19.25
C HIS A 1055 -24.18 23.91 -19.80
N VAL A 1056 -23.92 24.19 -21.08
CA VAL A 1056 -24.51 25.37 -21.70
C VAL A 1056 -26.01 25.17 -21.90
N LEU A 1057 -26.71 26.28 -22.15
CA LEU A 1057 -28.15 26.27 -22.29
C LEU A 1057 -28.52 27.09 -23.53
N SER A 1058 -29.35 26.52 -24.40
CA SER A 1058 -29.69 27.18 -25.65
C SER A 1058 -31.05 26.66 -26.13
N CYS A 1059 -31.65 27.43 -27.05
CA CYS A 1059 -32.93 27.04 -27.61
C CYS A 1059 -32.79 25.86 -28.56
N ARG A 1060 -31.69 25.78 -29.29
CA ARG A 1060 -31.48 24.68 -30.23
C ARG A 1060 -31.42 23.33 -29.53
N ASN A 1061 -31.11 23.31 -28.24
CA ASN A 1061 -31.02 22.08 -27.46
C ASN A 1061 -32.23 21.89 -26.56
N ASN A 1062 -33.44 22.21 -27.03
CA ASN A 1062 -34.65 21.94 -26.27
C ASN A 1062 -35.26 20.63 -26.74
N PRO A 1063 -35.46 19.64 -25.86
CA PRO A 1063 -35.17 19.64 -24.42
C PRO A 1063 -33.70 19.39 -24.13
N LEU A 1064 -33.15 20.02 -23.09
CA LEU A 1064 -31.74 19.86 -22.76
C LEU A 1064 -31.55 18.54 -22.03
N ILE A 1065 -30.82 17.62 -22.64
CA ILE A 1065 -30.56 16.31 -22.06
C ILE A 1065 -29.14 16.32 -21.51
N ILE A 1066 -29.01 16.23 -20.19
CA ILE A 1066 -27.72 16.17 -19.52
C ILE A 1066 -27.49 14.73 -19.09
N PRO A 1067 -26.54 14.01 -19.69
CA PRO A 1067 -26.28 12.64 -19.26
C PRO A 1067 -25.71 12.59 -17.86
N VAL A 1068 -26.00 11.48 -17.17
CA VAL A 1068 -25.48 11.23 -15.83
C VAL A 1068 -24.36 10.22 -15.97
N VAL A 1069 -23.12 10.69 -15.90
CA VAL A 1069 -21.97 9.80 -16.04
C VAL A 1069 -21.67 9.17 -14.69
N HIS A 1070 -21.76 7.84 -14.61
CA HIS A 1070 -21.58 7.08 -13.39
C HIS A 1070 -20.35 6.19 -13.51
N ASP A 1071 -19.59 6.09 -12.43
CA ASP A 1071 -18.48 5.16 -12.35
C ASP A 1071 -19.04 3.76 -12.11
N LEU A 1072 -18.89 2.88 -13.10
CA LEU A 1072 -19.48 1.56 -12.99
C LEU A 1072 -18.87 0.74 -11.85
N SER A 1073 -17.62 1.03 -11.49
CA SER A 1073 -17.00 0.33 -10.36
C SER A 1073 -17.74 0.63 -9.06
N GLN A 1074 -18.12 1.88 -8.86
CA GLN A 1074 -18.87 2.24 -7.67
C GLN A 1074 -20.31 1.72 -7.76
N PRO A 1075 -20.94 1.43 -6.63
CA PRO A 1075 -22.34 0.99 -6.66
C PRO A 1075 -23.27 2.11 -7.12
N PHE A 1076 -24.37 1.71 -7.76
CA PHE A 1076 -25.38 2.65 -8.19
C PHE A 1076 -26.11 3.25 -6.99
N TYR A 1077 -26.56 4.48 -7.15
CA TYR A 1077 -27.31 5.18 -6.11
C TYR A 1077 -28.58 5.77 -6.70
N HIS A 1078 -29.63 5.80 -5.88
CA HIS A 1078 -30.91 6.35 -6.30
C HIS A 1078 -30.84 7.88 -6.35
N SER A 1079 -31.95 8.49 -6.75
CA SER A 1079 -32.10 9.92 -6.76
C SER A 1079 -33.57 10.25 -6.55
N GLN A 1080 -33.85 11.28 -5.75
CA GLN A 1080 -35.23 11.64 -5.47
C GLN A 1080 -35.46 13.13 -5.73
N ALA A 1081 -34.40 13.93 -5.62
CA ALA A 1081 -34.47 15.36 -5.83
C ALA A 1081 -33.36 15.79 -6.77
N VAL A 1082 -33.68 16.76 -7.64
CA VAL A 1082 -32.72 17.31 -8.59
C VAL A 1082 -32.66 18.81 -8.36
N ARG A 1083 -31.44 19.34 -8.25
CA ARG A 1083 -31.20 20.76 -7.99
C ARG A 1083 -30.62 21.41 -9.23
N VAL A 1084 -31.20 22.55 -9.62
CA VAL A 1084 -30.74 23.33 -10.76
C VAL A 1084 -30.30 24.69 -10.23
N SER A 1085 -29.09 25.10 -10.61
CA SER A 1085 -28.49 26.34 -10.13
C SER A 1085 -28.07 27.21 -11.31
N PHE A 1086 -28.43 28.48 -11.26
CA PHE A 1086 -28.03 29.44 -12.29
C PHE A 1086 -28.06 30.84 -11.69
N SER A 1087 -27.40 31.76 -12.38
CA SER A 1087 -27.30 33.15 -11.92
C SER A 1087 -28.10 34.14 -12.77
N SER A 1088 -28.32 33.84 -14.03
CA SER A 1088 -29.05 34.76 -14.89
C SER A 1088 -30.53 34.75 -14.53
N PRO A 1089 -31.13 35.91 -14.22
CA PRO A 1089 -32.56 35.93 -13.90
C PRO A 1089 -33.46 35.62 -15.09
N LEU A 1090 -32.94 35.69 -16.31
CA LEU A 1090 -33.73 35.41 -17.50
C LEU A 1090 -33.88 33.92 -17.78
N VAL A 1091 -33.18 33.07 -17.04
CA VAL A 1091 -33.30 31.63 -17.25
C VAL A 1091 -34.63 31.15 -16.67
N ALA A 1092 -35.49 30.61 -17.52
CA ALA A 1092 -36.78 30.08 -17.11
C ALA A 1092 -36.88 28.64 -17.59
N ILE A 1093 -37.29 27.75 -16.68
CA ILE A 1093 -37.36 26.32 -16.96
C ILE A 1093 -38.83 25.91 -16.99
N SER A 1094 -39.24 25.30 -18.11
CA SER A 1094 -40.61 24.81 -18.21
C SER A 1094 -40.79 23.51 -17.44
N GLY A 1095 -39.79 22.64 -17.44
CA GLY A 1095 -39.90 21.38 -16.73
C GLY A 1095 -38.60 20.64 -16.50
N VAL A 1096 -38.49 19.97 -15.36
CA VAL A 1096 -37.32 19.16 -15.01
C VAL A 1096 -37.79 17.73 -14.82
N ALA A 1097 -37.11 16.79 -15.48
CA ALA A 1097 -37.49 15.40 -15.44
C ALA A 1097 -36.27 14.52 -15.32
N LEU A 1098 -36.49 13.32 -14.80
CA LEU A 1098 -35.45 12.30 -14.67
C LEU A 1098 -35.75 11.19 -15.67
N ARG A 1099 -34.79 10.90 -16.54
CA ARG A 1099 -34.91 9.81 -17.50
C ARG A 1099 -34.12 8.63 -16.94
N SER A 1100 -34.81 7.50 -16.79
CA SER A 1100 -34.25 6.32 -16.13
C SER A 1100 -34.53 5.09 -16.97
N PHE A 1101 -33.91 3.98 -16.59
CA PHE A 1101 -34.20 2.72 -17.26
C PHE A 1101 -35.49 2.10 -16.73
N ASP A 1102 -36.03 1.18 -17.53
CA ASP A 1102 -37.17 0.38 -17.12
C ASP A 1102 -36.64 -0.84 -16.37
N ASN A 1103 -37.12 -1.02 -15.14
CA ASN A 1103 -36.76 -2.10 -14.23
C ASN A 1103 -35.25 -2.29 -14.09
N PHE A 1104 -34.84 -3.47 -13.63
CA PHE A 1104 -33.50 -3.74 -13.08
C PHE A 1104 -32.98 -2.55 -12.27
N ASP A 1105 -33.84 -2.07 -11.37
CA ASP A 1105 -33.50 -1.00 -10.46
C ASP A 1105 -32.45 -1.49 -9.46
N PRO A 1106 -31.69 -0.59 -8.84
CA PRO A 1106 -30.76 -1.02 -7.80
C PRO A 1106 -31.40 -1.32 -6.45
N VAL A 1107 -32.73 -1.38 -6.39
CA VAL A 1107 -33.39 -2.04 -5.28
C VAL A 1107 -33.12 -3.54 -5.35
N THR A 1108 -33.09 -4.09 -6.56
CA THR A 1108 -32.70 -5.49 -6.76
C THR A 1108 -31.22 -5.72 -6.53
N LEU A 1109 -30.43 -4.66 -6.37
CA LEU A 1109 -29.03 -4.79 -5.94
C LEU A 1109 -28.92 -5.31 -4.51
N SER A 1110 -30.05 -5.62 -3.88
CA SER A 1110 -30.07 -6.19 -2.55
C SER A 1110 -29.73 -7.68 -2.64
N SER A 1111 -29.93 -8.40 -1.54
CA SER A 1111 -29.56 -9.82 -1.49
C SER A 1111 -30.52 -10.67 -2.31
N CYS A 1112 -30.50 -10.48 -3.63
CA CYS A 1112 -31.29 -11.28 -4.57
C CYS A 1112 -30.33 -11.75 -5.66
N GLN A 1113 -29.65 -12.86 -5.40
CA GLN A 1113 -28.67 -13.43 -6.30
C GLN A 1113 -29.33 -14.54 -7.13
N ARG A 1114 -28.50 -15.30 -7.84
CA ARG A 1114 -29.02 -16.41 -8.65
C ARG A 1114 -29.69 -17.44 -7.76
N GLY A 1115 -30.76 -18.05 -8.28
CA GLY A 1115 -31.57 -18.97 -7.52
C GLY A 1115 -32.82 -18.37 -6.93
N GLU A 1116 -33.07 -17.08 -7.16
CA GLU A 1116 -34.26 -16.42 -6.64
C GLU A 1116 -34.64 -15.29 -7.59
N THR A 1117 -35.92 -14.93 -7.56
CA THR A 1117 -36.49 -13.92 -8.44
C THR A 1117 -37.07 -12.79 -7.60
N TYR A 1118 -36.73 -11.55 -7.95
CA TYR A 1118 -37.18 -10.41 -7.18
C TYR A 1118 -38.70 -10.26 -7.27
N SER A 1119 -39.32 -9.90 -6.15
CA SER A 1119 -40.75 -9.73 -6.09
C SER A 1119 -41.18 -8.50 -6.89
N PRO A 1120 -42.43 -8.48 -7.37
CA PRO A 1120 -42.91 -7.32 -8.13
C PRO A 1120 -42.81 -6.02 -7.35
N ALA A 1121 -43.46 -5.96 -6.18
CA ALA A 1121 -43.28 -4.81 -5.28
C ALA A 1121 -43.48 -5.32 -3.85
N GLU A 1122 -42.37 -5.74 -3.22
CA GLU A 1122 -42.39 -6.10 -1.82
C GLU A 1122 -41.13 -5.69 -1.07
N GLN A 1123 -40.19 -4.99 -1.72
CA GLN A 1123 -38.93 -4.58 -1.11
C GLN A 1123 -38.11 -5.79 -0.64
N SER A 1124 -38.32 -6.94 -1.28
CA SER A 1124 -37.61 -8.16 -0.91
C SER A 1124 -37.62 -9.10 -2.11
N CYS A 1125 -36.74 -10.09 -2.05
CA CYS A 1125 -36.58 -11.08 -3.10
C CYS A 1125 -37.02 -12.46 -2.60
N VAL A 1126 -37.80 -13.16 -3.42
CA VAL A 1126 -38.27 -14.49 -3.10
C VAL A 1126 -37.64 -15.48 -4.10
N HIS A 1127 -37.76 -16.77 -3.79
CA HIS A 1127 -37.13 -17.80 -4.61
C HIS A 1127 -38.11 -18.76 -5.27
N PHE A 1128 -39.39 -18.73 -4.91
CA PHE A 1128 -40.38 -19.67 -5.45
C PHE A 1128 -41.67 -18.90 -5.76
N ALA A 1129 -41.78 -18.42 -7.00
CA ALA A 1129 -43.01 -17.81 -7.49
C ALA A 1129 -43.80 -18.78 -8.38
N CYS A 1130 -43.20 -19.24 -9.47
CA CYS A 1130 -43.78 -20.28 -10.30
C CYS A 1130 -42.76 -21.32 -10.76
N GLU A 1131 -41.49 -21.20 -10.38
CA GLU A 1131 -40.47 -22.08 -10.89
C GLU A 1131 -40.62 -23.47 -10.29
N LYS A 1132 -40.64 -24.50 -11.14
CA LYS A 1132 -40.60 -25.89 -10.72
C LYS A 1132 -39.18 -26.45 -10.71
N THR A 1133 -38.19 -25.59 -10.50
CA THR A 1133 -36.78 -25.96 -10.59
C THR A 1133 -36.40 -26.79 -9.37
N ASP A 1134 -36.65 -28.09 -9.46
CA ASP A 1134 -36.30 -29.04 -8.41
C ASP A 1134 -35.25 -30.01 -8.93
N CYS A 1135 -34.17 -30.17 -8.16
CA CYS A 1135 -33.11 -31.06 -8.61
C CYS A 1135 -33.17 -32.39 -7.87
N PRO A 1136 -32.84 -33.48 -8.54
CA PRO A 1136 -32.87 -34.80 -7.87
C PRO A 1136 -31.77 -34.91 -6.83
N GLU A 1137 -32.00 -35.80 -5.87
CA GLU A 1137 -31.03 -36.04 -4.81
C GLU A 1137 -29.73 -36.57 -5.39
N LEU A 1138 -28.62 -36.02 -4.91
CA LEU A 1138 -27.29 -36.37 -5.39
C LEU A 1138 -26.51 -37.06 -4.27
N ALA A 1139 -25.85 -38.16 -4.61
CA ALA A 1139 -25.03 -38.90 -3.66
C ALA A 1139 -23.63 -39.09 -4.24
N VAL A 1140 -22.62 -38.89 -3.41
CA VAL A 1140 -21.22 -39.03 -3.81
C VAL A 1140 -20.61 -40.15 -2.99
N GLU A 1141 -19.99 -41.11 -3.68
CA GLU A 1141 -19.37 -42.24 -3.01
C GLU A 1141 -18.20 -41.78 -2.13
N ASN A 1142 -18.03 -42.47 -1.01
CA ASN A 1142 -17.02 -42.19 0.01
C ASN A 1142 -16.87 -40.68 0.23
N ALA A 1143 -17.98 -40.05 0.61
CA ALA A 1143 -18.01 -38.62 0.83
C ALA A 1143 -19.08 -38.29 1.86
N TYR A 1144 -18.95 -37.11 2.46
CA TYR A 1144 -19.89 -36.59 3.43
C TYR A 1144 -20.66 -35.43 2.82
N LEU A 1145 -21.98 -35.50 2.87
CA LEU A 1145 -22.85 -34.47 2.29
C LEU A 1145 -23.71 -33.88 3.39
N ASN A 1146 -23.75 -32.55 3.45
CA ASN A 1146 -24.58 -31.84 4.42
C ASN A 1146 -25.31 -30.71 3.70
N CYS A 1147 -26.61 -30.85 3.51
CA CYS A 1147 -27.39 -29.84 2.82
C CYS A 1147 -27.94 -28.82 3.79
N SER A 1148 -27.87 -27.54 3.40
CA SER A 1148 -28.41 -26.47 4.23
C SER A 1148 -29.92 -26.56 4.37
N SER A 1149 -30.59 -27.22 3.44
CA SER A 1149 -32.03 -27.41 3.49
C SER A 1149 -32.36 -28.90 3.43
N SER A 1150 -33.50 -29.26 4.00
CA SER A 1150 -33.91 -30.67 4.01
C SER A 1150 -34.14 -31.17 2.59
N ASP A 1151 -34.76 -30.36 1.74
CA ASP A 1151 -35.02 -30.71 0.35
C ASP A 1151 -34.05 -29.99 -0.56
N ARG A 1152 -33.59 -30.69 -1.60
CA ARG A 1152 -32.65 -30.12 -2.57
C ARG A 1152 -33.41 -29.38 -3.66
N TYR A 1153 -34.09 -28.30 -3.26
CA TYR A 1153 -34.87 -27.49 -4.19
C TYR A 1153 -33.98 -26.35 -4.71
N HIS A 1154 -34.60 -25.39 -5.39
CA HIS A 1154 -33.85 -24.30 -6.00
C HIS A 1154 -33.23 -23.41 -4.94
N GLY A 1155 -31.95 -23.06 -5.14
CA GLY A 1155 -31.23 -22.24 -4.20
C GLY A 1155 -30.67 -22.98 -3.00
N ALA A 1156 -30.81 -24.29 -2.94
CA ALA A 1156 -30.29 -25.07 -1.82
C ALA A 1156 -28.81 -25.37 -2.06
N GLN A 1157 -27.96 -24.94 -1.14
CA GLN A 1157 -26.53 -25.18 -1.22
C GLN A 1157 -26.13 -26.29 -0.25
N CYS A 1158 -25.48 -27.32 -0.77
CA CYS A 1158 -25.05 -28.47 0.02
C CYS A 1158 -23.53 -28.52 0.05
N THR A 1159 -22.97 -28.73 1.23
CA THR A 1159 -21.53 -28.85 1.42
C THR A 1159 -21.10 -30.30 1.26
N VAL A 1160 -20.04 -30.53 0.50
CA VAL A 1160 -19.51 -31.85 0.22
C VAL A 1160 -18.07 -31.89 0.70
N SER A 1161 -17.74 -32.93 1.46
CA SER A 1161 -16.39 -33.15 1.96
C SER A 1161 -15.98 -34.58 1.67
N CYS A 1162 -14.68 -34.83 1.68
CA CYS A 1162 -14.14 -36.15 1.38
C CYS A 1162 -13.75 -36.88 2.66
N ARG A 1163 -13.96 -38.19 2.65
CA ARG A 1163 -13.47 -39.04 3.73
C ARG A 1163 -11.95 -39.03 3.74
N THR A 1164 -11.37 -39.27 4.93
CA THR A 1164 -9.92 -39.29 5.07
C THR A 1164 -9.31 -40.27 4.08
N GLY A 1165 -8.32 -39.81 3.33
CA GLY A 1165 -7.73 -40.59 2.26
C GLY A 1165 -8.31 -40.31 0.89
N TYR A 1166 -9.14 -39.29 0.75
CA TYR A 1166 -9.76 -38.93 -0.53
C TYR A 1166 -9.56 -37.45 -0.79
N VAL A 1167 -9.35 -37.09 -2.06
CA VAL A 1167 -9.11 -35.72 -2.46
C VAL A 1167 -10.37 -35.16 -3.10
N LEU A 1168 -10.51 -33.83 -3.04
CA LEU A 1168 -11.70 -33.15 -3.54
C LEU A 1168 -11.43 -32.62 -4.94
N GLN A 1169 -12.25 -33.02 -5.90
CA GLN A 1169 -12.18 -32.47 -7.25
C GLN A 1169 -13.55 -31.93 -7.64
N ILE A 1170 -13.62 -30.63 -7.94
CA ILE A 1170 -14.86 -29.95 -8.26
C ILE A 1170 -14.74 -29.42 -9.69
N ARG A 1171 -15.70 -29.76 -10.53
CA ARG A 1171 -15.74 -29.33 -11.92
C ARG A 1171 -17.06 -28.61 -12.16
N ARG A 1172 -16.97 -27.32 -12.50
CA ARG A 1172 -18.17 -26.51 -12.71
C ARG A 1172 -18.70 -26.75 -14.12
N ASP A 1173 -19.95 -27.23 -14.21
CA ASP A 1173 -20.59 -27.55 -15.49
C ASP A 1173 -19.74 -28.56 -16.26
N ASP A 1174 -19.21 -29.55 -15.55
CA ASP A 1174 -18.40 -30.62 -16.14
C ASP A 1174 -17.20 -30.04 -16.90
N GLU A 1175 -16.60 -28.99 -16.34
CA GLU A 1175 -15.47 -28.32 -16.98
C GLU A 1175 -14.41 -28.03 -15.94
N LEU A 1176 -13.17 -27.90 -16.41
CA LEU A 1176 -12.04 -27.60 -15.54
C LEU A 1176 -12.10 -26.13 -15.12
N ILE A 1177 -12.22 -25.89 -13.81
CA ILE A 1177 -12.30 -24.55 -13.26
C ILE A 1177 -11.42 -24.48 -12.02
N LYS A 1178 -11.47 -23.33 -11.33
CA LYS A 1178 -10.68 -23.14 -10.12
C LYS A 1178 -11.12 -24.12 -9.04
N SER A 1179 -10.15 -24.61 -8.27
CA SER A 1179 -10.41 -25.55 -7.20
C SER A 1179 -10.77 -24.82 -5.92
N GLN A 1180 -11.15 -25.59 -4.91
CA GLN A 1180 -11.51 -25.06 -3.59
C GLN A 1180 -10.42 -25.43 -2.60
N THR A 1181 -9.84 -24.42 -1.95
CA THR A 1181 -8.77 -24.66 -0.99
C THR A 1181 -9.28 -25.44 0.22
N GLY A 1182 -10.47 -25.11 0.71
CA GLY A 1182 -11.02 -25.74 1.88
C GLY A 1182 -11.45 -27.18 1.62
N PRO A 1183 -11.69 -27.93 2.69
CA PRO A 1183 -12.11 -29.32 2.56
C PRO A 1183 -13.59 -29.52 2.26
N SER A 1184 -14.32 -28.45 1.93
CA SER A 1184 -15.74 -28.55 1.61
C SER A 1184 -16.03 -27.72 0.36
N VAL A 1185 -16.91 -28.24 -0.49
CA VAL A 1185 -17.32 -27.56 -1.71
C VAL A 1185 -18.84 -27.41 -1.67
N THR A 1186 -19.33 -26.22 -1.98
CA THR A 1186 -20.76 -25.94 -1.99
C THR A 1186 -21.32 -26.15 -3.40
N VAL A 1187 -22.35 -26.99 -3.50
CA VAL A 1187 -23.01 -27.27 -4.76
C VAL A 1187 -24.46 -26.81 -4.64
N THR A 1188 -24.95 -26.11 -5.66
CA THR A 1188 -26.28 -25.53 -5.65
C THR A 1188 -27.12 -26.12 -6.79
N CYS A 1189 -28.38 -26.41 -6.48
CA CYS A 1189 -29.30 -26.92 -7.49
C CYS A 1189 -29.59 -25.86 -8.54
N THR A 1190 -29.72 -26.30 -9.79
CA THR A 1190 -29.96 -25.40 -10.92
C THR A 1190 -30.89 -26.10 -11.91
N GLU A 1191 -32.17 -25.74 -11.88
CA GLU A 1191 -33.22 -26.18 -12.81
C GLU A 1191 -33.08 -27.67 -13.17
N GLY A 1192 -33.12 -28.50 -12.12
CA GLY A 1192 -33.04 -29.93 -12.30
C GLY A 1192 -31.65 -30.48 -12.48
N LYS A 1193 -30.62 -29.63 -12.46
CA LYS A 1193 -29.25 -30.05 -12.62
C LYS A 1193 -28.39 -29.38 -11.55
N TRP A 1194 -27.23 -29.97 -11.28
CA TRP A 1194 -26.32 -29.46 -10.27
C TRP A 1194 -25.27 -28.57 -10.94
N ASN A 1195 -24.96 -27.46 -10.27
CA ASN A 1195 -24.06 -26.46 -10.87
C ASN A 1195 -22.68 -27.05 -11.11
N LYS A 1196 -22.15 -27.80 -10.14
CA LYS A 1196 -20.83 -28.38 -10.26
C LYS A 1196 -20.87 -29.84 -9.81
N GLN A 1197 -19.99 -30.64 -10.38
CA GLN A 1197 -19.83 -32.04 -10.02
C GLN A 1197 -18.64 -32.19 -9.07
N VAL A 1198 -18.86 -32.88 -7.95
CA VAL A 1198 -17.84 -33.07 -6.93
C VAL A 1198 -17.51 -34.56 -6.86
N ALA A 1199 -16.22 -34.87 -6.92
CA ALA A 1199 -15.74 -36.25 -6.89
C ALA A 1199 -14.69 -36.38 -5.78
N CYS A 1200 -14.86 -37.42 -4.96
CA CYS A 1200 -13.91 -37.73 -3.89
C CYS A 1200 -13.01 -38.89 -4.31
N GLU A 1201 -12.15 -38.63 -5.31
CA GLU A 1201 -11.20 -39.64 -5.73
C GLU A 1201 -10.14 -39.86 -4.66
N PRO A 1202 -9.67 -41.09 -4.50
CA PRO A 1202 -8.64 -41.37 -3.48
C PRO A 1202 -7.31 -40.73 -3.85
N VAL A 1203 -6.52 -40.45 -2.82
CA VAL A 1203 -5.21 -39.84 -3.00
C VAL A 1203 -4.23 -40.90 -3.49
N ASP A 1204 -3.54 -40.60 -4.59
CA ASP A 1204 -2.55 -41.51 -5.14
C ASP A 1204 -1.21 -41.31 -4.44
N CYS A 1205 -0.62 -42.41 -3.96
CA CYS A 1205 0.67 -42.36 -3.30
C CYS A 1205 1.83 -42.54 -4.26
N SER A 1206 1.56 -42.64 -5.56
CA SER A 1206 2.57 -42.79 -6.61
C SER A 1206 3.33 -44.11 -6.49
N ILE A 1207 3.96 -44.54 -7.59
CA ILE A 1207 4.71 -45.79 -7.58
C ILE A 1207 5.95 -45.62 -6.71
N PRO A 1208 6.21 -46.54 -5.79
CA PRO A 1208 7.40 -46.40 -4.93
C PRO A 1208 8.69 -46.59 -5.73
N ASP A 1209 9.78 -46.11 -5.15
CA ASP A 1209 11.07 -46.13 -5.80
C ASP A 1209 12.15 -46.32 -4.73
N HIS A 1210 13.39 -46.00 -5.08
CA HIS A 1210 14.49 -46.06 -4.11
C HIS A 1210 14.29 -45.07 -2.97
N HIS A 1211 13.40 -44.10 -3.14
CA HIS A 1211 13.12 -43.13 -2.08
C HIS A 1211 12.60 -43.83 -0.81
N GLN A 1212 11.67 -44.77 -0.97
CA GLN A 1212 11.16 -45.50 0.18
C GLN A 1212 12.11 -46.63 0.57
N VAL A 1213 12.32 -47.57 -0.34
CA VAL A 1213 13.27 -48.66 -0.17
C VAL A 1213 14.12 -48.76 -1.42
N TYR A 1214 15.43 -48.75 -1.26
CA TYR A 1214 16.35 -48.81 -2.39
C TYR A 1214 16.76 -50.25 -2.67
N ALA A 1215 17.27 -50.46 -3.88
CA ALA A 1215 17.71 -51.79 -4.34
C ALA A 1215 16.59 -52.81 -4.21
N ALA A 1216 15.38 -52.40 -4.56
CA ALA A 1216 14.21 -53.26 -4.43
C ALA A 1216 13.29 -53.05 -5.62
N SER A 1217 12.46 -54.06 -5.88
CA SER A 1217 11.43 -54.02 -6.90
C SER A 1217 10.07 -53.92 -6.22
N PHE A 1218 9.26 -52.96 -6.68
CA PHE A 1218 7.92 -52.74 -6.14
C PHE A 1218 6.91 -53.29 -7.15
N SER A 1219 6.69 -54.60 -7.09
CA SER A 1219 5.71 -55.27 -7.94
C SER A 1219 4.46 -55.52 -7.12
N CYS A 1220 3.34 -54.93 -7.54
CA CYS A 1220 2.15 -55.05 -6.71
C CYS A 1220 0.87 -54.81 -7.50
N PRO A 1221 -0.20 -55.58 -7.23
CA PRO A 1221 -1.33 -55.65 -8.16
C PRO A 1221 -2.24 -54.43 -8.22
N GLU A 1222 -2.64 -53.89 -7.07
CA GLU A 1222 -3.78 -52.97 -7.01
C GLU A 1222 -3.35 -51.51 -7.03
N GLY A 1223 -2.29 -51.19 -7.77
CA GLY A 1223 -1.96 -49.80 -7.97
C GLY A 1223 -1.37 -49.13 -6.74
N THR A 1224 -1.51 -47.81 -6.72
CA THR A 1224 -0.93 -46.96 -5.69
C THR A 1224 -1.95 -45.94 -5.19
N THR A 1225 -3.14 -46.42 -4.87
CA THR A 1225 -4.18 -45.55 -4.33
C THR A 1225 -4.32 -45.77 -2.82
N PHE A 1226 -5.19 -44.99 -2.20
CA PHE A 1226 -5.39 -45.07 -0.76
C PHE A 1226 -5.80 -46.47 -0.33
N GLY A 1227 -5.17 -46.96 0.74
CA GLY A 1227 -5.45 -48.27 1.27
C GLY A 1227 -4.87 -49.42 0.49
N SER A 1228 -4.43 -49.19 -0.76
CA SER A 1228 -3.94 -50.26 -1.62
C SER A 1228 -2.53 -50.64 -1.19
N GLN A 1229 -2.45 -51.49 -0.17
CA GLN A 1229 -1.16 -51.96 0.29
C GLN A 1229 -0.51 -52.85 -0.76
N CYS A 1230 0.82 -52.79 -0.81
CA CYS A 1230 1.56 -53.73 -1.65
C CYS A 1230 3.04 -53.67 -1.30
N SER A 1231 3.70 -54.81 -1.46
CA SER A 1231 5.00 -55.07 -0.85
C SER A 1231 6.15 -54.75 -1.80
N PHE A 1232 7.36 -55.12 -1.40
CA PHE A 1232 8.56 -54.95 -2.21
C PHE A 1232 9.42 -56.19 -2.04
N GLN A 1233 10.37 -56.38 -2.95
CA GLN A 1233 11.36 -57.44 -2.83
C GLN A 1233 12.73 -56.89 -3.18
N CYS A 1234 13.68 -56.99 -2.24
CA CYS A 1234 15.03 -56.50 -2.47
C CYS A 1234 15.83 -57.54 -3.25
N ARG A 1235 16.46 -57.10 -4.34
CA ARG A 1235 17.18 -58.02 -5.20
C ARG A 1235 18.49 -58.47 -4.57
N HIS A 1236 19.02 -59.58 -5.08
CA HIS A 1236 20.29 -60.10 -4.61
C HIS A 1236 21.41 -59.11 -4.94
N PRO A 1237 22.35 -58.88 -4.01
CA PRO A 1237 22.57 -59.46 -2.70
C PRO A 1237 22.11 -58.56 -1.55
N ALA A 1238 20.91 -57.97 -1.66
CA ALA A 1238 20.36 -57.14 -0.59
C ALA A 1238 19.38 -57.98 0.22
N GLN A 1239 19.94 -58.77 1.14
CA GLN A 1239 19.13 -59.62 1.99
C GLN A 1239 18.24 -58.77 2.90
N LEU A 1240 16.97 -59.13 2.98
CA LEU A 1240 15.99 -58.41 3.78
C LEU A 1240 15.60 -59.23 5.00
N LYS A 1241 15.66 -58.59 6.17
CA LYS A 1241 15.33 -59.23 7.44
C LYS A 1241 14.20 -58.47 8.11
N GLY A 1242 13.19 -59.19 8.56
CA GLY A 1242 12.04 -58.59 9.21
C GLY A 1242 10.79 -59.41 8.95
N ASN A 1243 9.81 -59.23 9.84
CA ASN A 1243 8.56 -59.99 9.72
C ASN A 1243 7.72 -59.50 8.56
N ASN A 1244 7.57 -58.18 8.40
CA ASN A 1244 6.75 -57.59 7.36
C ASN A 1244 7.62 -56.78 6.41
N SER A 1245 7.32 -56.88 5.12
CA SER A 1245 8.02 -56.10 4.10
C SER A 1245 7.03 -55.52 3.10
N LEU A 1246 5.93 -54.97 3.61
CA LEU A 1246 4.90 -54.38 2.77
C LEU A 1246 4.49 -53.02 3.30
N LEU A 1247 4.21 -52.10 2.39
CA LEU A 1247 3.76 -50.76 2.71
C LEU A 1247 2.24 -50.70 2.65
N THR A 1248 1.71 -49.49 2.84
CA THR A 1248 0.27 -49.24 2.78
C THR A 1248 0.08 -47.76 2.56
N CYS A 1249 -0.47 -47.39 1.41
CA CYS A 1249 -0.69 -45.98 1.13
C CYS A 1249 -1.64 -45.38 2.15
N MET A 1250 -1.12 -44.53 3.03
CA MET A 1250 -1.88 -44.03 4.16
C MET A 1250 -2.81 -42.90 3.75
N GLU A 1251 -3.58 -42.41 4.72
CA GLU A 1251 -4.62 -41.42 4.45
C GLU A 1251 -4.06 -40.06 4.05
N ASP A 1252 -2.78 -39.80 4.30
CA ASP A 1252 -2.17 -38.52 3.99
C ASP A 1252 -1.39 -38.54 2.69
N GLY A 1253 -1.57 -39.56 1.87
CA GLY A 1253 -0.93 -39.59 0.57
C GLY A 1253 0.54 -39.92 0.60
N LEU A 1254 0.99 -40.71 1.58
CA LEU A 1254 2.38 -41.10 1.68
C LEU A 1254 2.47 -42.57 2.06
N TRP A 1255 3.43 -43.27 1.45
CA TRP A 1255 3.64 -44.67 1.74
C TRP A 1255 4.10 -44.88 3.17
N SER A 1256 3.64 -45.98 3.76
CA SER A 1256 3.91 -46.26 5.16
C SER A 1256 5.39 -46.57 5.39
N PHE A 1257 5.76 -46.63 6.65
CA PHE A 1257 7.14 -46.90 7.01
C PHE A 1257 7.50 -48.34 6.70
N PRO A 1258 8.58 -48.60 5.98
CA PRO A 1258 8.98 -49.99 5.70
C PRO A 1258 9.40 -50.68 6.99
N GLU A 1259 8.66 -51.73 7.36
CA GLU A 1259 8.95 -52.45 8.59
C GLU A 1259 10.20 -53.32 8.49
N ALA A 1260 10.77 -53.46 7.31
CA ALA A 1260 12.03 -54.20 7.14
C ALA A 1260 12.85 -53.54 6.05
N LEU A 1261 14.15 -53.40 6.30
CA LEU A 1261 15.08 -52.82 5.34
C LEU A 1261 16.16 -53.83 5.00
N CYS A 1262 16.47 -53.92 3.71
CA CYS A 1262 17.45 -54.88 3.22
C CYS A 1262 18.85 -54.28 3.23
N GLU A 1263 19.84 -55.14 3.43
CA GLU A 1263 21.24 -54.73 3.41
C GLU A 1263 22.00 -55.45 2.29
N PRO B 12 22.42 -19.02 41.13
CA PRO B 12 23.62 -18.58 40.41
C PRO B 12 23.31 -18.11 39.00
N PRO B 13 24.11 -17.16 38.49
CA PRO B 13 23.89 -16.68 37.12
C PRO B 13 24.04 -17.80 36.10
N SER B 14 23.27 -17.70 35.03
CA SER B 14 23.25 -18.74 34.00
C SER B 14 24.55 -18.75 33.21
N ARG B 15 24.88 -19.92 32.67
CA ARG B 15 26.05 -20.10 31.82
C ARG B 15 25.64 -20.15 30.36
N ALA B 16 26.62 -20.23 29.47
CA ALA B 16 26.35 -20.26 28.04
C ALA B 16 27.52 -20.94 27.34
N LEU B 17 27.27 -21.36 26.11
CA LEU B 17 28.29 -21.95 25.25
C LEU B 17 28.63 -20.97 24.15
N TYR B 18 29.91 -20.87 23.81
CA TYR B 18 30.35 -20.09 22.67
C TYR B 18 30.93 -21.03 21.63
N PHE B 19 30.40 -20.97 20.41
CA PHE B 19 30.93 -21.66 19.26
C PHE B 19 31.62 -20.64 18.37
N SER B 20 32.91 -20.84 18.10
CA SER B 20 33.67 -19.90 17.31
C SER B 20 33.46 -20.09 15.81
N GLY B 21 32.73 -21.12 15.40
CA GLY B 21 32.47 -21.32 13.99
C GLY B 21 33.65 -21.83 13.19
N ARG B 22 34.60 -22.49 13.84
CA ARG B 22 35.80 -23.00 13.18
C ARG B 22 36.02 -24.49 13.42
N GLY B 23 35.01 -25.19 13.93
CA GLY B 23 35.15 -26.62 14.13
C GLY B 23 34.60 -27.12 15.45
N GLU B 24 34.00 -26.23 16.24
CA GLU B 24 33.48 -26.57 17.56
C GLU B 24 32.06 -27.08 17.41
N GLN B 25 31.86 -28.38 17.65
CA GLN B 25 30.56 -29.01 17.52
C GLN B 25 30.36 -29.98 18.68
N LEU B 26 29.10 -30.30 18.95
CA LEU B 26 28.73 -31.24 20.00
C LEU B 26 27.71 -32.23 19.45
N ARG B 27 27.72 -33.44 20.00
CA ARG B 27 26.78 -34.48 19.61
C ARG B 27 26.18 -35.09 20.86
N LEU B 28 24.85 -35.23 20.87
CA LEU B 28 24.18 -35.86 21.99
C LEU B 28 24.55 -37.34 22.06
N ARG B 29 24.65 -37.86 23.28
CA ARG B 29 25.03 -39.25 23.47
C ARG B 29 23.92 -40.18 23.00
N ALA B 30 24.25 -41.46 22.89
CA ALA B 30 23.33 -42.45 22.35
C ALA B 30 22.36 -42.99 23.39
N ASP B 31 22.42 -42.52 24.62
CA ASP B 31 21.55 -43.04 25.68
C ASP B 31 20.18 -42.37 25.72
N LEU B 32 19.92 -41.36 24.90
CA LEU B 32 18.60 -40.74 24.80
C LEU B 32 17.86 -41.28 23.59
N GLU B 33 16.54 -41.44 23.73
CA GLU B 33 15.67 -41.84 22.63
C GLU B 33 15.04 -40.57 22.05
N LEU B 34 15.47 -40.18 20.86
CA LEU B 34 15.05 -38.93 20.28
C LEU B 34 13.57 -38.98 19.87
N PRO B 35 12.89 -37.84 19.86
CA PRO B 35 11.47 -37.82 19.51
C PRO B 35 11.23 -38.25 18.07
N ARG B 36 10.11 -38.94 17.85
CA ARG B 36 9.76 -39.44 16.52
C ARG B 36 8.49 -38.83 15.97
N ASP B 37 7.37 -38.93 16.70
CA ASP B 37 6.09 -38.45 16.17
C ASP B 37 6.00 -36.92 16.22
N ALA B 38 6.48 -36.31 17.29
CA ALA B 38 6.35 -34.88 17.47
C ALA B 38 7.50 -34.40 18.36
N PHE B 39 7.84 -33.12 18.23
CA PHE B 39 8.95 -32.59 19.00
C PHE B 39 8.81 -31.08 19.13
N THR B 40 9.60 -30.53 20.07
CA THR B 40 9.70 -29.11 20.30
C THR B 40 11.13 -28.78 20.68
N LEU B 41 11.69 -27.73 20.05
CA LEU B 41 13.03 -27.26 20.35
C LEU B 41 12.95 -25.82 20.80
N GLN B 42 13.52 -25.52 21.96
CA GLN B 42 13.59 -24.17 22.49
C GLN B 42 15.02 -23.86 22.86
N VAL B 43 15.54 -22.73 22.39
CA VAL B 43 16.94 -22.39 22.64
C VAL B 43 17.09 -20.88 22.62
N TRP B 44 17.80 -20.33 23.61
CA TRP B 44 18.23 -18.95 23.58
C TRP B 44 19.55 -18.88 22.84
N LEU B 45 19.68 -17.95 21.91
CA LEU B 45 20.90 -17.91 21.12
C LEU B 45 21.23 -16.48 20.74
N ARG B 46 22.52 -16.17 20.72
CA ARG B 46 23.01 -14.85 20.33
C ARG B 46 23.95 -15.07 19.16
N ALA B 47 23.47 -14.77 17.95
CA ALA B 47 24.22 -15.03 16.73
C ALA B 47 25.01 -13.79 16.35
N GLU B 48 26.31 -13.95 16.18
CA GLU B 48 27.15 -12.86 15.71
C GLU B 48 26.95 -12.63 14.23
N GLY B 49 27.19 -11.40 13.79
CA GLY B 49 27.03 -11.07 12.39
C GLY B 49 28.00 -11.82 11.51
N GLY B 50 27.62 -12.02 10.26
CA GLY B 50 28.47 -12.70 9.32
C GLY B 50 28.57 -14.19 9.58
N GLN B 51 27.44 -14.88 9.55
CA GLN B 51 27.42 -16.31 9.76
C GLN B 51 27.73 -17.04 8.45
N ARG B 52 27.94 -18.34 8.56
CA ARG B 52 28.03 -19.17 7.37
C ARG B 52 26.64 -19.42 6.81
N SER B 53 26.57 -19.79 5.54
CA SER B 53 25.29 -20.12 4.90
C SER B 53 25.31 -21.56 4.41
N PRO B 54 24.56 -22.47 5.03
CA PRO B 54 23.68 -22.28 6.18
C PRO B 54 24.32 -22.68 7.51
N ALA B 55 24.34 -21.78 8.49
CA ALA B 55 24.88 -22.08 9.80
C ALA B 55 23.83 -22.87 10.58
N VAL B 56 24.09 -24.15 10.83
CA VAL B 56 23.13 -25.03 11.49
C VAL B 56 23.30 -24.86 12.99
N ILE B 57 22.28 -24.30 13.64
CA ILE B 57 22.31 -24.13 15.09
C ILE B 57 22.27 -25.48 15.78
N THR B 58 21.35 -26.35 15.34
CA THR B 58 21.14 -27.68 15.87
C THR B 58 20.23 -28.43 14.91
N GLY B 59 20.48 -29.73 14.75
CA GLY B 59 19.67 -30.52 13.86
C GLY B 59 19.88 -32.00 14.05
N LEU B 60 18.89 -32.77 13.61
CA LEU B 60 18.93 -34.22 13.66
C LEU B 60 19.33 -34.77 12.30
N TYR B 61 20.33 -35.64 12.28
CA TYR B 61 20.92 -36.13 11.05
C TYR B 61 20.92 -37.65 11.04
N ASP B 62 20.84 -38.21 9.84
CA ASP B 62 20.87 -39.65 9.63
C ASP B 62 22.17 -39.97 8.91
N LYS B 63 22.94 -40.91 9.47
CA LYS B 63 24.24 -41.29 8.92
C LYS B 63 24.18 -42.53 8.05
N CYS B 64 23.42 -43.55 8.47
CA CYS B 64 23.44 -44.84 7.77
C CYS B 64 22.79 -44.73 6.40
N SER B 65 21.64 -44.06 6.31
CA SER B 65 20.91 -43.96 5.06
C SER B 65 21.67 -43.05 4.10
N TYR B 66 22.27 -43.64 3.08
CA TYR B 66 23.06 -42.89 2.11
C TYR B 66 22.30 -42.52 0.85
N ILE B 67 21.13 -43.12 0.61
CA ILE B 67 20.35 -42.77 -0.57
C ILE B 67 19.85 -41.34 -0.47
N SER B 68 19.33 -40.94 0.69
CA SER B 68 18.93 -39.57 0.95
C SER B 68 19.47 -39.19 2.32
N ARG B 69 20.25 -38.10 2.36
CA ARG B 69 20.87 -37.64 3.60
C ARG B 69 20.25 -36.35 4.12
N ASP B 70 19.08 -35.97 3.60
CA ASP B 70 18.34 -34.84 4.13
C ASP B 70 17.33 -35.26 5.19
N ARG B 71 17.31 -36.53 5.57
CA ARG B 71 16.35 -37.01 6.55
C ARG B 71 16.55 -36.31 7.89
N GLY B 72 15.46 -36.00 8.56
CA GLY B 72 15.50 -35.31 9.82
C GLY B 72 15.16 -33.84 9.70
N TRP B 73 15.50 -33.10 10.74
CA TRP B 73 15.20 -31.69 10.84
C TRP B 73 16.47 -30.90 11.14
N VAL B 74 16.44 -29.62 10.78
CA VAL B 74 17.58 -28.74 10.93
C VAL B 74 17.06 -27.34 11.21
N VAL B 75 17.54 -26.74 12.29
CA VAL B 75 17.24 -25.35 12.62
C VAL B 75 18.53 -24.55 12.48
N GLY B 76 18.44 -23.35 11.93
CA GLY B 76 19.64 -22.56 11.78
C GLY B 76 19.40 -21.22 11.15
N ILE B 77 20.46 -20.67 10.56
CA ILE B 77 20.42 -19.39 9.87
C ILE B 77 20.86 -19.63 8.43
N HIS B 78 20.07 -19.19 7.47
CA HIS B 78 20.48 -19.30 6.07
C HIS B 78 20.02 -18.07 5.32
N THR B 79 20.67 -17.80 4.19
CA THR B 79 20.35 -16.63 3.40
C THR B 79 19.35 -16.99 2.32
N ILE B 80 18.28 -16.21 2.23
CA ILE B 80 17.33 -16.31 1.15
C ILE B 80 17.55 -15.14 0.21
N SER B 81 17.15 -15.34 -1.04
CA SER B 81 17.45 -14.40 -2.13
C SER B 81 18.94 -14.12 -2.17
N ASP B 82 19.73 -15.19 -2.07
CA ASP B 82 21.19 -15.05 -2.00
C ASP B 82 21.77 -14.44 -3.26
N GLN B 83 21.03 -14.44 -4.38
CA GLN B 83 21.52 -13.78 -5.58
C GLN B 83 21.58 -12.28 -5.39
N ASP B 84 20.52 -11.68 -4.86
CA ASP B 84 20.43 -10.23 -4.69
C ASP B 84 20.10 -9.89 -3.25
N ASN B 85 21.00 -9.13 -2.62
CA ASN B 85 20.89 -8.55 -1.27
C ASN B 85 21.03 -9.60 -0.18
N LYS B 86 21.02 -10.88 -0.55
CA LYS B 86 21.47 -11.99 0.30
C LYS B 86 20.96 -11.86 1.74
N ASP B 87 19.64 -11.92 1.90
CA ASP B 87 19.48 -11.59 3.32
C ASP B 87 19.30 -12.84 4.18
N PRO B 88 19.86 -12.85 5.39
CA PRO B 88 19.82 -14.06 6.23
C PRO B 88 18.65 -14.06 7.19
N ARG B 89 18.05 -15.24 7.35
CA ARG B 89 16.93 -15.42 8.26
C ARG B 89 17.05 -16.76 8.97
N TYR B 90 16.33 -16.87 10.08
CA TYR B 90 16.23 -18.10 10.83
C TYR B 90 15.33 -19.06 10.07
N PHE B 91 15.79 -20.29 9.88
CA PHE B 91 15.03 -21.28 9.12
C PHE B 91 14.89 -22.57 9.92
N PHE B 92 13.74 -23.22 9.72
CA PHE B 92 13.45 -24.53 10.26
C PHE B 92 13.11 -25.42 9.08
N SER B 93 13.87 -26.50 8.90
CA SER B 93 13.73 -27.39 7.77
C SER B 93 13.47 -28.80 8.27
N LEU B 94 12.60 -29.52 7.57
CA LEU B 94 12.24 -30.86 7.99
C LEU B 94 12.00 -31.72 6.76
N LYS B 95 12.41 -32.98 6.85
CA LYS B 95 12.07 -33.97 5.83
C LYS B 95 11.99 -35.32 6.53
N THR B 96 10.78 -35.88 6.60
CA THR B 96 10.56 -37.16 7.23
C THR B 96 11.11 -38.28 6.33
N ASP B 97 10.91 -39.53 6.74
CA ASP B 97 11.28 -40.67 5.92
C ASP B 97 10.17 -41.09 4.97
N ARG B 98 9.21 -40.21 4.71
CA ARG B 98 8.12 -40.52 3.79
C ARG B 98 7.95 -39.43 2.75
N ALA B 99 8.29 -38.19 3.11
CA ALA B 99 8.09 -37.08 2.20
C ALA B 99 9.08 -37.14 1.04
N ARG B 100 8.70 -36.52 -0.07
CA ARG B 100 9.48 -36.55 -1.30
C ARG B 100 10.50 -35.43 -1.40
N GLN B 101 10.51 -34.48 -0.48
CA GLN B 101 11.42 -33.35 -0.53
C GLN B 101 11.62 -32.81 0.87
N VAL B 102 12.44 -31.76 0.97
CA VAL B 102 12.65 -31.06 2.23
C VAL B 102 11.75 -29.83 2.25
N THR B 103 11.30 -29.45 3.45
CA THR B 103 10.43 -28.30 3.62
C THR B 103 11.09 -27.31 4.55
N THR B 104 11.20 -26.05 4.11
CA THR B 104 11.89 -25.00 4.85
C THR B 104 10.91 -23.87 5.14
N ILE B 105 10.90 -23.40 6.38
CA ILE B 105 10.14 -22.21 6.76
C ILE B 105 11.11 -21.20 7.35
N ASN B 106 11.03 -19.96 6.87
CA ASN B 106 11.95 -18.90 7.26
C ASN B 106 11.26 -17.94 8.22
N ALA B 107 12.07 -17.10 8.85
CA ALA B 107 11.54 -16.05 9.70
C ALA B 107 10.94 -14.94 8.84
N HIS B 108 10.41 -13.91 9.49
CA HIS B 108 9.77 -12.81 8.80
C HIS B 108 10.71 -11.65 8.50
N ARG B 109 11.91 -11.63 9.06
CA ARG B 109 12.82 -10.51 8.87
C ARG B 109 14.25 -11.00 9.05
N SER B 110 15.19 -10.18 8.58
CA SER B 110 16.60 -10.51 8.71
C SER B 110 17.00 -10.58 10.18
N TYR B 111 17.79 -11.59 10.52
CA TYR B 111 18.17 -11.79 11.91
C TYR B 111 19.06 -10.65 12.39
N LEU B 112 18.87 -10.26 13.65
CA LEU B 112 19.62 -9.16 14.23
C LEU B 112 20.82 -9.71 14.99
N PRO B 113 22.05 -9.36 14.61
CA PRO B 113 23.22 -9.91 15.30
C PRO B 113 23.42 -9.27 16.66
N GLY B 114 24.05 -10.02 17.55
CA GLY B 114 24.37 -9.50 18.87
C GLY B 114 23.20 -9.39 19.82
N GLN B 115 22.03 -9.93 19.47
CA GLN B 115 20.86 -9.88 20.32
C GLN B 115 20.39 -11.28 20.65
N TRP B 116 19.92 -11.48 21.87
CA TRP B 116 19.43 -12.78 22.29
C TRP B 116 18.07 -13.07 21.67
N VAL B 117 17.92 -14.26 21.11
CA VAL B 117 16.71 -14.68 20.42
C VAL B 117 16.25 -15.99 21.02
N TYR B 118 14.97 -16.09 21.33
CA TYR B 118 14.37 -17.34 21.82
C TYR B 118 13.75 -18.05 20.62
N LEU B 119 14.47 -19.02 20.08
CA LEU B 119 14.03 -19.75 18.90
C LEU B 119 13.35 -21.03 19.35
N ALA B 120 12.12 -21.24 18.89
CA ALA B 120 11.36 -22.44 19.24
C ALA B 120 10.70 -23.00 17.98
N ALA B 121 11.07 -24.22 17.63
CA ALA B 121 10.52 -24.91 16.47
C ALA B 121 9.75 -26.12 16.94
N THR B 122 8.46 -26.20 16.58
CA THR B 122 7.60 -27.28 17.03
C THR B 122 7.03 -28.03 15.83
N TYR B 123 6.75 -29.31 16.04
CA TYR B 123 6.18 -30.15 15.00
C TYR B 123 5.29 -31.19 15.68
N ASP B 124 4.00 -31.18 15.34
CA ASP B 124 3.01 -32.06 15.97
C ASP B 124 2.62 -33.24 15.11
N GLY B 125 3.31 -33.48 14.00
CA GLY B 125 2.96 -34.54 13.08
C GLY B 125 2.14 -34.09 11.89
N GLN B 126 1.62 -32.87 11.90
CA GLN B 126 0.87 -32.36 10.76
C GLN B 126 1.36 -30.98 10.34
N PHE B 127 1.87 -30.20 11.29
CA PHE B 127 2.28 -28.83 11.04
C PHE B 127 3.68 -28.59 11.60
N MET B 128 4.42 -27.71 10.95
CA MET B 128 5.68 -27.19 11.46
C MET B 128 5.49 -25.71 11.78
N LYS B 129 5.80 -25.33 13.01
CA LYS B 129 5.66 -23.95 13.44
C LYS B 129 6.98 -23.43 13.97
N LEU B 130 7.32 -22.19 13.63
CA LEU B 130 8.56 -21.58 14.06
C LEU B 130 8.24 -20.25 14.72
N TYR B 131 8.59 -20.15 16.01
CA TYR B 131 8.40 -18.96 16.81
C TYR B 131 9.77 -18.33 17.11
N VAL B 132 9.88 -17.04 16.82
CA VAL B 132 11.07 -16.27 17.17
C VAL B 132 10.65 -15.28 18.25
N ASN B 133 11.29 -15.38 19.43
CA ASN B 133 10.96 -14.56 20.58
C ASN B 133 9.52 -14.74 21.02
N GLY B 134 8.97 -15.94 20.83
CA GLY B 134 7.64 -16.27 21.26
C GLY B 134 6.53 -15.93 20.28
N ALA B 135 6.85 -15.25 19.17
CA ALA B 135 5.87 -14.90 18.16
C ALA B 135 5.99 -15.84 16.98
N GLN B 136 4.88 -16.48 16.62
CA GLN B 136 4.87 -17.45 15.53
C GLN B 136 5.15 -16.74 14.21
N VAL B 137 6.36 -16.90 13.69
CA VAL B 137 6.75 -16.22 12.45
C VAL B 137 6.69 -17.13 11.23
N ALA B 138 6.58 -18.44 11.42
CA ALA B 138 6.43 -19.30 10.25
C ALA B 138 5.53 -20.48 10.58
N THR B 139 4.77 -20.94 9.58
CA THR B 139 3.89 -22.08 9.74
C THR B 139 3.73 -22.78 8.41
N SER B 140 3.88 -24.10 8.41
CA SER B 140 3.69 -24.91 7.22
C SER B 140 2.98 -26.20 7.59
N GLY B 141 2.48 -26.89 6.58
CA GLY B 141 1.76 -28.13 6.79
C GLY B 141 2.02 -29.17 5.73
N GLU B 142 3.07 -28.95 4.93
CA GLU B 142 3.41 -29.92 3.89
C GLU B 142 3.84 -31.26 4.48
N GLN B 143 4.62 -31.22 5.56
CA GLN B 143 5.14 -32.45 6.15
C GLN B 143 4.12 -33.06 7.11
N VAL B 144 3.83 -34.34 6.91
CA VAL B 144 2.91 -35.08 7.76
C VAL B 144 3.55 -36.41 8.14
N GLY B 145 3.06 -36.98 9.23
CA GLY B 145 3.55 -38.26 9.71
C GLY B 145 4.78 -38.15 10.59
N GLY B 146 5.18 -39.29 11.13
CA GLY B 146 6.32 -39.32 12.01
C GLY B 146 7.62 -39.03 11.27
N ILE B 147 8.60 -38.52 12.03
CA ILE B 147 9.88 -38.16 11.41
C ILE B 147 10.64 -39.40 10.98
N PHE B 148 10.68 -40.42 11.84
CA PHE B 148 11.38 -41.64 11.48
C PHE B 148 10.78 -42.81 12.24
N SER B 149 11.01 -44.01 11.70
CA SER B 149 10.52 -45.24 12.30
C SER B 149 11.45 -45.69 13.43
N PRO B 150 10.94 -46.48 14.37
CA PRO B 150 11.81 -46.99 15.44
C PRO B 150 12.96 -47.83 14.94
N LEU B 151 12.79 -48.54 13.82
CA LEU B 151 13.84 -49.44 13.35
C LEU B 151 15.12 -48.70 13.03
N THR B 152 15.00 -47.52 12.41
CA THR B 152 16.16 -46.69 12.11
C THR B 152 16.50 -45.73 13.23
N GLN B 153 15.87 -45.86 14.40
CA GLN B 153 16.11 -44.93 15.50
C GLN B 153 17.58 -44.95 15.94
N LYS B 154 18.26 -46.08 15.79
CA LYS B 154 19.66 -46.17 16.17
C LYS B 154 20.57 -45.39 15.22
N CYS B 155 20.08 -44.97 14.06
CA CYS B 155 20.88 -44.28 13.06
C CYS B 155 20.60 -42.79 13.03
N LYS B 156 20.33 -42.19 14.19
CA LYS B 156 20.06 -40.76 14.30
C LYS B 156 21.07 -40.11 15.24
N VAL B 157 21.48 -38.90 14.90
CA VAL B 157 22.43 -38.13 15.70
C VAL B 157 21.93 -36.70 15.81
N LEU B 158 21.80 -36.22 17.04
CA LEU B 158 21.43 -34.82 17.28
C LEU B 158 22.70 -34.00 17.43
N MET B 159 22.97 -33.12 16.47
CA MET B 159 24.17 -32.32 16.43
C MET B 159 23.82 -30.90 16.85
N LEU B 160 24.61 -30.31 17.74
CA LEU B 160 24.44 -28.95 18.19
C LEU B 160 25.65 -28.13 17.79
N GLY B 161 25.39 -26.96 17.18
CA GLY B 161 26.45 -26.08 16.76
C GLY B 161 26.98 -26.32 15.36
N GLY B 162 26.53 -27.36 14.70
CA GLY B 162 26.99 -27.63 13.34
C GLY B 162 26.57 -29.01 12.90
N SER B 163 27.01 -29.36 11.70
CA SER B 163 26.73 -30.67 11.11
C SER B 163 28.05 -31.35 10.78
N ALA B 164 27.95 -32.54 10.17
CA ALA B 164 29.15 -33.24 9.72
C ALA B 164 29.80 -32.53 8.54
N LEU B 165 29.01 -31.81 7.74
CA LEU B 165 29.49 -31.10 6.57
C LEU B 165 30.06 -29.71 6.91
N ASN B 166 30.38 -29.46 8.18
CA ASN B 166 30.95 -28.20 8.62
C ASN B 166 30.05 -27.01 8.25
N HIS B 167 28.76 -27.17 8.55
CA HIS B 167 27.81 -26.05 8.47
C HIS B 167 27.79 -25.32 9.82
N ASN B 168 28.96 -24.87 10.23
CA ASN B 168 29.20 -24.47 11.61
C ASN B 168 28.46 -23.18 11.96
N TYR B 169 28.32 -22.96 13.26
CA TYR B 169 27.60 -21.83 13.82
C TYR B 169 28.57 -20.99 14.64
N ARG B 170 28.37 -19.68 14.65
CA ARG B 170 29.28 -18.74 15.32
C ARG B 170 28.48 -17.86 16.26
N GLY B 171 28.52 -18.16 17.55
CA GLY B 171 27.82 -17.35 18.52
C GLY B 171 27.56 -18.12 19.80
N TYR B 172 26.68 -17.54 20.61
CA TYR B 172 26.34 -18.07 21.94
C TYR B 172 25.06 -18.89 21.88
N ILE B 173 25.03 -19.95 22.68
CA ILE B 173 23.84 -20.78 22.86
C ILE B 173 23.61 -20.94 24.37
N GLU B 174 22.35 -21.01 24.77
CA GLU B 174 22.02 -21.15 26.18
C GLU B 174 20.63 -21.78 26.30
N HIS B 175 20.44 -22.54 27.37
CA HIS B 175 19.14 -23.06 27.76
C HIS B 175 18.51 -23.84 26.60
N PHE B 176 19.14 -24.97 26.29
CA PHE B 176 18.72 -25.82 25.19
C PHE B 176 17.74 -26.86 25.71
N SER B 177 16.50 -26.82 25.23
CA SER B 177 15.45 -27.73 25.66
C SER B 177 14.87 -28.45 24.45
N LEU B 178 14.82 -29.77 24.51
CA LEU B 178 14.25 -30.59 23.46
C LEU B 178 13.17 -31.49 24.06
N TRP B 179 11.97 -31.42 23.51
CA TRP B 179 10.79 -32.06 24.06
C TRP B 179 10.40 -33.27 23.21
N LYS B 180 9.27 -33.87 23.54
CA LYS B 180 8.69 -34.95 22.77
C LYS B 180 7.26 -34.68 22.32
N VAL B 181 6.68 -33.54 22.69
CA VAL B 181 5.36 -33.14 22.22
C VAL B 181 5.46 -31.70 21.73
N ALA B 182 4.51 -31.34 20.86
CA ALA B 182 4.51 -30.01 20.26
C ALA B 182 3.87 -29.04 21.24
N ARG B 183 4.70 -28.26 21.93
CA ARG B 183 4.20 -27.28 22.87
C ARG B 183 3.43 -26.17 22.16
N THR B 184 2.31 -25.78 22.75
CA THR B 184 1.55 -24.68 22.18
C THR B 184 2.30 -23.37 22.40
N GLN B 185 1.81 -22.31 21.75
CA GLN B 185 2.47 -21.02 21.89
C GLN B 185 2.41 -20.51 23.32
N ARG B 186 1.32 -20.81 24.04
CA ARG B 186 1.22 -20.40 25.42
C ARG B 186 2.30 -21.07 26.27
N GLU B 187 2.51 -22.37 26.07
CA GLU B 187 3.55 -23.06 26.83
C GLU B 187 4.95 -22.62 26.40
N ILE B 188 5.13 -22.27 25.12
CA ILE B 188 6.41 -21.72 24.68
C ILE B 188 6.71 -20.41 25.40
N LEU B 189 5.72 -19.51 25.46
CA LEU B 189 5.91 -18.25 26.17
C LEU B 189 6.17 -18.49 27.65
N SER B 190 5.44 -19.43 28.26
CA SER B 190 5.65 -19.71 29.68
C SER B 190 7.05 -20.26 29.94
N ASP B 191 7.54 -21.14 29.07
CA ASP B 191 8.87 -21.70 29.21
C ASP B 191 9.98 -20.75 28.80
N MET B 192 9.63 -19.62 28.17
CA MET B 192 10.64 -18.62 27.85
C MET B 192 11.33 -18.09 29.10
N GLU B 193 10.57 -17.86 30.17
CA GLU B 193 11.08 -17.17 31.35
C GLU B 193 11.69 -18.10 32.40
N THR B 194 11.56 -19.43 32.24
CA THR B 194 12.00 -20.33 33.30
C THR B 194 13.50 -20.27 33.52
N HIS B 195 14.28 -20.30 32.44
CA HIS B 195 15.74 -20.29 32.52
C HIS B 195 16.26 -21.40 33.42
N GLY B 196 15.80 -22.62 33.16
CA GLY B 196 16.29 -23.79 33.85
C GLY B 196 15.44 -24.25 35.02
N ALA B 197 14.34 -23.55 35.33
CA ALA B 197 13.45 -23.96 36.41
C ALA B 197 12.41 -24.96 35.89
N HIS B 198 12.93 -26.06 35.35
CA HIS B 198 12.11 -27.12 34.77
C HIS B 198 12.12 -28.33 35.69
N THR B 199 10.95 -28.84 36.03
CA THR B 199 10.84 -30.02 36.86
C THR B 199 11.16 -31.28 36.04
N ALA B 200 11.34 -32.39 36.75
CA ALA B 200 11.67 -33.67 36.11
C ALA B 200 10.39 -34.25 35.49
N LEU B 201 9.94 -33.59 34.43
CA LEU B 201 8.78 -34.06 33.70
C LEU B 201 9.12 -35.33 32.92
N PRO B 202 8.15 -36.23 32.73
CA PRO B 202 8.39 -37.41 31.91
C PRO B 202 8.10 -37.17 30.43
N GLN B 203 8.06 -35.90 30.04
CA GLN B 203 7.78 -35.47 28.68
C GLN B 203 8.90 -34.61 28.10
N LEU B 204 9.60 -33.85 28.92
CA LEU B 204 10.75 -33.07 28.49
C LEU B 204 11.94 -34.01 28.32
N LEU B 205 12.37 -34.22 27.08
CA LEU B 205 13.42 -35.18 26.81
C LEU B 205 14.77 -34.71 27.34
N LEU B 206 15.11 -33.45 27.07
CA LEU B 206 16.42 -32.94 27.45
C LEU B 206 16.31 -31.47 27.80
N GLN B 207 17.00 -31.06 28.87
CA GLN B 207 17.08 -29.66 29.26
C GLN B 207 18.50 -29.41 29.75
N GLU B 208 19.26 -28.60 29.02
CA GLU B 208 20.65 -28.33 29.32
C GLU B 208 20.85 -26.84 29.56
N ASN B 209 21.42 -26.51 30.71
CA ASN B 209 21.87 -25.16 31.04
C ASN B 209 23.39 -25.04 31.01
N TRP B 210 24.08 -26.06 30.50
CA TRP B 210 25.54 -26.04 30.33
C TRP B 210 26.27 -25.94 31.65
N ASP B 211 25.73 -26.57 32.69
CA ASP B 211 26.47 -26.71 33.94
C ASP B 211 27.70 -27.58 33.74
N ASN B 212 27.57 -28.66 32.98
CA ASN B 212 28.70 -29.50 32.61
C ASN B 212 28.38 -30.15 31.27
N VAL B 213 29.18 -29.83 30.25
CA VAL B 213 28.86 -30.24 28.89
C VAL B 213 28.88 -31.76 28.76
N LYS B 214 29.89 -32.40 29.34
CA LYS B 214 30.06 -33.84 29.15
C LYS B 214 29.01 -34.66 29.90
N HIS B 215 28.05 -34.03 30.56
CA HIS B 215 26.96 -34.78 31.18
C HIS B 215 26.11 -35.49 30.14
N ALA B 216 25.81 -34.80 29.03
CA ALA B 216 24.98 -35.38 27.98
C ALA B 216 25.51 -35.17 26.57
N TRP B 217 26.54 -34.35 26.38
CA TRP B 217 27.09 -34.06 25.06
C TRP B 217 28.54 -34.51 24.98
N SER B 218 28.97 -34.83 23.77
CA SER B 218 30.36 -35.19 23.54
C SER B 218 30.90 -34.40 22.36
N PRO B 219 32.18 -34.03 22.39
CA PRO B 219 32.76 -33.27 21.29
C PRO B 219 33.02 -34.15 20.08
N MET B 220 33.21 -33.51 18.93
CA MET B 220 33.54 -34.18 17.69
C MET B 220 35.05 -34.11 17.46
N LYS B 221 35.47 -34.64 16.31
CA LYS B 221 36.88 -34.67 15.93
C LYS B 221 37.72 -35.31 17.02
N ASP B 222 38.64 -34.54 17.61
CA ASP B 222 39.46 -35.03 18.70
C ASP B 222 39.24 -34.24 19.99
N GLY B 223 39.38 -32.93 19.96
CA GLY B 223 39.22 -32.11 21.14
C GLY B 223 38.54 -30.79 20.89
N SER B 224 37.94 -30.64 19.70
CA SER B 224 37.24 -29.42 19.33
C SER B 224 35.95 -29.31 20.12
N SER B 225 35.96 -28.49 21.16
CA SER B 225 34.81 -28.31 22.04
C SER B 225 34.55 -26.82 22.24
N PRO B 226 33.30 -26.44 22.45
CA PRO B 226 32.97 -25.01 22.59
C PRO B 226 33.37 -24.50 23.97
N LYS B 227 33.38 -23.18 24.10
CA LYS B 227 33.86 -22.53 25.31
C LYS B 227 32.71 -22.28 26.26
N VAL B 228 32.79 -22.84 27.46
CA VAL B 228 31.79 -22.60 28.49
C VAL B 228 32.11 -21.25 29.14
N GLU B 229 31.18 -20.31 29.05
CA GLU B 229 31.39 -18.98 29.59
C GLU B 229 30.17 -18.57 30.40
N PHE B 230 30.25 -17.41 31.02
CA PHE B 230 29.16 -16.85 31.80
C PHE B 230 28.46 -15.78 30.98
N SER B 231 27.14 -15.93 30.82
CA SER B 231 26.33 -14.97 30.08
C SER B 231 25.40 -14.26 31.05
N ASN B 232 25.30 -12.94 30.90
CA ASN B 232 24.40 -12.16 31.75
C ASN B 232 22.97 -12.65 31.58
N ALA B 233 22.28 -12.81 32.71
CA ALA B 233 20.98 -13.45 32.69
C ALA B 233 19.87 -12.49 32.27
N HIS B 234 20.09 -11.79 31.16
CA HIS B 234 19.08 -11.00 30.48
C HIS B 234 18.31 -10.09 31.46
N GLY B 235 19.07 -9.17 32.06
CA GLY B 235 18.46 -8.14 32.89
C GLY B 235 17.57 -7.19 32.12
N PHE B 236 17.54 -7.30 30.80
CA PHE B 236 16.67 -6.49 29.96
C PHE B 236 15.21 -6.62 30.39
N LEU B 237 14.63 -5.54 30.89
CA LEU B 237 13.22 -5.48 31.18
C LEU B 237 12.51 -4.37 30.43
N LEU B 238 13.25 -3.51 29.73
CA LEU B 238 12.69 -2.46 28.89
C LEU B 238 13.51 -2.36 27.62
N ASP B 239 12.83 -2.23 26.49
CA ASP B 239 13.51 -2.13 25.19
C ASP B 239 13.92 -0.69 24.96
N THR B 240 15.10 -0.32 25.47
CA THR B 240 15.59 1.03 25.33
C THR B 240 16.07 1.35 23.92
N SER B 241 16.17 0.35 23.04
CA SER B 241 16.62 0.56 21.66
C SER B 241 15.39 0.81 20.79
N LEU B 242 15.09 2.08 20.55
CA LEU B 242 13.95 2.49 19.73
C LEU B 242 14.44 2.72 18.30
N GLU B 243 14.07 1.84 17.39
CA GLU B 243 14.53 1.95 16.01
C GLU B 243 13.86 3.13 15.32
N PRO B 244 14.61 3.95 14.59
CA PRO B 244 13.99 5.05 13.83
C PRO B 244 13.14 4.50 12.70
N PRO B 245 12.18 5.29 12.20
CA PRO B 245 11.34 4.81 11.10
C PRO B 245 12.14 4.59 9.83
N LEU B 246 11.47 3.99 8.83
CA LEU B 246 12.14 3.68 7.59
C LEU B 246 12.64 4.93 6.88
N CYS B 247 11.82 5.98 6.86
CA CYS B 247 12.19 7.23 6.21
C CYS B 247 13.09 8.10 7.07
N GLY B 248 13.05 7.95 8.39
CA GLY B 248 13.89 8.75 9.26
C GLY B 248 15.32 8.27 9.28
N GLN B 249 16.15 9.03 10.00
CA GLN B 249 17.57 8.71 10.08
C GLN B 249 18.06 8.64 11.52
N THR B 250 17.40 9.36 12.43
CA THR B 250 17.82 9.43 13.81
C THR B 250 16.65 9.14 14.73
N LEU B 251 16.92 9.18 16.04
CA LEU B 251 15.91 8.87 17.04
C LEU B 251 14.81 9.93 17.08
N CYS B 252 15.15 11.18 16.77
CA CYS B 252 14.15 12.24 16.77
C CYS B 252 13.10 12.07 15.68
N ASP B 253 13.32 11.19 14.72
CA ASP B 253 12.30 10.88 13.72
C ASP B 253 11.27 9.89 14.22
N ASN B 254 11.48 9.29 15.39
CA ASN B 254 10.52 8.36 15.96
C ASN B 254 9.22 9.07 16.29
N THR B 255 8.10 8.34 16.19
CA THR B 255 6.79 8.95 16.37
C THR B 255 6.60 9.44 17.80
N GLU B 256 6.92 8.61 18.78
CA GLU B 256 6.67 8.99 20.18
C GLU B 256 7.68 10.02 20.67
N VAL B 257 8.95 9.87 20.28
CA VAL B 257 9.97 10.80 20.74
C VAL B 257 9.70 12.21 20.21
N ILE B 258 9.21 12.31 18.97
CA ILE B 258 8.92 13.63 18.43
C ILE B 258 7.54 14.12 18.89
N ALA B 259 6.61 13.21 19.19
CA ALA B 259 5.33 13.63 19.75
C ALA B 259 5.52 14.22 21.13
N SER B 260 6.51 13.73 21.90
CA SER B 260 6.79 14.31 23.20
C SER B 260 7.20 15.77 23.07
N TYR B 261 8.00 16.11 22.05
CA TYR B 261 8.37 17.50 21.83
C TYR B 261 7.20 18.30 21.28
N ASN B 262 6.36 17.69 20.44
CA ASN B 262 5.22 18.40 19.88
C ASN B 262 4.23 18.80 20.97
N GLN B 263 3.98 17.93 21.94
CA GLN B 263 2.97 18.22 22.96
C GLN B 263 3.52 19.00 24.14
N LEU B 264 4.71 18.66 24.63
CA LEU B 264 5.25 19.28 25.82
C LEU B 264 5.87 20.64 25.50
N SER B 265 5.48 21.68 26.25
CA SER B 265 6.06 23.00 26.10
C SER B 265 7.29 23.21 26.97
N SER B 266 7.58 22.29 27.90
CA SER B 266 8.80 22.35 28.68
C SER B 266 9.99 21.74 27.95
N PHE B 267 9.75 21.12 26.79
CA PHE B 267 10.80 20.55 25.97
C PHE B 267 11.27 21.52 24.89
N ARG B 268 10.76 22.74 24.87
CA ARG B 268 11.09 23.75 23.88
C ARG B 268 11.42 25.08 24.56
N GLN B 269 12.26 25.00 25.60
CA GLN B 269 12.68 26.20 26.31
C GLN B 269 13.64 27.01 25.45
N PRO B 270 13.84 28.29 25.77
CA PRO B 270 14.76 29.11 24.98
C PRO B 270 16.16 28.51 24.93
N LYS B 271 16.78 28.60 23.76
CA LYS B 271 18.11 28.04 23.53
C LYS B 271 18.99 29.08 22.88
N VAL B 272 20.24 29.15 23.32
CA VAL B 272 21.23 30.07 22.77
C VAL B 272 22.22 29.22 21.99
N VAL B 273 22.08 29.21 20.67
CA VAL B 273 22.89 28.37 19.79
C VAL B 273 23.95 29.24 19.14
N ARG B 274 25.21 28.94 19.42
CA ARG B 274 26.31 29.71 18.88
C ARG B 274 26.52 29.39 17.41
N TYR B 275 27.08 30.36 16.67
CA TYR B 275 27.53 30.13 15.31
C TYR B 275 28.61 31.14 14.99
N ARG B 276 29.52 30.75 14.10
CA ARG B 276 30.70 31.53 13.79
C ARG B 276 30.76 31.77 12.29
N VAL B 277 31.00 33.02 11.92
CA VAL B 277 31.05 33.43 10.51
C VAL B 277 32.50 33.64 10.13
N VAL B 278 32.94 32.94 9.09
CA VAL B 278 34.33 33.02 8.64
C VAL B 278 34.49 34.23 7.73
N ASN B 279 35.49 35.05 8.02
CA ASN B 279 35.80 36.23 7.22
C ASN B 279 37.26 36.15 6.81
N LEU B 280 37.51 35.99 5.51
CA LEU B 280 38.86 35.90 5.00
C LEU B 280 39.46 37.29 4.80
N TYR B 281 40.71 37.45 5.20
CA TYR B 281 41.40 38.72 5.16
C TYR B 281 42.80 38.54 4.58
N GLU B 282 43.32 39.61 3.99
CA GLU B 282 44.71 39.60 3.56
C GLU B 282 45.62 39.90 4.74
N ASP B 283 46.94 39.90 4.48
CA ASP B 283 47.90 40.15 5.53
C ASP B 283 47.80 41.59 6.06
N ASP B 284 47.24 42.50 5.28
CA ASP B 284 47.09 43.90 5.69
C ASP B 284 45.69 44.23 6.17
N HIS B 285 44.83 43.22 6.35
CA HIS B 285 43.50 43.38 6.94
C HIS B 285 42.60 44.28 6.08
N LYS B 286 42.68 44.10 4.77
CA LYS B 286 41.78 44.75 3.83
C LYS B 286 41.05 43.69 3.00
N ASN B 287 40.13 44.16 2.15
CA ASN B 287 39.41 43.33 1.19
C ASN B 287 38.65 42.21 1.89
N PRO B 288 37.61 42.52 2.66
CA PRO B 288 36.85 41.46 3.33
C PRO B 288 36.04 40.63 2.33
N THR B 289 35.80 39.38 2.71
CA THR B 289 34.88 38.54 1.93
C THR B 289 33.47 39.11 1.99
N VAL B 290 32.99 39.43 3.19
CA VAL B 290 31.72 40.12 3.39
C VAL B 290 31.94 41.22 4.42
N THR B 291 31.44 42.41 4.13
CA THR B 291 31.65 43.55 5.00
C THR B 291 30.87 43.38 6.30
N ARG B 292 31.33 44.09 7.33
CA ARG B 292 30.71 44.00 8.65
C ARG B 292 29.24 44.40 8.59
N GLU B 293 28.88 45.34 7.71
CA GLU B 293 27.47 45.72 7.55
C GLU B 293 26.63 44.54 7.07
N GLN B 294 27.15 43.77 6.12
CA GLN B 294 26.40 42.63 5.60
C GLN B 294 26.20 41.57 6.67
N VAL B 295 27.26 41.23 7.41
CA VAL B 295 27.14 40.21 8.44
C VAL B 295 26.23 40.70 9.56
N ASP B 296 26.28 42.00 9.88
CA ASP B 296 25.41 42.55 10.91
C ASP B 296 23.95 42.47 10.50
N PHE B 297 23.65 42.85 9.26
CA PHE B 297 22.26 42.80 8.80
C PHE B 297 21.76 41.36 8.77
N GLN B 298 22.58 40.42 8.27
CA GLN B 298 22.13 39.04 8.19
C GLN B 298 21.92 38.45 9.58
N HIS B 299 22.84 38.73 10.52
CA HIS B 299 22.68 38.20 11.88
C HIS B 299 21.46 38.80 12.56
N HIS B 300 21.23 40.11 12.39
CA HIS B 300 20.05 40.72 13.00
C HIS B 300 18.77 40.14 12.44
N GLN B 301 18.69 39.95 11.13
CA GLN B 301 17.47 39.39 10.54
C GLN B 301 17.28 37.94 10.99
N LEU B 302 18.36 37.17 11.05
CA LEU B 302 18.26 35.78 11.49
C LEU B 302 17.77 35.69 12.93
N ALA B 303 18.31 36.53 13.82
CA ALA B 303 17.84 36.54 15.20
C ALA B 303 16.39 36.96 15.29
N GLU B 304 15.99 37.97 14.52
CA GLU B 304 14.59 38.41 14.57
C GLU B 304 13.64 37.37 14.01
N ALA B 305 14.11 36.51 13.10
CA ALA B 305 13.25 35.48 12.55
C ALA B 305 13.26 34.19 13.33
N PHE B 306 14.25 33.99 14.21
CA PHE B 306 14.30 32.78 15.02
C PHE B 306 13.93 32.99 16.48
N LYS B 307 13.89 34.23 16.98
CA LYS B 307 13.61 34.45 18.38
C LYS B 307 12.16 34.15 18.76
N GLN B 308 11.26 34.09 17.78
CA GLN B 308 9.89 33.70 18.08
C GLN B 308 9.70 32.20 18.21
N TYR B 309 10.75 31.42 17.90
CA TYR B 309 10.74 29.97 18.08
C TYR B 309 11.67 29.53 19.19
N ASN B 310 11.99 30.41 20.13
CA ASN B 310 12.78 30.09 21.32
C ASN B 310 14.18 29.61 20.95
N ILE B 311 14.76 30.20 19.91
CA ILE B 311 16.15 29.99 19.55
C ILE B 311 16.80 31.37 19.38
N SER B 312 17.96 31.57 20.00
CA SER B 312 18.64 32.86 19.99
C SER B 312 20.09 32.65 19.59
N TRP B 313 20.41 32.92 18.33
CA TRP B 313 21.75 32.69 17.83
C TRP B 313 22.73 33.72 18.38
N GLU B 314 23.94 33.27 18.68
CA GLU B 314 25.01 34.12 19.19
C GLU B 314 26.14 34.14 18.17
N LEU B 315 26.53 35.33 17.73
CA LEU B 315 27.49 35.48 16.64
C LEU B 315 28.89 35.67 17.18
N ASP B 316 29.85 34.98 16.56
CA ASP B 316 31.27 35.17 16.84
C ASP B 316 31.99 35.16 15.48
N VAL B 317 32.18 36.35 14.90
CA VAL B 317 32.87 36.46 13.63
C VAL B 317 34.32 36.05 13.81
N LEU B 318 34.90 35.44 12.77
CA LEU B 318 36.27 34.95 12.79
C LEU B 318 37.09 35.69 11.75
N GLU B 319 38.25 36.17 12.16
CA GLU B 319 39.13 36.97 11.31
C GLU B 319 40.34 36.12 10.94
N VAL B 320 40.40 35.67 9.69
CA VAL B 320 41.52 34.89 9.18
C VAL B 320 42.31 35.77 8.22
N SER B 321 43.55 36.05 8.56
CA SER B 321 44.41 36.93 7.76
C SER B 321 45.40 36.05 6.99
N ASN B 322 44.97 35.60 5.80
CA ASN B 322 45.82 34.79 4.94
C ASN B 322 45.66 35.30 3.51
N SER B 323 46.69 35.98 3.00
CA SER B 323 46.61 36.54 1.66
C SER B 323 46.50 35.45 0.60
N SER B 324 47.22 34.34 0.80
CA SER B 324 47.19 33.25 -0.18
C SER B 324 45.80 32.66 -0.31
N LEU B 325 45.11 32.47 0.82
CA LEU B 325 43.76 31.92 0.78
C LEU B 325 42.78 32.94 0.21
N ARG B 326 42.91 34.20 0.60
CA ARG B 326 41.98 35.22 0.13
C ARG B 326 42.09 35.44 -1.37
N ARG B 327 43.31 35.43 -1.91
CA ARG B 327 43.50 35.66 -3.34
C ARG B 327 42.90 34.54 -4.16
N ARG B 328 43.06 33.30 -3.72
CA ARG B 328 42.62 32.15 -4.52
C ARG B 328 41.11 32.03 -4.48
N LEU B 329 40.52 31.83 -5.66
CA LEU B 329 39.07 31.78 -5.79
C LEU B 329 38.51 30.52 -5.16
N ILE B 330 37.47 30.68 -4.34
CA ILE B 330 36.84 29.56 -3.63
C ILE B 330 35.55 29.20 -4.34
N LEU B 331 35.38 27.91 -4.64
CA LEU B 331 34.22 27.42 -5.38
C LEU B 331 33.50 26.36 -4.56
N ALA B 332 32.17 26.38 -4.64
CA ALA B 332 31.33 25.45 -3.89
C ALA B 332 30.78 24.39 -4.83
N ASN B 333 30.87 23.13 -4.40
CA ASN B 333 30.41 21.98 -5.19
C ASN B 333 31.06 21.94 -6.57
N CYS B 334 32.36 22.23 -6.62
CA CYS B 334 33.13 22.20 -7.84
C CYS B 334 34.03 20.96 -7.84
N ASP B 335 33.97 20.19 -8.92
CA ASP B 335 34.75 18.96 -9.05
C ASP B 335 36.01 19.25 -9.85
N ILE B 336 37.15 18.82 -9.33
CA ILE B 336 38.43 19.00 -10.00
C ILE B 336 38.98 17.66 -10.46
N GLN B 403 47.48 33.68 -11.12
CA GLN B 403 46.22 34.33 -11.48
C GLN B 403 45.47 33.52 -12.51
N THR B 404 46.21 32.92 -13.45
CA THR B 404 45.63 32.11 -14.50
C THR B 404 46.08 30.65 -14.47
N CYS B 405 46.90 30.26 -13.49
CA CYS B 405 47.37 28.89 -13.40
C CYS B 405 46.21 27.98 -12.99
N PHE B 406 45.91 26.98 -13.82
CA PHE B 406 44.80 26.07 -13.58
C PHE B 406 45.28 24.61 -13.49
N ASP B 407 46.56 24.39 -13.21
CA ASP B 407 47.07 23.04 -13.09
C ASP B 407 46.68 22.46 -11.73
N PRO B 408 45.91 21.36 -11.69
CA PRO B 408 45.55 20.77 -10.39
C PRO B 408 46.75 20.30 -9.59
N ASP B 409 47.81 19.82 -10.25
CA ASP B 409 48.97 19.31 -9.54
C ASP B 409 49.79 20.45 -8.94
N SER B 410 49.94 21.55 -9.66
CA SER B 410 50.76 22.65 -9.19
C SER B 410 50.10 23.33 -7.99
N PRO B 411 50.86 23.59 -6.91
CA PRO B 411 50.26 24.29 -5.76
C PRO B 411 49.85 25.72 -6.07
N HIS B 412 50.36 26.31 -7.14
CA HIS B 412 50.05 27.69 -7.51
C HIS B 412 48.76 27.81 -8.31
N ARG B 413 47.87 26.83 -8.22
CA ARG B 413 46.59 26.92 -8.89
C ARG B 413 45.73 28.02 -8.28
N ALA B 414 44.76 28.49 -9.05
CA ALA B 414 43.92 29.63 -8.67
C ALA B 414 42.49 29.19 -8.37
N TYR B 415 42.32 28.06 -7.69
CA TYR B 415 40.99 27.63 -7.27
C TYR B 415 41.12 26.71 -6.07
N LEU B 416 40.10 26.76 -5.20
CA LEU B 416 40.02 25.90 -4.03
C LEU B 416 38.57 25.50 -3.83
N ASP B 417 38.34 24.19 -3.65
CA ASP B 417 37.01 23.74 -3.28
C ASP B 417 36.72 24.11 -1.84
N VAL B 418 35.43 24.01 -1.47
CA VAL B 418 35.04 24.33 -0.10
C VAL B 418 35.70 23.39 0.89
N ASN B 419 35.68 22.09 0.59
CA ASN B 419 36.23 21.11 1.51
C ASN B 419 37.73 21.28 1.69
N GLU B 420 38.44 21.67 0.64
CA GLU B 420 39.86 21.98 0.79
C GLU B 420 40.06 23.18 1.70
N LEU B 421 39.20 24.19 1.59
CA LEU B 421 39.28 25.35 2.47
C LEU B 421 39.04 24.96 3.92
N LYS B 422 38.03 24.12 4.16
CA LYS B 422 37.76 23.65 5.52
C LYS B 422 38.92 22.84 6.07
N ASN B 423 39.52 22.00 5.24
CA ASN B 423 40.67 21.21 5.68
C ASN B 423 41.86 22.11 6.02
N ILE B 424 42.08 23.16 5.23
CA ILE B 424 43.17 24.08 5.52
C ILE B 424 42.92 24.85 6.80
N LEU B 425 41.69 25.35 6.99
CA LEU B 425 41.39 26.14 8.18
C LEU B 425 41.41 25.28 9.44
N LYS B 426 40.91 24.04 9.35
CA LYS B 426 40.86 23.11 10.48
C LYS B 426 40.08 23.69 11.65
N LEU B 427 38.99 24.39 11.36
CA LEU B 427 38.17 24.99 12.40
C LEU B 427 37.46 23.92 13.21
N ASP B 428 37.42 24.10 14.53
CA ASP B 428 36.72 23.18 15.41
C ASP B 428 35.23 23.50 15.35
N GLY B 429 34.48 22.66 14.65
CA GLY B 429 33.06 22.83 14.48
C GLY B 429 32.19 22.17 15.52
N SER B 430 32.78 21.60 16.56
CA SER B 430 32.00 20.99 17.63
C SER B 430 31.49 22.00 18.64
N THR B 431 31.93 23.26 18.56
CA THR B 431 31.50 24.30 19.48
C THR B 431 30.75 25.43 18.81
N HIS B 432 30.84 25.58 17.49
CA HIS B 432 30.16 26.64 16.77
C HIS B 432 29.56 26.06 15.49
N LEU B 433 28.56 26.77 14.95
CA LEU B 433 28.04 26.46 13.63
C LEU B 433 28.81 27.33 12.64
N ASN B 434 29.86 26.77 12.04
CA ASN B 434 30.71 27.54 11.17
C ASN B 434 30.01 27.83 9.85
N ILE B 435 30.08 29.09 9.41
CA ILE B 435 29.54 29.50 8.12
C ILE B 435 30.72 29.77 7.19
N PHE B 436 30.76 29.07 6.06
CA PHE B 436 31.83 29.19 5.10
C PHE B 436 31.31 29.79 3.80
N PHE B 437 32.08 30.70 3.22
CA PHE B 437 31.65 31.50 2.08
C PHE B 437 32.39 31.05 0.82
N ALA B 438 31.62 30.78 -0.24
CA ALA B 438 32.18 30.35 -1.50
C ALA B 438 31.17 30.60 -2.61
N LYS B 439 31.64 31.04 -3.77
CA LYS B 439 30.76 31.35 -4.87
C LYS B 439 30.08 30.09 -5.40
N SER B 440 28.80 30.23 -5.75
CA SER B 440 27.93 29.12 -6.14
C SER B 440 27.25 29.47 -7.46
N SER B 441 28.07 29.80 -8.47
CA SER B 441 27.70 30.58 -9.65
C SER B 441 26.25 30.41 -10.12
N GLU B 442 25.78 29.17 -10.25
CA GLU B 442 24.38 28.92 -10.55
C GLU B 442 23.60 28.76 -9.25
N GLU B 443 22.66 29.67 -9.00
CA GLU B 443 22.02 29.81 -7.71
C GLU B 443 20.58 29.31 -7.77
N GLU B 444 20.42 28.00 -7.60
CA GLU B 444 19.13 27.40 -7.29
C GLU B 444 19.18 26.53 -6.06
N LEU B 445 20.38 26.27 -5.52
CA LEU B 445 20.58 25.70 -4.18
C LEU B 445 21.76 26.45 -3.60
N ALA B 446 21.48 27.55 -2.90
CA ALA B 446 22.54 28.44 -2.45
C ALA B 446 23.27 27.87 -1.23
N GLY B 447 22.52 27.48 -0.20
CA GLY B 447 23.10 27.04 1.06
C GLY B 447 23.24 25.54 1.13
N VAL B 448 24.49 25.08 1.20
CA VAL B 448 24.78 23.66 1.39
C VAL B 448 24.94 23.43 2.88
N ALA B 449 24.12 22.56 3.45
CA ALA B 449 24.11 22.31 4.88
C ALA B 449 24.41 20.85 5.17
N THR B 450 25.13 20.61 6.25
CA THR B 450 25.45 19.27 6.71
C THR B 450 24.34 18.81 7.65
N TRP B 451 23.71 17.69 7.32
CA TRP B 451 22.59 17.19 8.10
C TRP B 451 23.06 16.79 9.50
N PRO B 452 22.18 16.83 10.50
CA PRO B 452 22.58 16.40 11.84
C PRO B 452 23.03 14.96 11.91
N TRP B 453 22.40 14.07 11.15
CA TRP B 453 22.79 12.67 11.16
C TRP B 453 24.01 12.38 10.29
N ASP B 454 24.49 13.37 9.54
CA ASP B 454 25.69 13.18 8.75
C ASP B 454 26.90 13.01 9.67
N LYS B 455 27.89 12.27 9.18
CA LYS B 455 29.10 12.04 9.97
C LYS B 455 29.84 13.34 10.24
N GLU B 456 29.82 14.26 9.29
CA GLU B 456 30.56 15.51 9.38
C GLU B 456 29.79 16.61 10.09
N ALA B 457 28.75 16.26 10.83
CA ALA B 457 27.91 17.28 11.46
C ALA B 457 28.70 18.07 12.52
N LEU B 458 29.56 17.39 13.27
CA LEU B 458 30.21 17.98 14.44
C LEU B 458 31.73 17.82 14.35
N MET B 459 32.31 18.14 13.20
CA MET B 459 33.77 18.14 13.09
C MET B 459 34.17 19.26 12.14
N HIS B 460 35.47 19.28 11.78
CA HIS B 460 36.01 20.40 11.03
C HIS B 460 35.46 20.47 9.61
N LEU B 461 35.27 19.32 8.96
CA LEU B 461 34.83 19.28 7.58
C LEU B 461 33.32 19.43 7.42
N GLY B 462 32.63 19.98 8.41
CA GLY B 462 31.21 20.20 8.32
C GLY B 462 30.84 21.62 8.71
N GLY B 463 29.74 22.09 8.15
CA GLY B 463 29.28 23.44 8.39
C GLY B 463 28.26 23.85 7.34
N ILE B 464 28.13 25.15 7.16
CA ILE B 464 27.21 25.74 6.19
C ILE B 464 28.02 26.45 5.12
N VAL B 465 27.65 26.24 3.86
CA VAL B 465 28.32 26.87 2.72
C VAL B 465 27.33 27.81 2.06
N LEU B 466 27.69 29.09 1.98
CA LEU B 466 26.82 30.13 1.46
C LEU B 466 27.57 31.00 0.47
N ASN B 467 26.83 31.62 -0.44
CA ASN B 467 27.41 32.54 -1.40
C ASN B 467 27.66 33.87 -0.72
N PRO B 468 28.90 34.37 -0.68
CA PRO B 468 29.17 35.63 0.04
C PRO B 468 28.43 36.82 -0.52
N SER B 469 28.20 36.87 -1.83
CA SER B 469 27.47 38.00 -2.42
C SER B 469 26.01 38.03 -2.00
N PHE B 470 25.44 36.89 -1.60
CA PHE B 470 24.06 36.79 -1.19
C PHE B 470 23.95 36.62 0.33
N TYR B 471 24.83 37.27 1.08
CA TYR B 471 24.89 37.16 2.53
C TYR B 471 24.64 38.54 3.13
N GLY B 472 23.38 38.84 3.41
CA GLY B 472 23.00 40.08 4.02
C GLY B 472 22.48 41.15 3.08
N MET B 473 21.87 40.76 1.97
CA MET B 473 21.26 41.70 1.05
C MET B 473 19.77 41.44 0.95
N PRO B 474 18.94 42.49 0.96
CA PRO B 474 17.48 42.26 0.87
C PRO B 474 17.12 41.52 -0.40
N GLY B 475 16.19 40.58 -0.28
CA GLY B 475 15.89 39.65 -1.35
C GLY B 475 16.83 38.47 -1.42
N HIS B 476 17.93 38.49 -0.66
CA HIS B 476 18.91 37.42 -0.59
C HIS B 476 19.26 37.13 0.86
N THR B 477 18.24 37.09 1.73
CA THR B 477 18.45 36.92 3.15
C THR B 477 17.78 35.68 3.73
N HIS B 478 16.64 35.26 3.20
CA HIS B 478 15.97 34.05 3.66
C HIS B 478 16.61 32.78 3.10
N THR B 479 17.82 32.88 2.54
CA THR B 479 18.57 31.69 2.15
C THR B 479 19.47 31.16 3.25
N MET B 480 19.83 31.99 4.23
CA MET B 480 20.57 31.50 5.38
C MET B 480 19.68 30.75 6.34
N ILE B 481 18.43 31.22 6.52
CA ILE B 481 17.50 30.51 7.38
C ILE B 481 17.15 29.15 6.79
N HIS B 482 17.05 29.07 5.46
CA HIS B 482 16.80 27.77 4.83
C HIS B 482 17.96 26.81 5.09
N ALA B 483 19.19 27.29 4.93
CA ALA B 483 20.35 26.44 5.17
C ALA B 483 20.43 26.02 6.63
N ILE B 484 20.12 26.93 7.55
CA ILE B 484 20.15 26.61 8.98
C ILE B 484 19.08 25.57 9.30
N GLY B 485 17.88 25.72 8.75
CA GLY B 485 16.86 24.70 8.93
C GLY B 485 17.27 23.36 8.37
N HIS B 486 17.98 23.36 7.24
CA HIS B 486 18.55 22.12 6.72
C HIS B 486 19.59 21.54 7.68
N SER B 487 20.30 22.40 8.41
CA SER B 487 21.31 21.94 9.34
C SER B 487 20.73 21.49 10.67
N LEU B 488 19.44 21.70 10.92
CA LEU B 488 18.77 21.20 12.11
C LEU B 488 17.79 20.07 11.78
N GLY B 489 18.02 19.37 10.68
CA GLY B 489 17.24 18.18 10.37
C GLY B 489 15.86 18.43 9.81
N LEU B 490 15.66 19.52 9.08
CA LEU B 490 14.38 19.83 8.46
C LEU B 490 14.46 19.53 6.97
N TYR B 491 13.69 18.55 6.52
CA TYR B 491 13.62 18.26 5.10
C TYR B 491 12.82 19.33 4.37
N HIS B 492 12.98 19.36 3.06
CA HIS B 492 12.14 20.22 2.25
C HIS B 492 10.69 19.75 2.32
N VAL B 493 9.76 20.71 2.30
CA VAL B 493 8.34 20.40 2.44
C VAL B 493 7.82 19.56 1.29
N PHE B 494 8.56 19.47 0.19
CA PHE B 494 8.17 18.70 -0.99
C PHE B 494 8.96 17.40 -1.11
N ARG B 495 9.58 16.95 -0.02
CA ARG B 495 10.49 15.81 -0.11
C ARG B 495 9.76 14.55 -0.56
N GLY B 496 8.54 14.35 -0.08
CA GLY B 496 7.79 13.17 -0.43
C GLY B 496 7.11 13.19 -1.79
N ILE B 497 7.21 14.30 -2.52
CA ILE B 497 6.54 14.43 -3.80
C ILE B 497 7.58 14.60 -4.91
N SER B 498 8.39 15.65 -4.81
CA SER B 498 9.34 16.00 -5.85
C SER B 498 10.76 15.55 -5.55
N GLU B 499 10.96 14.78 -4.49
CA GLU B 499 12.28 14.30 -4.11
C GLU B 499 12.25 12.81 -3.80
N ILE B 500 11.61 12.03 -4.67
CA ILE B 500 11.54 10.59 -4.54
C ILE B 500 12.06 9.96 -5.82
N GLN B 501 12.80 8.86 -5.68
CA GLN B 501 13.36 8.20 -6.86
C GLN B 501 12.26 7.63 -7.76
N SER B 502 11.22 7.06 -7.16
CA SER B 502 10.14 6.45 -7.93
C SER B 502 8.85 6.53 -7.13
N CYS B 503 7.74 6.33 -7.83
CA CYS B 503 6.42 6.37 -7.19
C CYS B 503 6.17 5.18 -6.28
N SER B 504 7.02 4.15 -6.31
CA SER B 504 6.89 3.02 -5.42
C SER B 504 7.62 3.21 -4.10
N ASP B 505 8.33 4.33 -3.93
CA ASP B 505 9.05 4.57 -2.69
C ASP B 505 8.07 4.81 -1.55
N PRO B 506 8.16 4.05 -0.45
CA PRO B 506 7.22 4.24 0.66
C PRO B 506 7.37 5.55 1.40
N CYS B 507 8.35 6.38 1.04
CA CYS B 507 8.57 7.67 1.69
C CYS B 507 7.88 8.82 0.97
N MET B 508 6.76 8.56 0.30
CA MET B 508 6.01 9.60 -0.38
C MET B 508 4.88 10.08 0.52
N GLU B 509 4.79 11.40 0.69
CA GLU B 509 3.76 12.01 1.54
C GLU B 509 2.46 12.10 0.74
N THR B 510 1.87 10.94 0.47
CA THR B 510 0.56 10.91 -0.17
C THR B 510 -0.53 11.48 0.73
N GLU B 511 -0.33 11.45 2.04
CA GLU B 511 -1.20 12.08 3.01
C GLU B 511 -0.33 12.66 4.12
N PRO B 512 -0.78 13.73 4.77
CA PRO B 512 0.00 14.29 5.89
C PRO B 512 0.20 13.26 6.98
N SER B 513 1.46 12.90 7.22
CA SER B 513 1.79 11.87 8.20
C SER B 513 3.15 12.18 8.80
N PHE B 514 3.40 11.60 9.97
CA PHE B 514 4.65 11.78 10.69
C PHE B 514 5.76 10.86 10.19
N GLU B 515 5.45 9.91 9.32
CA GLU B 515 6.41 8.91 8.89
C GLU B 515 6.74 8.96 7.40
N THR B 516 6.21 9.93 6.66
CA THR B 516 6.42 10.00 5.23
C THR B 516 6.78 11.42 4.82
N GLY B 517 7.61 11.54 3.80
CA GLY B 517 7.96 12.84 3.27
C GLY B 517 8.77 13.66 4.26
N ASP B 518 8.25 14.84 4.58
CA ASP B 518 8.92 15.75 5.51
C ASP B 518 8.88 15.27 6.95
N LEU B 519 8.12 14.21 7.25
CA LEU B 519 7.93 13.72 8.61
C LEU B 519 7.33 14.81 9.50
N CYS B 520 6.41 15.58 8.93
CA CYS B 520 5.67 16.59 9.67
C CYS B 520 4.22 16.53 9.26
N ASN B 521 3.32 16.39 10.24
CA ASN B 521 1.90 16.30 9.94
C ASN B 521 1.31 17.65 9.55
N ASP B 522 1.89 18.74 10.08
CA ASP B 522 1.33 20.06 9.81
C ASP B 522 1.57 20.50 8.36
N THR B 523 2.71 20.14 7.79
CA THR B 523 3.05 20.54 6.43
C THR B 523 2.33 19.63 5.45
N ASN B 524 1.40 20.20 4.69
CA ASN B 524 0.67 19.45 3.70
C ASN B 524 1.58 19.09 2.52
N PRO B 525 1.27 18.02 1.79
CA PRO B 525 2.09 17.66 0.64
C PRO B 525 2.10 18.77 -0.40
N ALA B 526 3.27 18.98 -1.02
CA ALA B 526 3.44 20.03 -2.00
C ALA B 526 4.44 19.55 -3.05
N PRO B 527 4.33 20.06 -4.28
CA PRO B 527 5.37 19.81 -5.27
C PRO B 527 6.40 20.94 -5.27
N LYS B 528 7.48 20.72 -6.02
CA LYS B 528 8.51 21.74 -6.16
C LYS B 528 7.96 22.92 -6.97
N HIS B 529 8.27 24.13 -6.53
CA HIS B 529 7.76 25.34 -7.16
C HIS B 529 8.75 26.47 -6.92
N LYS B 530 9.21 27.10 -8.00
CA LYS B 530 10.15 28.21 -7.86
C LYS B 530 9.48 29.46 -7.31
N SER B 531 8.20 29.67 -7.66
CA SER B 531 7.43 30.79 -7.15
C SER B 531 6.57 30.32 -5.98
N CYS B 532 5.83 31.26 -5.39
CA CYS B 532 4.92 30.96 -4.29
C CYS B 532 3.47 31.21 -4.70
N GLY B 533 2.58 30.45 -4.09
CA GLY B 533 1.19 30.38 -4.51
C GLY B 533 0.81 28.95 -4.81
N ASP B 534 -0.40 28.55 -4.45
CA ASP B 534 -0.82 27.15 -4.58
C ASP B 534 -0.75 26.71 -6.04
N PRO B 535 0.12 25.75 -6.37
CA PRO B 535 0.25 25.30 -7.76
C PRO B 535 -0.95 24.47 -8.17
N GLY B 536 -1.50 24.77 -9.35
CA GLY B 536 -2.64 24.05 -9.85
C GLY B 536 -2.26 22.72 -10.45
N PRO B 537 -3.27 22.00 -10.95
CA PRO B 537 -3.01 20.71 -11.60
C PRO B 537 -2.08 20.86 -12.79
N GLY B 538 -1.22 19.87 -12.98
CA GLY B 538 -0.27 19.91 -14.07
C GLY B 538 0.34 18.54 -14.29
N ASN B 539 1.37 18.53 -15.14
CA ASN B 539 2.06 17.28 -15.46
C ASN B 539 2.95 16.86 -14.30
N ASP B 540 2.37 16.16 -13.34
CA ASP B 540 3.12 15.74 -12.15
C ASP B 540 4.24 14.77 -12.53
N THR B 541 5.35 14.87 -11.80
CA THR B 541 6.45 13.94 -11.99
C THR B 541 6.02 12.52 -11.66
N CYS B 542 5.26 12.34 -10.59
CA CYS B 542 4.82 11.01 -10.19
C CYS B 542 3.45 10.65 -10.76
N GLY B 543 2.51 11.58 -10.79
CA GLY B 543 1.21 11.30 -11.34
C GLY B 543 0.04 11.72 -10.48
N PHE B 544 0.31 12.51 -9.44
CA PHE B 544 -0.73 13.03 -8.56
C PHE B 544 -0.89 14.53 -8.80
N HIS B 545 -2.11 14.96 -9.07
CA HIS B 545 -2.39 16.34 -9.40
C HIS B 545 -3.31 16.95 -8.34
N SER B 546 -3.56 18.25 -8.47
CA SER B 546 -4.47 19.00 -7.61
C SER B 546 -4.05 18.91 -6.14
N PHE B 547 -2.88 19.49 -5.86
CA PHE B 547 -2.42 19.61 -4.48
C PHE B 547 -3.05 20.84 -3.84
N PHE B 548 -3.68 20.63 -2.68
CA PHE B 548 -4.42 21.67 -1.99
C PHE B 548 -3.72 22.05 -0.68
N ASN B 549 -3.82 23.33 -0.33
CA ASN B 549 -3.25 23.86 0.91
C ASN B 549 -1.75 23.59 1.01
N THR B 550 -1.06 23.68 -0.12
CA THR B 550 0.38 23.47 -0.12
C THR B 550 1.07 24.58 0.65
N PRO B 551 2.12 24.25 1.42
CA PRO B 551 2.84 25.29 2.19
C PRO B 551 3.75 26.14 1.31
N TYR B 552 3.14 27.07 0.57
CA TYR B 552 3.91 27.95 -0.29
C TYR B 552 4.72 28.96 0.52
N ASN B 553 4.27 29.28 1.73
CA ASN B 553 4.93 30.26 2.58
C ASN B 553 5.92 29.64 3.55
N ASN B 554 6.09 28.33 3.53
CA ASN B 554 7.02 27.67 4.43
C ASN B 554 8.46 28.03 4.08
N PHE B 555 9.31 28.08 5.10
CA PHE B 555 10.72 28.42 4.89
C PHE B 555 11.43 27.38 4.03
N MET B 556 11.12 26.11 4.24
CA MET B 556 11.84 25.03 3.57
C MET B 556 11.40 24.79 2.14
N SER B 557 10.36 25.47 1.66
CA SER B 557 9.95 25.36 0.27
C SER B 557 10.90 26.17 -0.60
N TYR B 558 10.71 26.08 -1.92
CA TYR B 558 11.53 26.82 -2.88
C TYR B 558 10.87 28.11 -3.34
N ALA B 559 10.15 28.78 -2.46
CA ALA B 559 9.57 30.07 -2.78
C ALA B 559 10.66 31.14 -2.76
N ASP B 560 10.26 32.39 -2.95
CA ASP B 560 11.21 33.49 -2.96
C ASP B 560 11.34 34.09 -1.56
N ASP B 561 12.34 34.96 -1.42
CA ASP B 561 12.67 35.55 -0.13
C ASP B 561 11.61 36.51 0.39
N ASP B 562 10.67 36.93 -0.46
CA ASP B 562 9.65 37.89 -0.06
C ASP B 562 8.32 37.25 0.31
N CYS B 563 8.22 35.91 0.29
CA CYS B 563 6.96 35.26 0.60
C CYS B 563 7.11 34.02 1.47
N THR B 564 8.27 33.82 2.11
CA THR B 564 8.45 32.80 3.13
C THR B 564 8.58 33.50 4.48
N ASP B 565 7.78 33.07 5.46
CA ASP B 565 7.64 33.87 6.67
C ASP B 565 7.80 33.08 7.97
N SER B 566 7.51 31.79 7.98
CA SER B 566 7.41 31.10 9.27
C SER B 566 7.74 29.62 9.14
N PHE B 567 8.05 29.02 10.29
CA PHE B 567 8.13 27.58 10.47
C PHE B 567 6.87 27.14 11.21
N THR B 568 6.19 26.11 10.69
CA THR B 568 4.98 25.63 11.32
C THR B 568 5.30 24.99 12.67
N PRO B 569 4.46 25.19 13.70
CA PRO B 569 4.74 24.57 15.00
C PRO B 569 4.67 23.05 14.99
N ASN B 570 5.29 22.43 13.98
CA ASN B 570 5.61 21.02 13.97
C ASN B 570 7.00 20.80 13.40
N GLN B 571 7.55 21.79 12.72
CA GLN B 571 8.92 21.77 12.22
C GLN B 571 9.88 22.42 13.20
N VAL B 572 9.37 23.24 14.11
CA VAL B 572 10.16 23.76 15.21
C VAL B 572 10.51 22.66 16.20
N ALA B 573 9.57 21.73 16.41
CA ALA B 573 9.82 20.62 17.33
C ALA B 573 11.00 19.79 16.85
N ARG B 574 11.14 19.59 15.54
CA ARG B 574 12.29 18.87 15.03
C ARG B 574 13.58 19.62 15.31
N MET B 575 13.57 20.95 15.15
CA MET B 575 14.76 21.73 15.44
C MET B 575 15.16 21.62 16.91
N HIS B 576 14.18 21.67 17.81
CA HIS B 576 14.50 21.56 19.23
C HIS B 576 14.94 20.14 19.59
N CYS B 577 14.36 19.13 18.95
CA CYS B 577 14.79 17.76 19.18
C CYS B 577 16.24 17.57 18.76
N TYR B 578 16.62 18.11 17.60
CA TYR B 578 18.00 17.97 17.14
C TYR B 578 18.96 18.89 17.87
N LEU B 579 18.48 19.97 18.48
CA LEU B 579 19.33 20.75 19.35
C LEU B 579 19.57 20.05 20.68
N ASP B 580 18.58 19.31 21.17
CA ASP B 580 18.76 18.53 22.39
C ASP B 580 19.60 17.28 22.16
N LEU B 581 19.48 16.66 20.99
CA LEU B 581 20.11 15.37 20.74
C LEU B 581 21.53 15.51 20.22
N VAL B 582 21.71 16.19 19.09
CA VAL B 582 23.00 16.24 18.41
C VAL B 582 23.83 17.46 18.83
N TYR B 583 23.22 18.64 18.87
CA TYR B 583 23.95 19.90 18.99
C TYR B 583 23.98 20.41 20.42
N GLN B 584 24.13 19.53 21.40
CA GLN B 584 24.23 19.97 22.78
C GLN B 584 25.52 20.75 23.04
N GLY B 585 26.53 20.59 22.17
CA GLY B 585 27.79 21.29 22.38
C GLY B 585 27.79 22.73 21.93
N TRP B 586 26.93 23.10 20.97
CA TRP B 586 26.93 24.47 20.49
C TRP B 586 26.47 25.44 21.57
N GLN B 587 25.43 25.09 22.31
CA GLN B 587 24.87 25.96 23.32
C GLN B 587 25.78 26.01 24.55
N PRO B 588 25.82 27.13 25.26
CA PRO B 588 26.65 27.22 26.46
C PRO B 588 25.94 26.74 27.72
N SER B 589 24.61 26.66 27.67
CA SER B 589 23.84 26.27 28.84
C SER B 589 24.07 24.81 29.17
N ARG B 590 24.36 24.52 30.44
CA ARG B 590 24.64 23.17 30.89
C ARG B 590 23.38 22.56 31.53
N LYS B 591 22.40 22.30 30.68
CA LYS B 591 21.19 21.58 31.08
C LYS B 591 21.17 20.21 30.41
N PRO B 592 21.31 19.12 31.17
CA PRO B 592 21.28 17.79 30.54
C PRO B 592 19.96 17.53 29.83
N ALA B 593 20.03 16.74 28.77
CA ALA B 593 18.86 16.48 27.95
C ALA B 593 17.81 15.70 28.76
N PRO B 594 16.54 16.04 28.61
CA PRO B 594 15.51 15.36 29.38
C PRO B 594 15.26 13.94 28.87
N VAL B 595 14.60 13.15 29.72
CA VAL B 595 14.15 11.82 29.31
C VAL B 595 12.98 12.00 28.36
N ALA B 596 13.19 11.67 27.08
CA ALA B 596 12.21 12.03 26.06
C ALA B 596 10.88 11.33 26.26
N LEU B 597 10.91 10.05 26.64
CA LEU B 597 9.70 9.25 26.76
C LEU B 597 9.30 9.06 28.22
N ALA B 598 8.00 8.90 28.43
CA ALA B 598 7.46 8.80 29.77
C ALA B 598 7.96 7.53 30.46
N PRO B 599 8.03 7.52 31.79
CA PRO B 599 8.37 6.28 32.49
C PRO B 599 7.34 5.20 32.21
N GLN B 600 7.82 3.97 32.09
CA GLN B 600 6.97 2.83 31.79
C GLN B 600 6.72 2.04 33.06
N VAL B 601 5.46 1.69 33.30
CA VAL B 601 5.10 0.92 34.49
C VAL B 601 5.38 -0.54 34.21
N LEU B 602 6.43 -1.09 34.84
CA LEU B 602 6.81 -2.48 34.59
C LEU B 602 5.80 -3.45 35.20
N GLY B 603 5.42 -3.22 36.44
CA GLY B 603 4.47 -4.10 37.10
C GLY B 603 4.23 -3.65 38.52
N HIS B 604 3.08 -4.06 39.05
CA HIS B 604 2.64 -3.66 40.37
C HIS B 604 2.48 -4.87 41.27
N THR B 605 2.91 -4.73 42.52
CA THR B 605 2.63 -5.71 43.55
C THR B 605 1.34 -5.28 44.26
N THR B 606 0.97 -5.97 45.34
CA THR B 606 -0.25 -5.60 46.04
C THR B 606 -0.14 -4.26 46.76
N ASP B 607 1.09 -3.80 47.03
CA ASP B 607 1.27 -2.54 47.76
C ASP B 607 2.41 -1.70 47.20
N SER B 608 2.90 -1.99 46.00
CA SER B 608 4.04 -1.27 45.45
C SER B 608 3.86 -1.14 43.94
N VAL B 609 4.88 -0.61 43.27
CA VAL B 609 4.90 -0.50 41.82
C VAL B 609 6.35 -0.35 41.39
N THR B 610 6.64 -0.77 40.15
CA THR B 610 7.98 -0.67 39.59
C THR B 610 7.90 0.12 38.30
N LEU B 611 8.69 1.19 38.21
CA LEU B 611 8.71 2.06 37.05
C LEU B 611 10.10 2.03 36.43
N GLU B 612 10.14 2.08 35.10
CA GLU B 612 11.38 2.15 34.35
C GLU B 612 11.25 3.24 33.30
N TRP B 613 12.40 3.80 32.91
CA TRP B 613 12.42 4.89 31.96
C TRP B 613 13.63 4.73 31.04
N PHE B 614 13.53 5.37 29.87
CA PHE B 614 14.60 5.35 28.89
C PHE B 614 15.73 6.28 29.31
N PRO B 615 16.94 6.07 28.80
CA PRO B 615 18.04 6.99 29.07
C PRO B 615 17.76 8.36 28.49
N PRO B 616 18.54 9.38 28.85
CA PRO B 616 18.31 10.71 28.28
C PRO B 616 18.40 10.70 26.77
N ILE B 617 17.65 11.60 26.14
CA ILE B 617 17.54 11.59 24.69
C ILE B 617 18.88 11.84 24.02
N ASP B 618 19.79 12.53 24.70
CA ASP B 618 21.11 12.76 24.12
C ASP B 618 21.88 11.47 23.90
N GLY B 619 21.51 10.40 24.60
CA GLY B 619 22.16 9.12 24.47
C GLY B 619 23.34 8.90 25.39
N HIS B 620 23.75 9.91 26.13
CA HIS B 620 24.90 9.80 27.03
C HIS B 620 24.45 9.40 28.42
N PHE B 621 25.25 8.54 29.06
CA PHE B 621 24.95 8.09 30.41
C PHE B 621 25.82 8.74 31.48
N PHE B 622 26.99 9.25 31.11
CA PHE B 622 27.88 9.92 32.04
C PHE B 622 27.85 11.43 31.81
N GLU B 623 28.29 12.16 32.83
CA GLU B 623 28.36 13.62 32.72
C GLU B 623 29.39 14.00 31.67
N ARG B 624 29.12 15.10 30.96
CA ARG B 624 29.99 15.55 29.88
C ARG B 624 31.15 16.35 30.48
N GLU B 625 32.37 15.87 30.24
CA GLU B 625 33.59 16.56 30.65
C GLU B 625 34.45 16.79 29.41
N LEU B 626 34.83 18.04 29.19
CA LEU B 626 35.60 18.38 27.99
C LEU B 626 37.00 17.79 28.06
N GLY B 627 37.45 17.23 26.94
CA GLY B 627 38.77 16.64 26.86
C GLY B 627 38.88 15.23 27.37
N SER B 628 37.79 14.63 27.83
CA SER B 628 37.79 13.27 28.36
C SER B 628 37.14 12.31 27.37
N ALA B 629 37.02 11.06 27.79
CA ALA B 629 36.40 10.03 26.98
C ALA B 629 34.98 9.69 27.44
N CYS B 630 34.39 10.56 28.27
CA CYS B 630 33.06 10.29 28.80
C CYS B 630 31.97 10.35 27.73
N HIS B 631 32.26 10.90 26.56
CA HIS B 631 31.24 10.97 25.52
C HIS B 631 31.13 9.68 24.72
N LEU B 632 32.01 8.71 24.95
CA LEU B 632 31.95 7.43 24.26
C LEU B 632 31.64 6.26 25.19
N CYS B 633 31.75 6.45 26.51
CA CYS B 633 31.50 5.37 27.45
C CYS B 633 30.04 4.95 27.43
N LEU B 634 29.81 3.64 27.47
CA LEU B 634 28.46 3.09 27.50
C LEU B 634 28.00 2.95 28.95
N GLU B 635 26.89 2.25 29.16
CA GLU B 635 26.30 2.16 30.49
C GLU B 635 27.22 1.44 31.47
N GLY B 636 27.82 0.33 31.03
CA GLY B 636 28.67 -0.45 31.92
C GLY B 636 30.12 -0.03 31.89
N ARG B 637 30.37 1.28 31.73
CA ARG B 637 31.72 1.82 31.57
C ARG B 637 32.46 1.11 30.45
N ILE B 638 31.77 0.92 29.33
CA ILE B 638 32.32 0.30 28.13
C ILE B 638 32.54 1.40 27.11
N LEU B 639 33.78 1.49 26.59
CA LEU B 639 34.14 2.57 25.68
C LEU B 639 33.96 2.09 24.25
N VAL B 640 33.14 2.78 23.48
CA VAL B 640 32.77 2.39 22.12
C VAL B 640 33.21 3.50 21.18
N GLN B 641 34.05 3.16 20.21
CA GLN B 641 34.65 4.14 19.33
C GLN B 641 34.72 3.60 17.91
N TYR B 642 34.69 4.51 16.95
CA TYR B 642 34.84 4.17 15.54
C TYR B 642 36.26 4.49 15.09
N ALA B 643 36.54 4.21 13.82
CA ALA B 643 37.85 4.52 13.27
C ALA B 643 38.04 6.03 13.17
N SER B 644 39.29 6.46 13.29
CA SER B 644 39.60 7.88 13.24
C SER B 644 40.77 8.25 12.33
N ASN B 645 41.48 7.27 11.79
CA ASN B 645 42.61 7.56 10.89
C ASN B 645 42.75 6.38 9.94
N ALA B 646 42.22 6.52 8.74
CA ALA B 646 42.27 5.47 7.73
C ALA B 646 43.46 5.69 6.79
N SER B 647 43.90 4.60 6.19
CA SER B 647 45.02 4.65 5.26
C SER B 647 44.96 3.40 4.37
N SER B 648 45.83 3.38 3.37
CA SER B 648 45.90 2.29 2.41
C SER B 648 47.15 2.44 1.55
N PRO B 649 47.75 1.36 1.07
CA PRO B 649 48.91 1.50 0.18
C PRO B 649 48.52 1.86 -1.25
N MET B 650 47.29 1.58 -1.65
CA MET B 650 46.83 1.97 -2.98
C MET B 650 46.79 3.50 -3.09
N PRO B 651 47.27 4.07 -4.19
CA PRO B 651 47.10 5.52 -4.39
C PRO B 651 45.63 5.90 -4.43
N CYS B 652 45.31 7.01 -3.79
CA CYS B 652 43.92 7.41 -3.63
C CYS B 652 43.31 7.80 -4.97
N SER B 653 41.99 7.86 -5.00
CA SER B 653 41.28 8.19 -6.23
C SER B 653 41.56 9.62 -6.65
N PRO B 654 41.92 9.86 -7.91
CA PRO B 654 42.04 11.25 -8.39
C PRO B 654 40.75 12.03 -8.27
N SER B 655 39.60 11.37 -8.46
CA SER B 655 38.32 12.03 -8.29
C SER B 655 37.99 12.26 -6.82
N GLY B 656 38.55 11.44 -5.92
CA GLY B 656 38.33 11.56 -4.50
C GLY B 656 37.29 10.63 -3.94
N HIS B 657 36.40 10.08 -4.78
CA HIS B 657 35.38 9.17 -4.32
C HIS B 657 36.01 7.86 -3.86
N TRP B 658 35.34 7.20 -2.91
CA TRP B 658 35.81 5.94 -2.34
C TRP B 658 37.21 6.09 -1.73
N SER B 659 37.44 7.23 -1.09
CA SER B 659 38.68 7.47 -0.37
C SER B 659 38.65 6.74 0.96
N PRO B 660 39.81 6.44 1.55
CA PRO B 660 39.82 5.82 2.87
C PRO B 660 39.10 6.62 3.93
N ARG B 661 39.06 7.96 3.78
CA ARG B 661 38.38 8.79 4.76
C ARG B 661 36.89 8.50 4.84
N GLU B 662 36.32 7.84 3.84
CA GLU B 662 34.91 7.47 3.91
C GLU B 662 34.67 6.31 4.87
N ALA B 663 35.72 5.57 5.22
CA ALA B 663 35.62 4.46 6.17
C ALA B 663 35.88 4.89 7.61
N GLU B 664 35.56 6.14 7.93
CA GLU B 664 35.74 6.68 9.27
C GLU B 664 34.38 7.06 9.85
N GLY B 665 34.35 7.20 11.17
CA GLY B 665 33.13 7.64 11.81
C GLY B 665 32.05 6.57 11.75
N HIS B 666 30.84 7.00 12.14
CA HIS B 666 29.72 6.07 12.19
C HIS B 666 29.32 5.64 10.78
N PRO B 667 28.73 4.45 10.64
CA PRO B 667 28.28 4.01 9.31
C PRO B 667 27.27 4.99 8.73
N ASP B 668 27.40 5.22 7.42
CA ASP B 668 26.62 6.26 6.76
C ASP B 668 26.11 5.81 5.40
N VAL B 669 25.82 4.52 5.23
CA VAL B 669 25.31 3.97 3.99
C VAL B 669 23.82 3.74 4.13
N GLU B 670 23.05 4.25 3.16
CA GLU B 670 21.60 4.14 3.25
C GLU B 670 21.13 2.72 2.97
N GLN B 671 21.73 2.04 1.99
CA GLN B 671 21.25 0.71 1.61
C GLN B 671 22.40 -0.27 1.43
N PRO B 672 22.36 -1.41 2.12
CA PRO B 672 23.42 -2.41 1.98
C PRO B 672 23.55 -2.95 0.57
N CYS B 673 24.77 -3.35 0.22
CA CYS B 673 25.18 -3.83 -1.11
C CYS B 673 24.51 -3.03 -2.22
N LYS B 674 24.74 -1.72 -2.18
CA LYS B 674 24.54 -0.84 -3.32
C LYS B 674 25.73 0.08 -3.36
N SER B 675 26.54 -0.02 -4.42
CA SER B 675 27.80 0.70 -4.49
C SER B 675 27.59 2.19 -4.27
N SER B 676 28.13 2.71 -3.18
CA SER B 676 27.96 4.09 -2.80
C SER B 676 29.33 4.74 -2.62
N VAL B 677 29.35 6.07 -2.75
CA VAL B 677 30.60 6.83 -2.69
C VAL B 677 30.99 7.09 -1.25
N ARG B 678 30.23 6.54 -0.30
CA ARG B 678 30.47 6.77 1.11
C ARG B 678 31.12 5.57 1.79
N THR B 679 31.85 4.76 1.03
CA THR B 679 32.56 3.60 1.54
C THR B 679 34.01 3.65 1.06
N TRP B 680 34.77 2.60 1.38
CA TRP B 680 36.13 2.44 0.89
C TRP B 680 36.18 1.24 -0.04
N SER B 681 36.48 1.48 -1.32
CA SER B 681 36.61 0.42 -2.28
C SER B 681 38.07 0.23 -2.64
N PRO B 682 38.59 -1.00 -2.65
CA PRO B 682 40.03 -1.20 -2.88
C PRO B 682 40.51 -0.71 -4.23
N ASN B 683 39.63 -0.63 -5.23
CA ASN B 683 39.94 -0.01 -6.52
C ASN B 683 38.75 0.85 -6.91
N SER B 684 38.81 2.13 -6.53
CA SER B 684 37.76 3.07 -6.89
C SER B 684 37.68 3.23 -8.40
N ALA B 685 38.67 3.88 -8.99
CA ALA B 685 38.78 4.11 -10.42
C ALA B 685 37.48 4.71 -10.95
N VAL B 686 37.19 4.51 -12.23
CA VAL B 686 35.91 4.89 -12.82
C VAL B 686 35.32 3.67 -13.53
N ASN B 687 36.12 3.04 -14.38
CA ASN B 687 35.76 1.82 -15.11
C ASN B 687 36.50 0.64 -14.52
N PRO B 688 35.85 -0.48 -14.26
CA PRO B 688 36.55 -1.63 -13.69
C PRO B 688 37.48 -2.30 -14.69
N HIS B 689 38.55 -2.90 -14.16
CA HIS B 689 39.58 -3.58 -14.95
C HIS B 689 40.33 -2.64 -15.87
N THR B 690 40.23 -1.32 -15.65
CA THR B 690 41.15 -0.40 -16.30
C THR B 690 42.53 -0.49 -15.69
N VAL B 691 42.63 -0.97 -14.46
CA VAL B 691 43.89 -1.23 -13.78
C VAL B 691 44.05 -2.73 -13.66
N PRO B 692 45.21 -3.30 -14.00
CA PRO B 692 45.41 -4.74 -13.81
C PRO B 692 45.24 -5.10 -12.35
N PRO B 693 44.81 -6.34 -12.05
CA PRO B 693 44.41 -6.72 -10.69
C PRO B 693 45.30 -6.14 -9.59
N ALA B 694 44.69 -5.33 -8.72
CA ALA B 694 45.46 -4.60 -7.72
C ALA B 694 45.77 -5.49 -6.52
N CYS B 695 44.75 -6.07 -5.91
CA CYS B 695 44.96 -6.94 -4.77
C CYS B 695 45.65 -8.22 -5.23
N PRO B 696 46.84 -8.52 -4.72
CA PRO B 696 47.53 -9.76 -5.14
C PRO B 696 46.87 -10.99 -4.52
N GLU B 697 47.24 -12.13 -5.07
CA GLU B 697 46.68 -13.40 -4.62
C GLU B 697 46.96 -13.72 -3.15
N PRO B 698 48.19 -13.59 -2.64
CA PRO B 698 48.44 -14.12 -1.28
C PRO B 698 47.79 -13.31 -0.17
N GLN B 699 47.82 -12.00 -0.25
CA GLN B 699 47.28 -11.17 0.84
C GLN B 699 46.23 -10.18 0.37
N GLY B 700 46.36 -9.63 -0.83
CA GLY B 700 45.37 -8.70 -1.33
C GLY B 700 45.54 -7.30 -0.75
N CYS B 701 44.60 -6.43 -1.13
CA CYS B 701 44.61 -5.06 -0.65
C CYS B 701 44.27 -5.03 0.83
N TYR B 702 44.56 -3.90 1.48
CA TYR B 702 44.25 -3.78 2.89
C TYR B 702 43.95 -2.34 3.25
N LEU B 703 42.99 -2.15 4.15
CA LEU B 703 42.66 -0.85 4.71
C LEU B 703 43.09 -0.82 6.16
N GLU B 704 43.87 0.20 6.53
CA GLU B 704 44.41 0.31 7.87
C GLU B 704 43.65 1.40 8.62
N LEU B 705 42.83 0.98 9.58
CA LEU B 705 42.06 1.90 10.39
C LEU B 705 42.73 2.06 11.76
N GLU B 706 42.65 3.27 12.30
CA GLU B 706 43.24 3.58 13.60
C GLU B 706 42.18 4.18 14.51
N PHE B 707 42.18 3.74 15.76
CA PHE B 707 41.21 4.22 16.75
C PHE B 707 41.85 5.26 17.65
N LEU B 708 41.04 6.22 18.09
CA LEU B 708 41.57 7.36 18.82
C LEU B 708 42.17 6.94 20.16
N TYR B 709 41.51 6.04 20.88
CA TYR B 709 41.94 5.67 22.23
C TYR B 709 42.36 4.21 22.25
N PRO B 710 43.66 3.92 22.23
CA PRO B 710 44.10 2.53 22.33
C PRO B 710 43.70 1.91 23.67
N LEU B 711 43.30 0.65 23.64
CA LEU B 711 42.82 -0.06 24.82
C LEU B 711 42.73 -1.54 24.49
N VAL B 712 42.36 -2.33 25.50
CA VAL B 712 42.17 -3.77 25.35
C VAL B 712 40.73 -4.00 24.91
N PRO B 713 40.50 -4.49 23.69
CA PRO B 713 39.14 -4.63 23.18
C PRO B 713 38.50 -5.96 23.54
N GLU B 714 37.19 -6.01 23.38
CA GLU B 714 36.41 -7.24 23.57
C GLU B 714 35.73 -7.69 22.30
N SER B 715 35.05 -6.79 21.59
CA SER B 715 34.41 -7.12 20.32
C SER B 715 34.71 -6.04 19.30
N LEU B 716 34.70 -6.42 18.04
CA LEU B 716 35.00 -5.51 16.94
C LEU B 716 33.97 -5.70 15.83
N THR B 717 33.37 -4.61 15.38
CA THR B 717 32.33 -4.63 14.38
C THR B 717 32.81 -3.92 13.12
N ILE B 718 32.59 -4.54 11.97
CA ILE B 718 32.98 -3.97 10.69
C ILE B 718 31.76 -3.96 9.78
N TRP B 719 31.45 -2.79 9.21
CA TRP B 719 30.30 -2.65 8.32
C TRP B 719 30.79 -2.84 6.89
N VAL B 720 30.76 -4.08 6.43
CA VAL B 720 31.04 -4.38 5.03
C VAL B 720 29.72 -4.27 4.27
N THR B 721 29.66 -3.34 3.31
CA THR B 721 28.39 -3.02 2.67
C THR B 721 28.16 -3.82 1.38
N PHE B 722 29.06 -3.70 0.41
CA PHE B 722 28.89 -4.33 -0.89
C PHE B 722 29.99 -5.36 -1.10
N VAL B 723 29.59 -6.57 -1.48
CA VAL B 723 30.52 -7.65 -1.82
C VAL B 723 30.14 -8.17 -3.19
N SER B 724 31.15 -8.45 -4.02
CA SER B 724 30.90 -8.92 -5.37
C SER B 724 30.21 -10.28 -5.36
N THR B 725 29.50 -10.56 -6.45
CA THR B 725 28.72 -11.80 -6.53
C THR B 725 29.61 -13.02 -6.48
N ASP B 726 30.76 -12.98 -7.14
CA ASP B 726 31.65 -14.14 -7.15
C ASP B 726 32.15 -14.48 -5.76
N TRP B 727 32.50 -13.45 -4.97
CA TRP B 727 32.98 -13.66 -3.60
C TRP B 727 31.81 -13.65 -2.62
N ASP B 728 30.93 -14.63 -2.79
CA ASP B 728 29.72 -14.74 -1.96
C ASP B 728 30.11 -15.25 -0.57
N SER B 729 30.73 -14.35 0.19
CA SER B 729 31.18 -14.58 1.56
C SER B 729 32.17 -15.74 1.66
N SER B 730 32.73 -16.19 0.55
CA SER B 730 33.72 -17.26 0.56
C SER B 730 35.15 -16.72 0.65
N GLY B 731 35.39 -15.89 1.65
CA GLY B 731 36.68 -15.27 1.84
C GLY B 731 36.80 -13.83 1.37
N ALA B 732 35.73 -13.04 1.46
CA ALA B 732 35.81 -11.64 1.06
C ALA B 732 36.82 -10.88 1.91
N VAL B 733 36.71 -11.01 3.23
CA VAL B 733 37.67 -10.42 4.17
C VAL B 733 38.69 -11.50 4.48
N ASN B 734 39.84 -11.44 3.80
CA ASN B 734 40.84 -12.49 3.95
C ASN B 734 41.42 -12.53 5.37
N ASP B 735 41.72 -11.36 5.94
CA ASP B 735 42.28 -11.30 7.28
C ASP B 735 41.86 -10.01 7.95
N ILE B 736 41.94 -10.00 9.28
CA ILE B 736 41.77 -8.79 10.08
C ILE B 736 42.86 -8.82 11.13
N LYS B 737 43.94 -8.06 10.90
CA LYS B 737 45.09 -8.07 11.79
C LYS B 737 44.99 -6.91 12.78
N LEU B 738 44.91 -7.24 14.07
CA LEU B 738 44.97 -6.22 15.10
C LEU B 738 46.42 -5.85 15.37
N LEU B 739 46.69 -4.54 15.39
CA LEU B 739 48.03 -4.03 15.68
C LEU B 739 48.08 -3.60 17.14
N ALA B 740 49.09 -4.06 17.85
CA ALA B 740 49.23 -3.77 19.26
C ALA B 740 49.99 -2.47 19.47
N VAL B 741 49.91 -1.96 20.71
CA VAL B 741 50.69 -0.79 21.07
C VAL B 741 52.18 -1.11 21.05
N SER B 742 52.54 -2.34 21.42
CA SER B 742 53.93 -2.78 21.37
C SER B 742 54.39 -3.14 19.96
N GLY B 743 53.47 -3.21 18.99
CA GLY B 743 53.82 -3.49 17.61
C GLY B 743 53.52 -4.90 17.15
N LYS B 744 53.20 -5.82 18.05
CA LYS B 744 52.89 -7.19 17.64
C LYS B 744 51.54 -7.23 16.92
N ASN B 745 51.42 -8.20 16.02
CA ASN B 745 50.23 -8.35 15.19
C ASN B 745 49.49 -9.62 15.55
N ILE B 746 48.16 -9.51 15.67
CA ILE B 746 47.29 -10.65 15.97
C ILE B 746 46.38 -10.87 14.77
N SER B 747 46.48 -12.04 14.15
CA SER B 747 45.71 -12.35 12.96
C SER B 747 44.46 -13.14 13.33
N LEU B 748 43.30 -12.67 12.86
CA LEU B 748 42.03 -13.31 13.16
C LEU B 748 41.56 -14.27 12.08
N GLY B 749 42.21 -14.30 10.93
CA GLY B 749 41.84 -15.22 9.88
C GLY B 749 40.63 -14.76 9.09
N PRO B 750 40.26 -15.52 8.07
CA PRO B 750 39.14 -15.11 7.22
C PRO B 750 37.82 -15.08 7.96
N GLN B 751 36.93 -14.20 7.49
CA GLN B 751 35.60 -14.04 8.06
C GLN B 751 34.58 -14.14 6.94
N ASN B 752 33.31 -14.17 7.34
CA ASN B 752 32.18 -14.18 6.42
C ASN B 752 31.36 -12.92 6.62
N VAL B 753 30.84 -12.38 5.52
CA VAL B 753 30.17 -11.08 5.54
C VAL B 753 28.90 -11.17 4.72
N PHE B 754 27.87 -10.44 5.18
CA PHE B 754 26.62 -10.28 4.45
C PHE B 754 26.41 -8.81 4.13
N CYS B 755 25.23 -8.49 3.60
CA CYS B 755 24.89 -7.10 3.32
C CYS B 755 24.40 -6.38 4.57
N ASP B 756 23.28 -6.84 5.12
CA ASP B 756 22.55 -6.08 6.13
C ASP B 756 23.23 -6.15 7.49
N VAL B 757 23.78 -7.30 7.85
CA VAL B 757 24.30 -7.54 9.19
C VAL B 757 25.79 -7.21 9.21
N PRO B 758 26.22 -6.25 10.02
CA PRO B 758 27.65 -5.98 10.13
C PRO B 758 28.40 -7.18 10.70
N LEU B 759 29.61 -7.39 10.19
CA LEU B 759 30.44 -8.51 10.63
C LEU B 759 31.00 -8.20 12.00
N THR B 760 30.56 -8.95 13.02
CA THR B 760 31.03 -8.76 14.38
C THR B 760 31.91 -9.93 14.79
N ILE B 761 33.00 -9.62 15.48
CA ILE B 761 33.94 -10.62 15.96
C ILE B 761 34.14 -10.40 17.45
N ARG B 762 34.22 -11.49 18.20
CA ARG B 762 34.52 -11.43 19.63
C ARG B 762 35.98 -11.82 19.83
N LEU B 763 36.77 -10.87 20.34
CA LEU B 763 38.19 -11.11 20.54
C LEU B 763 38.41 -11.81 21.88
N TRP B 764 39.13 -12.93 21.84
CA TRP B 764 39.23 -13.85 22.97
C TRP B 764 40.60 -13.69 23.61
N ASP B 765 40.64 -12.97 24.73
CA ASP B 765 41.84 -12.80 25.54
C ASP B 765 42.99 -12.26 24.69
N VAL B 766 42.80 -11.02 24.25
CA VAL B 766 43.90 -10.30 23.60
C VAL B 766 44.96 -9.93 24.62
N GLY B 767 44.54 -9.47 25.80
CA GLY B 767 45.44 -9.24 26.91
C GLY B 767 46.34 -8.03 26.80
N GLU B 768 46.18 -7.21 25.77
CA GLU B 768 47.06 -6.07 25.57
C GLU B 768 46.36 -5.06 24.68
N GLU B 769 46.68 -3.77 24.90
CA GLU B 769 45.97 -2.69 24.24
C GLU B 769 46.18 -2.72 22.73
N VAL B 770 45.12 -2.41 21.99
CA VAL B 770 45.13 -2.41 20.54
C VAL B 770 44.73 -1.02 20.06
N TYR B 771 45.53 -0.46 19.15
CA TYR B 771 45.28 0.89 18.65
C TYR B 771 44.74 0.93 17.23
N GLY B 772 44.85 -0.15 16.46
CA GLY B 772 44.39 -0.12 15.08
C GLY B 772 44.21 -1.51 14.52
N ILE B 773 43.52 -1.55 13.38
CA ILE B 773 43.25 -2.80 12.68
C ILE B 773 43.64 -2.64 11.22
N GLN B 774 43.88 -3.78 10.57
CA GLN B 774 44.13 -3.84 9.14
C GLN B 774 43.21 -4.89 8.55
N ILE B 775 42.28 -4.45 7.71
CA ILE B 775 41.31 -5.32 7.06
C ILE B 775 41.85 -5.65 5.69
N TYR B 776 42.24 -6.90 5.48
CA TYR B 776 42.70 -7.36 4.19
C TYR B 776 41.52 -7.86 3.36
N THR B 777 41.73 -7.90 2.05
CA THR B 777 40.66 -8.30 1.14
C THR B 777 41.26 -8.69 -0.20
N LEU B 778 40.76 -9.79 -0.76
CA LEU B 778 41.09 -10.20 -2.12
C LEU B 778 40.05 -9.72 -3.12
N ASP B 779 39.03 -9.01 -2.68
CA ASP B 779 37.95 -8.53 -3.54
C ASP B 779 38.25 -7.12 -3.99
N GLU B 780 37.97 -6.84 -5.26
CA GLU B 780 38.19 -5.53 -5.83
C GLU B 780 36.97 -4.63 -5.75
N HIS B 781 35.89 -5.09 -5.09
CA HIS B 781 34.69 -4.29 -4.93
C HIS B 781 34.17 -4.30 -3.50
N LEU B 782 34.95 -4.82 -2.55
CA LEU B 782 34.52 -4.85 -1.16
C LEU B 782 34.48 -3.43 -0.61
N GLU B 783 33.33 -3.04 -0.05
CA GLU B 783 33.10 -1.67 0.38
C GLU B 783 32.93 -1.63 1.89
N ILE B 784 34.03 -1.44 2.61
CA ILE B 784 33.96 -1.24 4.05
C ILE B 784 33.36 0.11 4.34
N ASP B 785 32.35 0.15 5.19
CA ASP B 785 31.61 1.37 5.50
C ASP B 785 32.10 2.07 6.77
N ALA B 786 32.43 1.30 7.80
CA ALA B 786 32.90 1.86 9.06
C ALA B 786 33.63 0.77 9.82
N ALA B 787 33.89 1.02 11.10
CA ALA B 787 34.46 0.03 12.00
C ALA B 787 33.91 0.29 13.40
N MET B 788 34.50 -0.37 14.39
CA MET B 788 34.04 -0.25 15.77
C MET B 788 35.02 -0.99 16.65
N LEU B 789 35.15 -0.55 17.90
CA LEU B 789 36.00 -1.25 18.86
C LEU B 789 35.35 -1.13 20.24
N THR B 790 34.57 -2.15 20.60
CA THR B 790 33.97 -2.20 21.93
C THR B 790 35.03 -2.61 22.95
N SER B 791 35.09 -1.88 24.06
CA SER B 791 36.08 -2.13 25.08
C SER B 791 35.59 -3.20 26.06
N THR B 792 36.49 -3.66 26.91
CA THR B 792 36.10 -4.55 27.99
C THR B 792 35.40 -3.75 29.09
N ALA B 793 34.67 -4.47 29.94
CA ALA B 793 33.96 -3.81 31.03
C ALA B 793 34.94 -3.15 31.99
N ASP B 794 34.55 -1.97 32.48
CA ASP B 794 35.36 -1.18 33.41
C ASP B 794 36.73 -0.87 32.81
N THR B 795 36.72 -0.30 31.61
CA THR B 795 37.96 0.12 30.98
C THR B 795 38.58 1.28 31.76
N PRO B 796 39.91 1.40 31.75
CA PRO B 796 40.55 2.43 32.58
C PRO B 796 40.09 3.85 32.28
N LEU B 797 39.76 4.17 31.03
CA LEU B 797 39.38 5.54 30.70
C LEU B 797 38.06 5.93 31.36
N CYS B 798 37.10 5.01 31.42
CA CYS B 798 35.74 5.35 31.83
C CYS B 798 35.54 5.33 33.34
N LEU B 799 36.56 4.96 34.12
CA LEU B 799 36.39 4.91 35.58
C LEU B 799 36.18 6.30 36.16
N GLN B 800 36.88 7.30 35.63
CA GLN B 800 36.80 8.66 36.17
C GLN B 800 35.53 9.38 35.79
N CYS B 801 34.74 8.84 34.86
CA CYS B 801 33.50 9.50 34.46
C CYS B 801 32.47 9.45 35.59
N LYS B 802 31.65 10.50 35.66
CA LYS B 802 30.62 10.61 36.68
C LYS B 802 29.27 10.27 36.07
N PRO B 803 28.58 9.23 36.52
CA PRO B 803 27.30 8.86 35.92
C PRO B 803 26.21 9.89 36.22
N LEU B 804 25.25 9.96 35.32
CA LEU B 804 24.06 10.78 35.54
C LEU B 804 23.20 10.16 36.64
N LYS B 805 22.35 10.99 37.23
CA LYS B 805 21.43 10.54 38.26
C LYS B 805 20.02 10.99 37.89
N TYR B 806 19.04 10.40 38.55
CA TYR B 806 17.65 10.68 38.23
C TYR B 806 16.87 10.96 39.50
N LYS B 807 15.87 11.83 39.38
CA LYS B 807 15.01 12.20 40.51
C LYS B 807 13.57 11.99 40.07
N VAL B 808 12.86 11.12 40.76
CA VAL B 808 11.48 10.79 40.41
C VAL B 808 10.55 11.62 41.27
N VAL B 809 9.60 12.29 40.65
CA VAL B 809 8.61 13.10 41.35
C VAL B 809 7.22 12.60 41.01
N ARG B 810 6.35 12.56 42.01
CA ARG B 810 5.01 12.02 41.89
C ARG B 810 4.00 13.08 42.33
N ASP B 811 2.82 13.03 41.71
CA ASP B 811 1.85 14.12 41.84
C ASP B 811 1.49 14.41 43.29
N PRO B 812 1.13 13.45 44.13
CA PRO B 812 1.24 13.67 45.57
C PRO B 812 2.70 13.62 45.98
N PRO B 813 3.17 14.62 46.72
CA PRO B 813 4.61 14.68 47.04
C PRO B 813 5.07 13.46 47.83
N LEU B 814 6.28 13.00 47.52
CA LEU B 814 6.85 11.87 48.22
C LEU B 814 7.14 12.22 49.67
N GLN B 815 6.92 11.25 50.57
CA GLN B 815 7.19 11.49 51.98
C GLN B 815 8.66 11.80 52.21
N MET B 816 9.56 11.04 51.58
CA MET B 816 10.97 11.34 51.55
C MET B 816 11.43 11.24 50.10
N ASP B 817 12.20 12.23 49.66
CA ASP B 817 12.61 12.33 48.26
C ASP B 817 14.08 11.96 48.16
N VAL B 818 14.36 10.80 47.55
CA VAL B 818 15.73 10.40 47.27
C VAL B 818 16.32 11.40 46.29
N ALA B 819 17.34 12.14 46.75
CA ALA B 819 17.90 13.22 45.94
C ALA B 819 18.51 12.73 44.63
N SER B 820 18.82 11.43 44.53
CA SER B 820 19.41 10.90 43.31
C SER B 820 19.22 9.39 43.30
N ILE B 821 18.49 8.89 42.31
CA ILE B 821 18.26 7.46 42.14
C ILE B 821 19.20 7.01 41.03
N LEU B 822 20.42 6.65 41.40
CA LEU B 822 21.42 6.17 40.44
C LEU B 822 21.21 4.67 40.28
N HIS B 823 20.38 4.29 39.32
CA HIS B 823 20.08 2.89 39.06
C HIS B 823 20.53 2.55 37.64
N LEU B 824 21.50 1.65 37.53
CA LEU B 824 21.99 1.22 36.22
C LEU B 824 20.91 0.54 35.41
N ASN B 825 19.89 -0.01 36.06
CA ASN B 825 18.70 -0.51 35.39
C ASN B 825 17.62 0.56 35.22
N ARG B 826 17.80 1.73 35.85
CA ARG B 826 16.83 2.82 35.82
C ARG B 826 15.45 2.33 36.29
N LYS B 827 15.42 1.88 37.55
CA LYS B 827 14.24 1.27 38.13
C LYS B 827 13.89 1.99 39.43
N PHE B 828 12.61 2.26 39.62
CA PHE B 828 12.12 2.86 40.85
C PHE B 828 11.00 2.02 41.42
N VAL B 829 11.11 1.63 42.69
CA VAL B 829 10.11 0.83 43.38
C VAL B 829 9.42 1.73 44.40
N ASP B 830 8.13 1.95 44.20
CA ASP B 830 7.33 2.81 45.05
C ASP B 830 6.44 1.97 45.96
N MET B 831 6.52 2.23 47.26
CA MET B 831 5.76 1.47 48.24
C MET B 831 4.71 2.29 48.98
N ASP B 832 4.72 3.62 48.84
CA ASP B 832 3.79 4.48 49.56
C ASP B 832 2.54 4.75 48.72
N LEU B 833 1.91 3.67 48.28
CA LEU B 833 0.73 3.73 47.43
C LEU B 833 -0.52 3.37 48.20
N ASN B 834 -1.67 3.79 47.67
CA ASN B 834 -2.97 3.49 48.23
C ASN B 834 -3.90 3.00 47.14
N LEU B 835 -4.78 2.07 47.49
CA LEU B 835 -5.69 1.48 46.50
C LEU B 835 -6.69 2.52 46.00
N GLY B 836 -6.98 2.46 44.70
CA GLY B 836 -7.96 3.34 44.11
C GLY B 836 -7.51 4.77 43.89
N SER B 837 -6.24 5.07 44.11
CA SER B 837 -5.71 6.42 43.95
C SER B 837 -5.07 6.59 42.57
N VAL B 838 -4.90 7.85 42.18
CA VAL B 838 -4.30 8.21 40.90
C VAL B 838 -3.00 8.95 41.18
N TYR B 839 -1.93 8.51 40.53
CA TYR B 839 -0.63 9.13 40.68
C TYR B 839 -0.05 9.46 39.31
N GLN B 840 0.86 10.42 39.29
CA GLN B 840 1.58 10.81 38.08
C GLN B 840 3.06 10.86 38.40
N TYR B 841 3.86 10.22 37.56
CA TYR B 841 5.30 10.14 37.79
C TYR B 841 6.05 10.81 36.64
N TRP B 842 7.07 11.59 36.98
CA TRP B 842 7.98 12.14 35.98
C TRP B 842 9.40 12.12 36.53
N VAL B 843 10.36 12.11 35.61
CA VAL B 843 11.77 11.94 35.91
C VAL B 843 12.52 13.21 35.54
N ILE B 844 13.40 13.65 36.44
CA ILE B 844 14.26 14.81 36.22
C ILE B 844 15.69 14.32 36.22
N THR B 845 16.39 14.53 35.12
CA THR B 845 17.79 14.16 35.04
C THR B 845 18.63 15.13 35.84
N ILE B 846 19.72 14.62 36.43
CA ILE B 846 20.62 15.40 37.26
C ILE B 846 22.05 15.08 36.84
N SER B 847 22.79 16.10 36.44
CA SER B 847 24.20 16.00 36.07
C SER B 847 24.98 16.87 37.03
N GLY B 848 25.37 16.31 38.17
CA GLY B 848 26.02 17.08 39.20
C GLY B 848 25.03 17.85 40.04
N THR B 849 24.91 19.15 39.79
CA THR B 849 23.95 20.00 40.48
C THR B 849 23.00 20.71 39.54
N GLU B 850 22.98 20.33 38.26
CA GLU B 850 22.12 20.95 37.26
C GLU B 850 21.00 19.98 36.91
N GLU B 851 19.77 20.40 37.11
CA GLU B 851 18.61 19.56 36.82
C GLU B 851 18.29 19.64 35.33
N SER B 852 17.12 19.13 34.95
CA SER B 852 16.70 19.14 33.56
C SER B 852 15.19 19.32 33.50
N GLU B 853 14.68 19.43 32.28
CA GLU B 853 13.24 19.50 32.09
C GLU B 853 12.60 18.18 32.47
N PRO B 854 11.49 18.20 33.19
CA PRO B 854 10.86 16.94 33.61
C PRO B 854 10.41 16.12 32.41
N SER B 855 10.56 14.80 32.53
CA SER B 855 10.12 13.89 31.50
C SER B 855 8.60 13.87 31.43
N PRO B 856 8.03 13.44 30.31
CA PRO B 856 6.57 13.37 30.21
C PRO B 856 5.99 12.50 31.31
N ALA B 857 4.89 12.96 31.89
CA ALA B 857 4.28 12.28 33.02
C ALA B 857 3.64 10.98 32.59
N VAL B 858 3.68 9.99 33.48
CA VAL B 858 2.95 8.73 33.31
C VAL B 858 1.89 8.66 34.40
N THR B 859 0.67 8.32 34.02
CA THR B 859 -0.44 8.20 34.95
C THR B 859 -0.61 6.75 35.36
N TYR B 860 -0.89 6.54 36.64
CA TYR B 860 -0.97 5.20 37.21
C TYR B 860 -2.08 5.21 38.26
N ILE B 861 -3.16 4.48 37.99
CA ILE B 861 -4.26 4.33 38.93
C ILE B 861 -4.01 3.02 39.68
N HIS B 862 -3.53 3.13 40.92
CA HIS B 862 -3.19 1.94 41.68
C HIS B 862 -4.43 1.09 41.91
N GLY B 863 -4.27 -0.22 41.75
CA GLY B 863 -5.38 -1.14 41.83
C GLY B 863 -6.19 -1.30 40.56
N SER B 864 -5.84 -0.58 39.51
CA SER B 864 -6.51 -0.67 38.22
C SER B 864 -5.49 -1.11 37.17
N GLY B 865 -5.93 -1.13 35.91
CA GLY B 865 -5.10 -1.60 34.83
C GLY B 865 -4.16 -0.53 34.30
N TYR B 866 -3.31 -0.95 33.36
CA TYR B 866 -2.35 -0.08 32.69
C TYR B 866 -1.87 -0.81 31.44
N CYS B 867 -0.82 -0.26 30.81
CA CYS B 867 -0.21 -0.87 29.64
C CYS B 867 0.93 -1.78 30.11
N GLY B 868 0.79 -3.09 29.89
CA GLY B 868 1.79 -4.03 30.33
C GLY B 868 1.37 -4.83 31.54
N ASP B 869 0.09 -5.20 31.61
CA ASP B 869 -0.44 -5.98 32.72
C ASP B 869 -1.07 -7.29 32.32
N GLY B 870 -1.11 -7.61 31.02
CA GLY B 870 -1.68 -8.84 30.54
C GLY B 870 -3.16 -8.78 30.20
N ILE B 871 -3.83 -7.67 30.50
CA ILE B 871 -5.25 -7.50 30.20
C ILE B 871 -5.38 -6.38 29.17
N ILE B 872 -6.11 -6.64 28.10
CA ILE B 872 -6.29 -5.66 27.02
C ILE B 872 -7.45 -4.76 27.43
N GLN B 873 -7.13 -3.55 27.90
CA GLN B 873 -8.13 -2.55 28.26
C GLN B 873 -8.29 -1.61 27.07
N LYS B 874 -9.27 -1.89 26.21
CA LYS B 874 -9.42 -1.14 24.97
C LYS B 874 -9.76 0.32 25.20
N ASP B 875 -10.29 0.67 26.38
CA ASP B 875 -10.64 2.06 26.65
C ASP B 875 -9.41 2.94 26.81
N GLN B 876 -8.24 2.35 27.02
CA GLN B 876 -6.99 3.10 27.14
C GLN B 876 -6.22 3.16 25.84
N GLY B 877 -6.78 2.65 24.75
CA GLY B 877 -6.09 2.60 23.48
C GLY B 877 -5.28 1.34 23.24
N GLU B 878 -5.24 0.43 24.20
CA GLU B 878 -4.51 -0.82 24.03
C GLU B 878 -5.14 -1.67 22.93
N GLN B 879 -4.30 -2.31 22.13
CA GLN B 879 -4.76 -3.33 21.20
C GLN B 879 -4.06 -4.67 21.39
N CYS B 880 -2.97 -4.72 22.15
CA CYS B 880 -2.33 -5.97 22.55
C CYS B 880 -1.58 -5.70 23.84
N ASP B 881 -1.56 -6.71 24.71
CA ASP B 881 -0.90 -6.56 26.01
C ASP B 881 -0.35 -7.92 26.41
N ASP B 882 0.95 -8.14 26.18
CA ASP B 882 1.58 -9.42 26.40
C ASP B 882 2.51 -9.41 27.62
N MET B 883 2.22 -8.54 28.59
CA MET B 883 2.85 -8.50 29.91
C MET B 883 4.32 -8.10 29.87
N ASN B 884 4.89 -7.84 28.70
CA ASN B 884 6.30 -7.47 28.60
C ASN B 884 6.46 -6.09 28.00
N LYS B 885 7.68 -5.58 28.05
CA LYS B 885 8.04 -4.26 27.56
C LYS B 885 9.18 -4.35 26.56
N ILE B 886 9.07 -5.27 25.62
CA ILE B 886 10.12 -5.56 24.65
C ILE B 886 9.52 -5.50 23.25
N ASN B 887 10.23 -4.85 22.33
CA ASN B 887 9.78 -4.79 20.95
C ASN B 887 10.25 -6.01 20.16
N GLY B 888 9.60 -6.25 19.03
CA GLY B 888 9.93 -7.37 18.17
C GLY B 888 9.19 -8.65 18.48
N ASP B 889 8.40 -8.69 19.54
CA ASP B 889 7.64 -9.88 19.91
C ASP B 889 6.26 -9.90 19.27
N GLY B 890 5.96 -8.96 18.38
CA GLY B 890 4.67 -8.86 17.74
C GLY B 890 3.76 -7.81 18.31
N CYS B 891 4.02 -7.36 19.53
CA CYS B 891 3.27 -6.29 20.17
C CYS B 891 4.24 -5.22 20.62
N SER B 892 3.98 -3.97 20.21
CA SER B 892 4.94 -2.91 20.41
C SER B 892 5.13 -2.60 21.89
N LEU B 893 6.18 -1.84 22.18
CA LEU B 893 6.51 -1.49 23.56
C LEU B 893 5.40 -0.68 24.21
N PHE B 894 4.64 0.09 23.43
CA PHE B 894 3.57 0.93 23.94
C PHE B 894 2.20 0.27 23.83
N CYS B 895 2.16 -1.06 23.94
CA CYS B 895 0.91 -1.82 23.87
C CYS B 895 0.17 -1.55 22.57
N ARG B 896 0.92 -1.48 21.47
CA ARG B 896 0.36 -1.29 20.13
C ARG B 896 0.72 -2.47 19.26
N GLN B 897 -0.18 -2.81 18.34
CA GLN B 897 0.08 -3.91 17.42
C GLN B 897 1.20 -3.54 16.46
N GLU B 898 2.06 -4.51 16.16
CA GLU B 898 3.18 -4.28 15.26
C GLU B 898 2.69 -4.37 13.81
N VAL B 899 3.63 -4.40 12.87
CA VAL B 899 3.30 -4.47 11.45
C VAL B 899 3.20 -5.92 11.03
N SER B 900 2.08 -6.27 10.38
CA SER B 900 1.86 -7.62 9.86
C SER B 900 1.87 -8.68 10.95
N PHE B 901 1.43 -8.32 12.16
CA PHE B 901 1.35 -9.24 13.27
C PHE B 901 -0.06 -9.18 13.86
N ASN B 902 -0.67 -10.34 14.08
CA ASN B 902 -2.01 -10.43 14.65
C ASN B 902 -1.91 -11.12 16.00
N CYS B 903 -2.51 -10.49 17.02
CA CYS B 903 -2.38 -10.96 18.40
C CYS B 903 -3.74 -11.39 18.93
N ILE B 904 -3.77 -12.57 19.53
CA ILE B 904 -4.99 -13.19 20.06
C ILE B 904 -4.77 -13.57 21.52
N ASP B 905 -5.79 -14.19 22.11
CA ASP B 905 -5.77 -14.66 23.50
C ASP B 905 -5.66 -13.51 24.50
N GLU B 906 -5.77 -13.80 25.79
CA GLU B 906 -5.82 -12.73 26.78
C GLU B 906 -4.43 -12.13 27.01
N PRO B 907 -3.40 -12.91 27.39
CA PRO B 907 -2.04 -12.42 27.12
C PRO B 907 -1.78 -12.51 25.63
N SER B 908 -1.55 -11.37 24.98
CA SER B 908 -1.58 -11.33 23.53
C SER B 908 -0.48 -12.19 22.93
N ARG B 909 -0.86 -13.33 22.36
CA ARG B 909 0.04 -14.16 21.58
C ARG B 909 -0.03 -13.69 20.13
N CYS B 910 1.09 -13.25 19.60
CA CYS B 910 1.14 -12.61 18.28
C CYS B 910 1.79 -13.53 17.27
N TYR B 911 1.21 -13.60 16.09
CA TYR B 911 1.71 -14.44 15.01
C TYR B 911 1.71 -13.68 13.71
N PHE B 912 2.57 -14.11 12.79
CA PHE B 912 2.73 -13.47 11.49
C PHE B 912 1.61 -13.98 10.59
N HIS B 913 0.53 -13.19 10.48
CA HIS B 913 -0.66 -13.64 9.77
C HIS B 913 -0.44 -13.72 8.26
N ASP B 914 0.27 -12.75 7.70
CA ASP B 914 0.43 -12.66 6.25
C ASP B 914 1.29 -13.81 5.74
N GLY B 915 0.66 -14.78 5.07
CA GLY B 915 1.38 -15.87 4.47
C GLY B 915 1.41 -17.16 5.26
N ASP B 916 0.66 -17.26 6.34
CA ASP B 916 0.65 -18.47 7.16
C ASP B 916 -0.25 -19.56 6.58
N GLY B 917 -0.78 -19.35 5.37
CA GLY B 917 -1.63 -20.34 4.73
C GLY B 917 -3.08 -20.29 5.12
N VAL B 918 -3.46 -19.41 6.04
CA VAL B 918 -4.84 -19.28 6.49
C VAL B 918 -5.28 -17.85 6.21
N CYS B 919 -6.42 -17.70 5.54
CA CYS B 919 -6.98 -16.40 5.20
C CYS B 919 -8.13 -16.10 6.16
N GLU B 920 -7.93 -15.09 7.00
CA GLU B 920 -8.94 -14.67 7.97
C GLU B 920 -9.76 -13.52 7.41
N GLU B 921 -10.61 -12.93 8.26
CA GLU B 921 -11.54 -11.91 7.78
C GLU B 921 -10.84 -10.61 7.42
N PHE B 922 -9.73 -10.29 8.10
CA PHE B 922 -9.01 -9.05 7.81
C PHE B 922 -7.88 -9.23 6.81
N GLU B 923 -7.57 -10.47 6.42
CA GLU B 923 -6.54 -10.71 5.43
C GLU B 923 -7.04 -10.55 4.00
N GLN B 924 -8.36 -10.42 3.81
CA GLN B 924 -8.91 -10.39 2.45
C GLN B 924 -8.49 -9.13 1.70
N LYS B 925 -8.54 -7.97 2.35
CA LYS B 925 -8.37 -6.71 1.65
C LYS B 925 -6.90 -6.33 1.44
N THR B 926 -5.97 -6.99 2.13
CA THR B 926 -4.57 -6.60 2.06
C THR B 926 -3.64 -7.72 1.63
N SER B 927 -3.87 -8.94 2.12
CA SER B 927 -2.98 -10.07 1.80
C SER B 927 -3.36 -10.60 0.43
N ILE B 928 -2.68 -10.10 -0.60
CA ILE B 928 -2.96 -10.52 -1.97
C ILE B 928 -2.56 -11.97 -2.17
N LYS B 929 -1.45 -12.40 -1.57
CA LYS B 929 -0.94 -13.74 -1.76
C LYS B 929 -1.58 -14.78 -0.84
N ASP B 930 -2.48 -14.35 0.06
CA ASP B 930 -3.22 -15.28 0.91
C ASP B 930 -4.64 -15.52 0.39
N CYS B 931 -5.42 -14.45 0.24
CA CYS B 931 -6.81 -14.56 -0.17
C CYS B 931 -7.04 -14.19 -1.63
N GLY B 932 -5.98 -13.98 -2.39
CA GLY B 932 -6.15 -13.58 -3.77
C GLY B 932 -6.60 -12.12 -3.87
N VAL B 933 -7.12 -11.77 -5.04
CA VAL B 933 -7.63 -10.43 -5.28
C VAL B 933 -8.98 -10.28 -4.60
N TYR B 934 -9.16 -9.19 -3.87
CA TYR B 934 -10.39 -8.96 -3.12
C TYR B 934 -11.47 -8.43 -4.06
N THR B 935 -12.50 -9.25 -4.28
CA THR B 935 -13.63 -8.83 -5.10
C THR B 935 -14.72 -8.25 -4.20
N PRO B 936 -15.12 -7.00 -4.39
CA PRO B 936 -16.15 -6.42 -3.53
C PRO B 936 -17.47 -7.15 -3.68
N GLN B 937 -18.28 -7.11 -2.62
CA GLN B 937 -19.57 -7.79 -2.63
C GLN B 937 -20.45 -7.24 -3.73
N GLY B 938 -21.16 -8.13 -4.41
CA GLY B 938 -21.99 -7.76 -5.53
C GLY B 938 -21.29 -7.70 -6.87
N PHE B 939 -20.04 -8.16 -6.95
CA PHE B 939 -19.30 -8.14 -8.21
C PHE B 939 -18.78 -9.53 -8.54
N LEU B 940 -17.97 -9.63 -9.60
CA LEU B 940 -17.45 -10.91 -10.05
C LEU B 940 -16.29 -10.64 -11.00
N ASP B 941 -15.17 -11.32 -10.78
CA ASP B 941 -13.98 -11.11 -11.59
C ASP B 941 -13.81 -12.25 -12.58
N GLN B 942 -13.69 -11.91 -13.86
CA GLN B 942 -13.47 -12.87 -14.93
C GLN B 942 -12.08 -12.62 -15.49
N TRP B 943 -11.18 -13.59 -15.30
CA TRP B 943 -9.80 -13.45 -15.72
C TRP B 943 -9.65 -13.84 -17.18
N ALA B 944 -8.50 -13.48 -17.75
CA ALA B 944 -8.27 -13.69 -19.18
C ALA B 944 -8.26 -15.17 -19.51
N SER B 945 -8.91 -15.53 -20.62
CA SER B 945 -8.91 -16.89 -21.12
C SER B 945 -8.15 -17.05 -22.42
N ASN B 946 -7.68 -15.96 -23.03
CA ASN B 946 -6.86 -16.04 -24.22
C ASN B 946 -6.03 -14.77 -24.30
N ALA B 947 -4.80 -14.89 -24.80
CA ALA B 947 -3.88 -13.76 -24.83
C ALA B 947 -3.18 -13.66 -26.18
N SER B 948 -2.79 -12.44 -26.54
CA SER B 948 -1.97 -12.21 -27.71
C SER B 948 -1.08 -11.00 -27.43
N VAL B 949 0.15 -11.06 -27.95
CA VAL B 949 1.14 -10.02 -27.69
C VAL B 949 1.76 -9.57 -29.00
N SER B 950 2.33 -8.36 -28.97
CA SER B 950 3.02 -7.83 -30.16
C SER B 950 4.37 -8.50 -30.36
N HIS B 951 4.98 -9.01 -29.30
CA HIS B 951 6.28 -9.66 -29.36
C HIS B 951 6.21 -10.97 -28.60
N GLN B 952 6.23 -12.09 -29.31
CA GLN B 952 6.15 -13.42 -28.73
C GLN B 952 7.46 -14.15 -28.96
N ASP B 953 8.03 -14.71 -27.90
CA ASP B 953 9.28 -15.45 -27.98
C ASP B 953 9.23 -16.63 -27.01
N GLN B 954 10.07 -17.63 -27.28
CA GLN B 954 10.14 -18.80 -26.40
C GLN B 954 10.64 -18.40 -25.01
N GLN B 955 11.62 -17.51 -24.94
CA GLN B 955 12.14 -17.06 -23.65
C GLN B 955 11.08 -16.31 -22.86
N CYS B 956 10.30 -15.46 -23.53
CA CYS B 956 9.28 -14.63 -22.90
C CYS B 956 7.95 -14.85 -23.60
N PRO B 957 7.26 -15.95 -23.30
CA PRO B 957 5.97 -16.21 -23.92
C PRO B 957 4.91 -15.22 -23.48
N GLY B 958 3.94 -15.00 -24.37
CA GLY B 958 2.85 -14.08 -24.11
C GLY B 958 1.59 -14.69 -23.57
N TRP B 959 1.53 -16.02 -23.42
CA TRP B 959 0.35 -16.70 -22.90
C TRP B 959 0.43 -16.96 -21.41
N VAL B 960 1.42 -16.40 -20.72
CA VAL B 960 1.52 -16.59 -19.28
C VAL B 960 0.36 -15.91 -18.55
N ILE B 961 -0.09 -14.76 -19.06
CA ILE B 961 -1.14 -13.99 -18.39
C ILE B 961 -2.49 -14.68 -18.40
N ILE B 962 -2.63 -15.80 -19.13
CA ILE B 962 -3.90 -16.51 -19.18
C ILE B 962 -4.21 -17.10 -17.81
N GLY B 963 -5.43 -16.88 -17.33
CA GLY B 963 -5.87 -17.42 -16.07
C GLY B 963 -5.52 -16.54 -14.89
N GLN B 964 -5.77 -17.09 -13.70
CA GLN B 964 -5.49 -16.36 -12.47
C GLN B 964 -3.99 -16.13 -12.32
N PRO B 965 -3.58 -15.01 -11.75
CA PRO B 965 -2.15 -14.70 -11.64
C PRO B 965 -1.53 -15.37 -10.43
N ALA B 966 -0.19 -15.31 -10.39
CA ALA B 966 0.58 -15.81 -9.25
C ALA B 966 0.74 -14.66 -8.26
N ALA B 967 -0.11 -14.65 -7.23
CA ALA B 967 -0.12 -13.55 -6.26
C ALA B 967 1.07 -13.59 -5.30
N SER B 968 1.78 -14.73 -5.23
CA SER B 968 2.91 -14.82 -4.33
C SER B 968 4.07 -13.91 -4.75
N GLN B 969 4.15 -13.55 -6.03
CA GLN B 969 5.25 -12.73 -6.51
C GLN B 969 5.14 -11.31 -5.97
N VAL B 970 6.28 -10.77 -5.53
CA VAL B 970 6.36 -9.41 -5.03
C VAL B 970 6.92 -8.52 -6.13
N CYS B 971 6.33 -7.34 -6.30
CA CYS B 971 6.74 -6.45 -7.38
C CYS B 971 8.17 -5.94 -7.16
N ARG B 972 8.84 -5.67 -8.27
CA ARG B 972 10.19 -5.14 -8.28
C ARG B 972 10.22 -3.86 -9.09
N THR B 973 10.95 -2.86 -8.59
CA THR B 973 11.02 -1.55 -9.22
C THR B 973 12.47 -1.18 -9.47
N LYS B 974 12.75 -0.66 -10.67
CA LYS B 974 14.07 -0.16 -11.04
C LYS B 974 15.12 -1.26 -10.96
N VAL B 975 14.91 -2.30 -11.75
CA VAL B 975 15.86 -3.41 -11.87
C VAL B 975 16.15 -3.61 -13.35
N ILE B 976 17.44 -3.70 -13.70
CA ILE B 976 17.83 -3.78 -15.10
C ILE B 976 17.45 -5.13 -15.70
N ASP B 977 17.70 -6.20 -14.97
CA ASP B 977 17.46 -7.56 -15.46
C ASP B 977 16.09 -8.04 -15.04
N LEU B 978 15.30 -8.53 -16.01
CA LEU B 978 13.97 -9.07 -15.75
C LEU B 978 13.90 -10.56 -16.02
N SER B 979 15.04 -11.25 -16.07
CA SER B 979 15.07 -12.68 -16.35
C SER B 979 15.04 -13.52 -15.08
N GLU B 980 14.89 -12.90 -13.91
CA GLU B 980 14.87 -13.62 -12.64
C GLU B 980 13.49 -14.21 -12.35
N GLY B 981 13.06 -15.10 -13.24
CA GLY B 981 11.82 -15.81 -13.06
C GLY B 981 10.56 -15.01 -13.36
N ILE B 982 10.70 -13.80 -13.88
CA ILE B 982 9.52 -12.98 -14.17
C ILE B 982 8.70 -13.62 -15.30
N SER B 983 9.37 -14.09 -16.35
CA SER B 983 8.66 -14.69 -17.47
C SER B 983 7.95 -15.98 -17.09
N GLN B 984 8.38 -16.65 -16.02
CA GLN B 984 7.73 -17.88 -15.59
C GLN B 984 6.40 -17.62 -14.90
N HIS B 985 6.17 -16.39 -14.42
CA HIS B 985 4.93 -16.03 -13.76
C HIS B 985 4.19 -14.89 -14.43
N ALA B 986 4.84 -14.11 -15.28
CA ALA B 986 4.21 -13.01 -15.99
C ALA B 986 4.79 -12.95 -17.40
N TRP B 987 4.42 -11.91 -18.14
CA TRP B 987 4.95 -11.69 -19.48
C TRP B 987 5.63 -10.34 -19.53
N TYR B 988 6.86 -10.30 -20.04
CA TYR B 988 7.55 -9.05 -20.31
C TYR B 988 8.23 -9.17 -21.66
N PRO B 989 8.26 -8.10 -22.44
CA PRO B 989 8.79 -8.16 -23.83
C PRO B 989 10.31 -8.24 -23.91
N CYS B 990 10.82 -9.46 -23.77
CA CYS B 990 12.26 -9.69 -23.84
C CYS B 990 12.80 -9.71 -25.26
N THR B 991 11.93 -9.79 -26.27
CA THR B 991 12.40 -9.86 -27.65
C THR B 991 13.13 -8.60 -28.06
N ILE B 992 12.60 -7.43 -27.66
CA ILE B 992 13.22 -6.17 -28.05
C ILE B 992 14.51 -5.97 -27.27
N SER B 993 15.40 -5.17 -27.86
CA SER B 993 16.62 -4.76 -27.19
C SER B 993 16.38 -3.49 -26.38
N TYR B 994 17.25 -3.24 -25.41
CA TYR B 994 17.11 -2.07 -24.57
C TYR B 994 17.49 -0.82 -25.37
N PRO B 995 16.57 0.12 -25.56
CA PRO B 995 16.89 1.32 -26.35
C PRO B 995 17.40 2.47 -25.49
N TYR B 996 18.45 3.12 -25.98
CA TYR B 996 18.95 4.33 -25.33
C TYR B 996 18.20 5.57 -25.80
N SER B 997 17.82 5.60 -27.07
CA SER B 997 17.05 6.72 -27.62
C SER B 997 15.84 6.27 -28.44
N GLN B 998 15.67 4.97 -28.64
CA GLN B 998 14.55 4.45 -29.42
C GLN B 998 13.38 4.02 -28.55
N LEU B 999 13.42 4.33 -27.26
CA LEU B 999 12.34 3.94 -26.36
C LEU B 999 11.02 4.61 -26.70
N ALA B 1000 11.06 5.76 -27.37
CA ALA B 1000 9.85 6.46 -27.79
C ALA B 1000 9.45 6.12 -29.22
N GLN B 1001 10.16 5.22 -29.88
CA GLN B 1001 9.87 4.86 -31.26
C GLN B 1001 9.06 3.59 -31.40
N THR B 1002 9.04 2.73 -30.37
CA THR B 1002 8.32 1.46 -30.42
C THR B 1002 7.21 1.48 -29.39
N THR B 1003 6.00 1.14 -29.83
CA THR B 1003 4.83 1.05 -28.96
C THR B 1003 4.50 -0.42 -28.73
N PHE B 1004 4.42 -0.82 -27.47
CA PHE B 1004 4.15 -2.21 -27.10
C PHE B 1004 2.69 -2.34 -26.68
N TRP B 1005 2.11 -3.49 -26.97
CA TRP B 1005 0.71 -3.72 -26.65
C TRP B 1005 0.44 -5.20 -26.49
N LEU B 1006 -0.56 -5.52 -25.68
CA LEU B 1006 -1.11 -6.86 -25.60
C LEU B 1006 -2.63 -6.78 -25.60
N ARG B 1007 -3.26 -7.87 -26.03
CA ARG B 1007 -4.71 -7.94 -26.12
C ARG B 1007 -5.16 -9.27 -25.56
N ALA B 1008 -6.05 -9.22 -24.56
CA ALA B 1008 -6.54 -10.42 -23.88
C ALA B 1008 -8.02 -10.58 -24.20
N TYR B 1009 -8.36 -11.72 -24.80
CA TYR B 1009 -9.74 -12.09 -25.05
C TYR B 1009 -10.26 -12.93 -23.89
N PHE B 1010 -11.54 -12.76 -23.59
CA PHE B 1010 -12.19 -13.43 -22.47
C PHE B 1010 -13.21 -14.43 -23.00
N SER B 1011 -13.47 -15.47 -22.19
CA SER B 1011 -14.37 -16.53 -22.62
C SER B 1011 -15.80 -16.02 -22.78
N GLN B 1012 -16.32 -15.33 -21.78
CA GLN B 1012 -17.70 -14.86 -21.77
C GLN B 1012 -17.74 -13.34 -21.76
N PRO B 1013 -18.00 -12.69 -22.89
CA PRO B 1013 -18.12 -11.22 -22.87
C PRO B 1013 -19.26 -10.79 -21.96
N MET B 1014 -19.02 -9.70 -21.24
CA MET B 1014 -19.98 -9.19 -20.28
C MET B 1014 -19.77 -7.69 -20.12
N VAL B 1015 -20.55 -7.09 -19.21
CA VAL B 1015 -20.38 -5.67 -18.92
C VAL B 1015 -18.98 -5.45 -18.34
N ALA B 1016 -18.45 -4.26 -18.57
CA ALA B 1016 -17.12 -3.89 -18.08
C ALA B 1016 -17.29 -2.82 -17.00
N ALA B 1017 -17.29 -3.23 -15.74
CA ALA B 1017 -17.36 -2.27 -14.65
C ALA B 1017 -15.98 -1.78 -14.24
N ALA B 1018 -14.98 -2.65 -14.28
CA ALA B 1018 -13.61 -2.24 -14.00
C ALA B 1018 -12.66 -3.22 -14.67
N VAL B 1019 -11.39 -2.79 -14.81
CA VAL B 1019 -10.34 -3.63 -15.36
C VAL B 1019 -9.26 -3.81 -14.31
N ILE B 1020 -8.89 -5.06 -14.05
CA ILE B 1020 -7.88 -5.39 -13.06
C ILE B 1020 -6.64 -5.88 -13.79
N VAL B 1021 -5.53 -5.18 -13.63
CA VAL B 1021 -4.26 -5.54 -14.25
C VAL B 1021 -3.25 -5.80 -13.14
N HIS B 1022 -2.83 -7.06 -13.01
CA HIS B 1022 -1.82 -7.43 -12.03
C HIS B 1022 -0.43 -7.22 -12.62
N LEU B 1023 0.39 -6.44 -11.92
CA LEU B 1023 1.69 -6.03 -12.42
C LEU B 1023 2.81 -6.71 -11.64
N VAL B 1024 3.98 -6.79 -12.27
CA VAL B 1024 5.16 -7.37 -11.63
C VAL B 1024 6.23 -6.30 -11.51
N THR B 1025 6.25 -5.36 -12.45
CA THR B 1025 7.23 -4.26 -12.43
C THR B 1025 6.52 -2.96 -12.74
N ASP B 1026 7.13 -1.86 -12.30
CA ASP B 1026 6.65 -0.52 -12.61
C ASP B 1026 7.17 0.01 -13.94
N GLY B 1027 8.02 -0.75 -14.63
CA GLY B 1027 8.57 -0.28 -15.88
C GLY B 1027 9.58 0.83 -15.75
N THR B 1028 10.20 0.97 -14.58
CA THR B 1028 11.17 2.03 -14.33
C THR B 1028 12.59 1.49 -14.51
N TYR B 1029 13.43 2.31 -15.13
CA TYR B 1029 14.83 1.98 -15.35
C TYR B 1029 15.70 2.77 -14.39
N TYR B 1030 16.93 2.28 -14.21
CA TYR B 1030 17.87 2.97 -13.32
C TYR B 1030 18.23 4.35 -13.85
N GLY B 1031 18.44 4.47 -15.16
CA GLY B 1031 18.80 5.73 -15.77
C GLY B 1031 17.66 6.68 -16.04
N ASP B 1032 16.42 6.27 -15.74
CA ASP B 1032 15.25 7.11 -15.96
C ASP B 1032 14.45 7.15 -14.65
N GLN B 1033 14.55 8.27 -13.94
CA GLN B 1033 13.78 8.42 -12.71
C GLN B 1033 12.29 8.53 -13.00
N LYS B 1034 11.92 9.06 -14.16
CA LYS B 1034 10.51 9.16 -14.52
C LYS B 1034 9.91 7.78 -14.70
N GLN B 1035 8.68 7.61 -14.20
CA GLN B 1035 8.00 6.33 -14.24
C GLN B 1035 7.33 6.15 -15.60
N GLU B 1036 6.53 5.09 -15.73
CA GLU B 1036 5.87 4.75 -16.98
C GLU B 1036 4.36 4.80 -16.80
N THR B 1037 3.66 5.00 -17.91
CA THR B 1037 2.21 5.04 -17.95
C THR B 1037 1.70 4.08 -19.02
N ILE B 1038 0.55 3.47 -18.76
CA ILE B 1038 -0.05 2.51 -19.68
C ILE B 1038 -1.42 3.01 -20.10
N SER B 1039 -1.76 2.79 -21.36
CA SER B 1039 -3.06 3.11 -21.91
C SER B 1039 -3.83 1.82 -22.14
N VAL B 1040 -5.01 1.72 -21.54
CA VAL B 1040 -5.84 0.52 -21.61
C VAL B 1040 -7.08 0.85 -22.43
N GLN B 1041 -7.39 0.00 -23.40
CA GLN B 1041 -8.53 0.18 -24.28
C GLN B 1041 -9.44 -1.04 -24.19
N LEU B 1042 -10.75 -0.80 -24.21
CA LEU B 1042 -11.75 -1.85 -24.17
C LEU B 1042 -12.32 -2.06 -25.56
N LEU B 1043 -12.45 -3.33 -25.95
CA LEU B 1043 -13.07 -3.71 -27.21
C LEU B 1043 -14.39 -4.39 -26.93
N ASP B 1044 -15.46 -3.90 -27.55
CA ASP B 1044 -16.78 -4.47 -27.35
C ASP B 1044 -16.98 -5.66 -28.28
N THR B 1045 -18.22 -6.16 -28.37
CA THR B 1045 -18.51 -7.28 -29.26
C THR B 1045 -18.38 -6.89 -30.73
N LYS B 1046 -18.41 -5.61 -31.05
CA LYS B 1046 -18.28 -5.12 -32.41
C LYS B 1046 -16.90 -4.60 -32.73
N ASP B 1047 -15.91 -4.90 -31.87
CA ASP B 1047 -14.51 -4.50 -32.07
C ASP B 1047 -14.37 -2.98 -32.20
N GLN B 1048 -15.01 -2.27 -31.28
CA GLN B 1048 -14.86 -0.83 -31.15
C GLN B 1048 -14.04 -0.51 -29.92
N SER B 1049 -13.02 0.33 -30.08
CA SER B 1049 -12.11 0.65 -28.99
C SER B 1049 -12.70 1.76 -28.14
N HIS B 1050 -13.04 1.45 -26.89
CA HIS B 1050 -13.52 2.43 -25.92
C HIS B 1050 -12.40 2.65 -24.91
N ASP B 1051 -11.61 3.69 -25.13
CA ASP B 1051 -10.44 3.95 -24.29
C ASP B 1051 -10.87 4.32 -22.88
N LEU B 1052 -10.15 3.79 -21.90
CA LEU B 1052 -10.40 4.08 -20.49
C LEU B 1052 -9.50 5.18 -19.95
N GLY B 1053 -8.44 5.52 -20.65
CA GLY B 1053 -7.52 6.57 -20.24
C GLY B 1053 -6.12 6.02 -19.99
N LEU B 1054 -5.21 6.97 -19.77
CA LEU B 1054 -3.82 6.66 -19.47
C LEU B 1054 -3.61 6.69 -17.97
N HIS B 1055 -3.02 5.63 -17.42
CA HIS B 1055 -2.87 5.46 -15.98
C HIS B 1055 -1.41 5.22 -15.63
N VAL B 1056 -0.98 5.83 -14.53
CA VAL B 1056 0.41 5.71 -14.10
C VAL B 1056 0.66 4.31 -13.53
N LEU B 1057 1.94 3.93 -13.50
CA LEU B 1057 2.36 2.62 -13.03
C LEU B 1057 3.03 2.78 -11.67
N SER B 1058 2.34 2.36 -10.61
CA SER B 1058 2.88 2.36 -9.27
C SER B 1058 2.61 1.02 -8.60
N CYS B 1059 3.61 0.49 -7.91
CA CYS B 1059 3.49 -0.79 -7.25
C CYS B 1059 3.01 -0.69 -5.81
N ARG B 1060 2.72 0.52 -5.33
CA ARG B 1060 2.10 0.67 -4.02
C ARG B 1060 0.67 0.16 -4.02
N ASN B 1061 0.06 0.00 -5.19
CA ASN B 1061 -1.27 -0.57 -5.37
C ASN B 1061 -1.24 -1.60 -6.50
N ASN B 1062 -0.26 -2.52 -6.42
CA ASN B 1062 0.11 -3.47 -7.46
C ASN B 1062 -1.07 -4.05 -8.24
N PRO B 1063 -2.18 -4.46 -7.58
CA PRO B 1063 -3.38 -4.77 -8.35
C PRO B 1063 -3.98 -3.49 -8.91
N LEU B 1064 -3.76 -3.24 -10.20
CA LEU B 1064 -4.15 -1.97 -10.80
C LEU B 1064 -5.62 -2.02 -11.17
N ILE B 1065 -6.42 -1.20 -10.51
CA ILE B 1065 -7.86 -1.12 -10.76
C ILE B 1065 -8.12 0.11 -11.62
N ILE B 1066 -8.57 -0.11 -12.84
CA ILE B 1066 -8.95 0.95 -13.76
C ILE B 1066 -10.47 0.98 -13.82
N PRO B 1067 -11.13 1.95 -13.20
CA PRO B 1067 -12.59 2.00 -13.27
C PRO B 1067 -13.06 2.40 -14.66
N VAL B 1068 -14.26 1.98 -15.00
CA VAL B 1068 -14.87 2.30 -16.27
C VAL B 1068 -15.88 3.42 -16.05
N VAL B 1069 -15.69 4.53 -16.76
CA VAL B 1069 -16.57 5.69 -16.64
C VAL B 1069 -17.49 5.63 -17.86
N HIS B 1070 -18.63 4.99 -17.68
CA HIS B 1070 -19.60 4.78 -18.75
C HIS B 1070 -20.79 5.70 -18.52
N ASP B 1071 -21.09 6.54 -19.51
CA ASP B 1071 -22.25 7.41 -19.42
C ASP B 1071 -23.52 6.59 -19.39
N LEU B 1072 -24.49 7.02 -18.57
CA LEU B 1072 -25.66 6.20 -18.33
C LEU B 1072 -26.70 6.34 -19.44
N SER B 1073 -26.62 7.37 -20.27
CA SER B 1073 -27.53 7.48 -21.41
C SER B 1073 -27.19 6.46 -22.49
N GLN B 1074 -25.91 6.33 -22.83
CA GLN B 1074 -25.51 5.41 -23.87
C GLN B 1074 -25.71 3.96 -23.40
N PRO B 1075 -26.26 3.10 -24.25
CA PRO B 1075 -26.49 1.71 -23.84
C PRO B 1075 -25.18 0.99 -23.55
N PHE B 1076 -25.23 0.09 -22.57
CA PHE B 1076 -24.05 -0.67 -22.19
C PHE B 1076 -23.71 -1.69 -23.27
N TYR B 1077 -22.43 -1.92 -23.48
CA TYR B 1077 -21.95 -2.89 -24.45
C TYR B 1077 -21.40 -4.12 -23.73
N HIS B 1078 -21.10 -5.15 -24.53
CA HIS B 1078 -20.48 -6.37 -24.04
C HIS B 1078 -19.01 -6.35 -24.46
N SER B 1079 -18.12 -6.25 -23.49
CA SER B 1079 -16.69 -6.23 -23.76
C SER B 1079 -16.20 -7.65 -24.05
N GLN B 1080 -15.59 -7.83 -25.22
CA GLN B 1080 -15.05 -9.12 -25.62
C GLN B 1080 -13.58 -9.26 -25.25
N ALA B 1081 -12.80 -8.19 -25.42
CA ALA B 1081 -11.37 -8.26 -25.16
C ALA B 1081 -10.90 -6.91 -24.62
N VAL B 1082 -9.74 -6.95 -23.95
CA VAL B 1082 -9.13 -5.77 -23.35
C VAL B 1082 -7.75 -5.60 -23.96
N ARG B 1083 -7.45 -4.40 -24.45
CA ARG B 1083 -6.15 -4.08 -25.02
C ARG B 1083 -5.43 -3.10 -24.12
N VAL B 1084 -4.18 -3.43 -23.76
CA VAL B 1084 -3.36 -2.59 -22.89
C VAL B 1084 -2.05 -2.30 -23.60
N SER B 1085 -1.69 -1.02 -23.67
CA SER B 1085 -0.50 -0.57 -24.36
C SER B 1085 0.43 0.18 -23.42
N PHE B 1086 1.72 0.02 -23.65
CA PHE B 1086 2.75 0.69 -22.86
C PHE B 1086 3.98 0.90 -23.74
N SER B 1087 4.84 1.82 -23.30
CA SER B 1087 6.00 2.21 -24.11
C SER B 1087 7.26 1.43 -23.73
N SER B 1088 7.68 1.52 -22.47
CA SER B 1088 8.92 0.89 -22.05
C SER B 1088 8.74 -0.63 -22.00
N PRO B 1089 9.80 -1.40 -22.31
CA PRO B 1089 9.70 -2.85 -22.28
C PRO B 1089 9.89 -3.46 -20.90
N LEU B 1090 10.10 -2.65 -19.86
CA LEU B 1090 10.28 -3.17 -18.51
C LEU B 1090 8.96 -3.48 -17.82
N VAL B 1091 7.83 -3.17 -18.43
CA VAL B 1091 6.53 -3.42 -17.83
C VAL B 1091 6.18 -4.90 -17.99
N ALA B 1092 5.81 -5.54 -16.88
CA ALA B 1092 5.43 -6.94 -16.87
C ALA B 1092 4.01 -7.06 -16.33
N ILE B 1093 3.19 -7.88 -16.98
CA ILE B 1093 1.79 -8.08 -16.60
C ILE B 1093 1.59 -9.56 -16.31
N SER B 1094 1.01 -9.86 -15.14
CA SER B 1094 0.74 -11.23 -14.75
C SER B 1094 -0.73 -11.62 -14.90
N GLY B 1095 -1.57 -10.73 -15.41
CA GLY B 1095 -2.97 -11.05 -15.60
C GLY B 1095 -3.87 -9.86 -15.80
N VAL B 1096 -4.82 -9.97 -16.73
CA VAL B 1096 -5.81 -8.93 -17.01
C VAL B 1096 -7.19 -9.54 -16.84
N ALA B 1097 -8.05 -8.86 -16.08
CA ALA B 1097 -9.37 -9.38 -15.75
C ALA B 1097 -10.40 -8.27 -15.84
N LEU B 1098 -11.65 -8.67 -16.02
CA LEU B 1098 -12.78 -7.75 -16.02
C LEU B 1098 -13.59 -7.97 -14.75
N ARG B 1099 -13.76 -6.90 -13.98
CA ARG B 1099 -14.65 -6.89 -12.82
C ARG B 1099 -16.01 -6.43 -13.30
N SER B 1100 -17.02 -7.29 -13.18
CA SER B 1100 -18.33 -7.04 -13.74
C SER B 1100 -19.39 -7.46 -12.74
N PHE B 1101 -20.59 -6.90 -12.90
CA PHE B 1101 -21.70 -7.28 -12.05
C PHE B 1101 -22.09 -8.73 -12.30
N ASP B 1102 -22.34 -9.47 -11.23
CA ASP B 1102 -22.81 -10.84 -11.38
C ASP B 1102 -24.19 -10.88 -12.02
N ASN B 1103 -25.08 -10.00 -11.59
CA ASN B 1103 -26.43 -9.89 -12.13
C ASN B 1103 -26.56 -8.59 -12.92
N PHE B 1104 -27.69 -8.47 -13.62
CA PHE B 1104 -27.99 -7.39 -14.56
C PHE B 1104 -27.07 -7.46 -15.79
N ASP B 1105 -27.59 -7.01 -16.93
CA ASP B 1105 -26.89 -7.06 -18.21
C ASP B 1105 -27.63 -6.19 -19.22
N PRO B 1106 -27.06 -5.92 -20.40
CA PRO B 1106 -27.85 -5.25 -21.44
C PRO B 1106 -29.02 -6.08 -21.92
N VAL B 1107 -29.03 -7.39 -21.65
CA VAL B 1107 -30.15 -8.22 -22.08
C VAL B 1107 -31.43 -7.80 -21.38
N THR B 1108 -31.34 -7.35 -20.12
CA THR B 1108 -32.53 -6.86 -19.43
C THR B 1108 -33.09 -5.63 -20.12
N LEU B 1109 -32.22 -4.71 -20.55
CA LEU B 1109 -32.66 -3.53 -21.27
C LEU B 1109 -33.10 -3.84 -22.69
N SER B 1110 -32.69 -4.99 -23.24
CA SER B 1110 -33.00 -5.33 -24.61
C SER B 1110 -34.51 -5.44 -24.83
N SER B 1111 -35.16 -6.44 -24.20
CA SER B 1111 -36.61 -6.54 -24.27
C SER B 1111 -37.09 -7.36 -23.06
N CYS B 1112 -37.48 -6.66 -21.99
CA CYS B 1112 -38.12 -7.28 -20.83
C CYS B 1112 -39.03 -6.21 -20.21
N GLN B 1113 -40.30 -6.23 -20.62
CA GLN B 1113 -41.26 -5.23 -20.20
C GLN B 1113 -42.07 -5.75 -19.01
N ARG B 1114 -43.13 -5.02 -18.66
CA ARG B 1114 -43.98 -5.40 -17.54
C ARG B 1114 -44.66 -6.73 -17.81
N GLY B 1115 -44.37 -7.72 -16.97
CA GLY B 1115 -44.88 -9.06 -17.14
C GLY B 1115 -43.87 -10.05 -17.69
N GLU B 1116 -42.74 -9.57 -18.20
CA GLU B 1116 -41.69 -10.43 -18.74
C GLU B 1116 -40.64 -10.63 -17.65
N THR B 1117 -40.73 -11.76 -16.94
CA THR B 1117 -39.81 -12.01 -15.83
C THR B 1117 -38.48 -12.56 -16.31
N TYR B 1118 -38.49 -13.76 -16.90
CA TYR B 1118 -37.26 -14.39 -17.36
C TYR B 1118 -37.56 -15.56 -18.28
N SER B 1119 -36.97 -15.58 -19.47
CA SER B 1119 -37.12 -16.65 -20.45
C SER B 1119 -35.89 -17.54 -20.42
N PRO B 1120 -35.85 -18.63 -21.21
CA PRO B 1120 -34.59 -19.36 -21.38
C PRO B 1120 -33.51 -18.51 -22.04
N ALA B 1121 -32.34 -19.10 -22.28
CA ALA B 1121 -31.17 -18.33 -22.73
C ALA B 1121 -31.39 -17.89 -24.18
N GLU B 1122 -32.24 -16.87 -24.33
CA GLU B 1122 -32.53 -16.27 -25.62
C GLU B 1122 -32.55 -14.75 -25.54
N GLN B 1123 -31.69 -14.19 -24.68
CA GLN B 1123 -31.59 -12.74 -24.42
C GLN B 1123 -32.94 -12.06 -24.27
N SER B 1124 -33.91 -12.78 -23.70
CA SER B 1124 -35.25 -12.24 -23.52
C SER B 1124 -35.84 -12.76 -22.22
N CYS B 1125 -36.97 -12.18 -21.83
CA CYS B 1125 -37.73 -12.63 -20.68
C CYS B 1125 -39.07 -13.20 -21.15
N VAL B 1126 -39.61 -14.13 -20.37
CA VAL B 1126 -40.79 -14.88 -20.77
C VAL B 1126 -42.03 -14.02 -20.51
N HIS B 1127 -42.87 -13.87 -21.54
CA HIS B 1127 -43.99 -12.93 -21.45
C HIS B 1127 -45.05 -13.42 -20.48
N PHE B 1128 -45.32 -14.71 -20.45
CA PHE B 1128 -46.39 -15.29 -19.64
C PHE B 1128 -45.76 -16.13 -18.53
N ALA B 1129 -45.48 -15.50 -17.40
CA ALA B 1129 -44.99 -16.16 -16.20
C ALA B 1129 -46.03 -15.92 -15.10
N CYS B 1130 -47.01 -16.81 -15.04
CA CYS B 1130 -48.16 -16.68 -14.14
C CYS B 1130 -48.87 -15.35 -14.35
N GLU B 1131 -49.66 -14.93 -13.36
CA GLU B 1131 -50.41 -13.68 -13.38
C GLU B 1131 -51.35 -13.58 -14.59
N LYS B 1132 -51.70 -14.72 -15.19
CA LYS B 1132 -52.56 -14.75 -16.36
C LYS B 1132 -54.04 -14.91 -16.02
N THR B 1133 -54.37 -15.20 -14.76
CA THR B 1133 -55.74 -15.36 -14.33
C THR B 1133 -56.12 -14.44 -13.18
N ASP B 1134 -55.20 -13.58 -12.71
CA ASP B 1134 -55.51 -12.69 -11.60
C ASP B 1134 -56.58 -11.67 -11.97
N CYS B 1135 -56.50 -11.12 -13.18
CA CYS B 1135 -57.49 -10.15 -13.62
C CYS B 1135 -58.78 -10.86 -14.03
N PRO B 1136 -59.91 -10.54 -13.40
CA PRO B 1136 -61.18 -11.15 -13.80
C PRO B 1136 -61.78 -10.40 -14.99
N GLU B 1137 -62.93 -10.88 -15.44
CA GLU B 1137 -63.62 -10.24 -16.55
C GLU B 1137 -64.06 -8.84 -16.17
N LEU B 1138 -63.82 -7.89 -17.09
CA LEU B 1138 -64.16 -6.50 -16.88
C LEU B 1138 -65.40 -6.13 -17.68
N ALA B 1139 -66.28 -5.34 -17.07
CA ALA B 1139 -67.50 -4.89 -17.73
C ALA B 1139 -67.61 -3.38 -17.58
N VAL B 1140 -67.85 -2.70 -18.70
CA VAL B 1140 -68.03 -1.25 -18.72
C VAL B 1140 -69.41 -0.96 -19.30
N GLU B 1141 -70.20 -0.18 -18.56
CA GLU B 1141 -71.56 0.10 -18.97
C GLU B 1141 -71.57 1.01 -20.20
N ASN B 1142 -72.46 0.68 -21.15
CA ASN B 1142 -72.64 1.46 -22.38
C ASN B 1142 -71.32 1.65 -23.12
N ALA B 1143 -70.52 0.59 -23.20
CA ALA B 1143 -69.23 0.64 -23.84
C ALA B 1143 -68.97 -0.66 -24.59
N TYR B 1144 -68.06 -0.57 -25.56
CA TYR B 1144 -67.66 -1.72 -26.36
C TYR B 1144 -66.23 -2.09 -26.01
N LEU B 1145 -66.01 -3.37 -25.72
CA LEU B 1145 -64.70 -3.88 -25.33
C LEU B 1145 -64.13 -4.73 -26.47
N ASN B 1146 -62.97 -4.33 -26.96
CA ASN B 1146 -62.25 -5.07 -28.00
C ASN B 1146 -60.94 -5.55 -27.40
N CYS B 1147 -60.86 -6.85 -27.09
CA CYS B 1147 -59.71 -7.42 -26.41
C CYS B 1147 -58.79 -8.08 -27.42
N SER B 1148 -57.51 -7.67 -27.41
CA SER B 1148 -56.53 -8.29 -28.30
C SER B 1148 -56.32 -9.76 -27.94
N SER B 1149 -56.28 -10.06 -26.65
CA SER B 1149 -56.08 -11.42 -26.17
C SER B 1149 -57.37 -11.96 -25.58
N SER B 1150 -57.61 -13.26 -25.77
CA SER B 1150 -58.83 -13.88 -25.27
C SER B 1150 -58.89 -13.83 -23.73
N ASP B 1151 -57.76 -14.08 -23.08
CA ASP B 1151 -57.69 -14.10 -21.62
C ASP B 1151 -57.06 -12.81 -21.11
N ARG B 1152 -57.69 -12.20 -20.11
CA ARG B 1152 -57.18 -10.96 -19.51
C ARG B 1152 -56.00 -11.31 -18.61
N TYR B 1153 -54.85 -11.52 -19.23
CA TYR B 1153 -53.64 -11.88 -18.50
C TYR B 1153 -52.96 -10.61 -17.97
N HIS B 1154 -51.75 -10.76 -17.45
CA HIS B 1154 -51.03 -9.62 -16.88
C HIS B 1154 -50.64 -8.65 -17.98
N GLY B 1155 -51.11 -7.40 -17.86
CA GLY B 1155 -50.83 -6.42 -18.88
C GLY B 1155 -51.62 -6.58 -20.16
N ALA B 1156 -52.76 -7.29 -20.10
CA ALA B 1156 -53.58 -7.47 -21.28
C ALA B 1156 -54.15 -6.14 -21.75
N GLN B 1157 -54.23 -5.98 -23.07
CA GLN B 1157 -54.73 -4.75 -23.68
C GLN B 1157 -56.14 -5.00 -24.21
N CYS B 1158 -57.10 -4.20 -23.75
CA CYS B 1158 -58.48 -4.28 -24.20
C CYS B 1158 -58.99 -2.87 -24.39
N THR B 1159 -59.16 -2.47 -25.66
CA THR B 1159 -59.65 -1.13 -25.97
C THR B 1159 -61.10 -0.98 -25.56
N VAL B 1160 -61.43 0.16 -24.95
CA VAL B 1160 -62.78 0.48 -24.52
C VAL B 1160 -63.25 1.67 -25.33
N SER B 1161 -64.38 1.51 -26.02
CA SER B 1161 -64.96 2.56 -26.85
C SER B 1161 -66.30 2.97 -26.27
N CYS B 1162 -66.46 4.27 -26.04
CA CYS B 1162 -67.73 4.80 -25.56
C CYS B 1162 -68.70 4.98 -26.71
N ARG B 1163 -69.97 4.68 -26.45
CA ARG B 1163 -70.99 4.82 -27.47
C ARG B 1163 -71.24 6.30 -27.77
N THR B 1164 -71.97 6.55 -28.86
CA THR B 1164 -72.28 7.93 -29.25
C THR B 1164 -73.11 8.62 -28.18
N GLY B 1165 -72.75 9.86 -27.88
CA GLY B 1165 -73.41 10.61 -26.84
C GLY B 1165 -72.90 10.34 -25.44
N TYR B 1166 -71.86 9.53 -25.29
CA TYR B 1166 -71.29 9.20 -23.99
C TYR B 1166 -69.89 9.80 -23.89
N VAL B 1167 -69.64 10.51 -22.80
CA VAL B 1167 -68.33 11.13 -22.58
C VAL B 1167 -67.39 10.10 -21.99
N LEU B 1168 -66.17 10.03 -22.52
CA LEU B 1168 -65.17 9.08 -22.09
C LEU B 1168 -64.40 9.62 -20.90
N GLN B 1169 -64.36 8.86 -19.82
CA GLN B 1169 -63.63 9.22 -18.60
C GLN B 1169 -62.60 8.15 -18.30
N ILE B 1170 -61.35 8.58 -18.12
CA ILE B 1170 -60.24 7.68 -17.82
C ILE B 1170 -59.56 8.19 -16.55
N ARG B 1171 -59.39 7.30 -15.58
CA ARG B 1171 -58.73 7.66 -14.32
C ARG B 1171 -57.29 7.15 -14.30
N THR B 1186 -57.55 1.87 -23.72
CA THR B 1186 -56.75 0.67 -23.53
C THR B 1186 -56.29 0.55 -22.08
N VAL B 1187 -56.99 -0.26 -21.30
CA VAL B 1187 -56.67 -0.48 -19.90
C VAL B 1187 -55.64 -1.60 -19.80
N THR B 1188 -54.74 -1.48 -18.83
CA THR B 1188 -53.67 -2.45 -18.63
C THR B 1188 -53.86 -3.16 -17.30
N CYS B 1189 -53.88 -4.49 -17.36
CA CYS B 1189 -53.98 -5.29 -16.14
C CYS B 1189 -52.68 -5.21 -15.35
N THR B 1190 -52.80 -5.12 -14.02
CA THR B 1190 -51.64 -5.03 -13.13
C THR B 1190 -51.89 -5.92 -11.92
N GLU B 1191 -51.44 -7.18 -12.03
CA GLU B 1191 -51.52 -8.15 -10.93
C GLU B 1191 -52.95 -8.31 -10.42
N GLY B 1192 -53.90 -8.36 -11.35
CA GLY B 1192 -55.30 -8.54 -11.01
C GLY B 1192 -56.08 -7.25 -10.81
N LYS B 1193 -55.43 -6.10 -10.83
CA LYS B 1193 -56.08 -4.81 -10.68
C LYS B 1193 -55.85 -3.98 -11.92
N TRP B 1194 -56.93 -3.41 -12.46
CA TRP B 1194 -56.81 -2.57 -13.64
C TRP B 1194 -56.11 -1.27 -13.29
N ASN B 1195 -55.14 -0.88 -14.11
CA ASN B 1195 -54.36 0.32 -13.82
C ASN B 1195 -55.19 1.59 -13.97
N LYS B 1196 -56.21 1.57 -14.83
CA LYS B 1196 -57.04 2.73 -15.07
C LYS B 1196 -58.51 2.33 -15.05
N GLN B 1197 -59.36 3.30 -14.71
CA GLN B 1197 -60.80 3.11 -14.68
C GLN B 1197 -61.43 3.83 -15.86
N VAL B 1198 -62.23 3.11 -16.64
CA VAL B 1198 -62.87 3.64 -17.85
C VAL B 1198 -64.37 3.62 -17.64
N ALA B 1199 -65.00 4.77 -17.89
CA ALA B 1199 -66.45 4.90 -17.76
C ALA B 1199 -66.99 5.74 -18.92
N CYS B 1200 -68.21 5.44 -19.32
CA CYS B 1200 -68.90 6.15 -20.40
C CYS B 1200 -70.18 6.74 -19.84
N GLU B 1201 -70.13 8.01 -19.44
CA GLU B 1201 -71.29 8.68 -18.87
C GLU B 1201 -72.19 9.25 -19.96
ZN ZN C . 17.64 23.39 0.48
#